data_2LM3
#
_entry.id   2LM3
#
_entity_poly.entity_id   1
_entity_poly.type   'polypeptide(L)'
_entity_poly.pdbx_seq_one_letter_code
;GTELTDARRYWVDVTLATNNISHAVIAEDKRQVSSRNPQIMYQAPGTLFTFPSLTNFNYCTGVLGSQSITSGKHYWEVDV
SKKSAWILGVCAGFQSDAMYNIEQNENYQPKYGYWVIGLQEGVKYSVFQDGSSHTPFAPFIVPLSVIICPDRVGVFVDYE
ACTVSFFNITNHGFLIYKFSQCSFSKPVFPYLNPRKCTVPMTLCSPSS
;
_entity_poly.pdbx_strand_id   A
#
# COMPACT_ATOMS: atom_id res chain seq x y z
N THR A 2 -19.27 5.92 13.21
CA THR A 2 -20.23 4.79 13.08
C THR A 2 -19.64 3.73 12.16
N GLU A 3 -19.52 4.06 10.88
CA GLU A 3 -18.98 3.12 9.90
C GLU A 3 -17.56 2.71 10.28
N LEU A 4 -16.84 3.63 10.92
CA LEU A 4 -15.46 3.33 11.34
C LEU A 4 -15.47 2.57 12.66
N THR A 5 -16.43 2.88 13.50
CA THR A 5 -16.54 2.21 14.80
C THR A 5 -16.91 0.74 14.61
N ASP A 6 -17.76 0.46 13.63
CA ASP A 6 -18.18 -0.91 13.36
C ASP A 6 -17.04 -1.70 12.74
N ALA A 7 -16.23 -1.04 11.93
CA ALA A 7 -15.11 -1.70 11.27
C ALA A 7 -14.00 -1.98 12.28
N ARG A 8 -13.89 -1.13 13.30
CA ARG A 8 -12.86 -1.31 14.32
C ARG A 8 -13.16 -2.54 15.17
N ARG A 9 -14.36 -3.08 15.01
CA ARG A 9 -14.77 -4.27 15.76
C ARG A 9 -13.96 -5.47 15.31
N TYR A 10 -13.41 -5.39 14.10
CA TYR A 10 -12.61 -6.48 13.55
C TYR A 10 -11.14 -6.07 13.47
N TRP A 11 -10.68 -5.35 14.48
CA TRP A 11 -9.28 -4.90 14.51
C TRP A 11 -8.37 -6.11 14.69
N VAL A 12 -7.44 -6.28 13.76
CA VAL A 12 -6.52 -7.41 13.81
C VAL A 12 -5.07 -6.95 13.90
N ASP A 13 -4.25 -7.76 14.56
CA ASP A 13 -2.83 -7.45 14.71
C ASP A 13 -2.11 -7.83 13.42
N VAL A 14 -1.71 -6.82 12.65
CA VAL A 14 -1.03 -7.06 11.38
C VAL A 14 0.48 -6.85 11.50
N THR A 15 1.23 -7.83 10.98
CA THR A 15 2.69 -7.75 11.01
C THR A 15 3.24 -7.92 9.60
N LEU A 16 4.21 -7.08 9.25
CA LEU A 16 4.80 -7.14 7.92
C LEU A 16 5.67 -8.38 7.75
N ALA A 17 5.73 -8.89 6.52
CA ALA A 17 6.54 -10.07 6.23
C ALA A 17 7.72 -9.67 5.35
N THR A 18 8.92 -10.10 5.74
CA THR A 18 10.12 -9.77 4.99
C THR A 18 10.16 -10.50 3.65
N ASN A 19 10.23 -9.73 2.57
CA ASN A 19 10.29 -10.29 1.23
C ASN A 19 11.58 -9.87 0.54
N ASN A 20 12.00 -10.66 -0.45
CA ASN A 20 13.23 -10.37 -1.18
C ASN A 20 12.90 -9.88 -2.59
N ILE A 21 11.98 -8.93 -2.69
CA ILE A 21 11.59 -8.40 -4.00
C ILE A 21 11.37 -6.89 -3.91
N SER A 22 11.55 -6.33 -2.72
CA SER A 22 11.36 -4.91 -2.51
C SER A 22 12.58 -4.30 -1.82
N HIS A 23 12.82 -3.01 -2.06
CA HIS A 23 13.97 -2.34 -1.43
C HIS A 23 13.54 -1.70 -0.12
N ALA A 24 12.31 -1.98 0.30
CA ALA A 24 11.80 -1.44 1.56
C ALA A 24 12.59 -1.97 2.75
N VAL A 25 12.53 -1.24 3.86
CA VAL A 25 13.24 -1.64 5.08
C VAL A 25 12.25 -1.86 6.21
N ILE A 26 12.03 -3.11 6.59
CA ILE A 26 11.10 -3.43 7.65
C ILE A 26 11.78 -3.47 9.01
N ALA A 27 11.15 -2.85 10.00
CA ALA A 27 11.71 -2.81 11.35
C ALA A 27 11.89 -4.22 11.90
N GLU A 28 12.46 -4.32 13.09
CA GLU A 28 12.69 -5.61 13.71
C GLU A 28 11.37 -6.18 14.24
N ASP A 29 10.49 -5.30 14.70
CA ASP A 29 9.20 -5.72 15.24
C ASP A 29 8.22 -6.03 14.11
N LYS A 30 8.64 -5.78 12.88
CA LYS A 30 7.78 -6.03 11.73
C LYS A 30 6.51 -5.20 11.83
N ARG A 31 6.65 -3.99 12.39
CA ARG A 31 5.51 -3.11 12.56
C ARG A 31 5.81 -1.73 12.00
N GLN A 32 6.87 -1.64 11.18
CA GLN A 32 7.27 -0.37 10.59
C GLN A 32 8.06 -0.61 9.31
N VAL A 33 7.83 0.21 8.30
CA VAL A 33 8.55 0.07 7.03
C VAL A 33 8.85 1.44 6.42
N SER A 34 10.01 1.56 5.80
CA SER A 34 10.41 2.82 5.18
C SER A 34 11.19 2.56 3.90
N SER A 35 11.72 3.62 3.32
CA SER A 35 12.49 3.49 2.09
C SER A 35 13.92 4.01 2.28
N ARG A 36 14.76 3.82 1.27
CA ARG A 36 16.15 4.30 1.29
C ARG A 36 17.17 3.18 1.09
N ASN A 37 16.90 1.99 1.63
CA ASN A 37 17.85 0.88 1.49
C ASN A 37 19.15 1.25 2.23
N PRO A 38 20.02 0.31 2.45
CA PRO A 38 21.31 0.55 3.16
C PRO A 38 21.97 1.85 2.71
N GLN A 39 23.12 2.17 3.30
CA GLN A 39 23.86 3.39 2.96
C GLN A 39 23.36 3.95 1.63
N ILE A 40 23.61 3.21 0.56
CA ILE A 40 23.18 3.63 -0.77
C ILE A 40 23.30 2.50 -1.74
N MET A 41 22.77 1.35 -1.35
CA MET A 41 22.85 0.24 -2.25
C MET A 41 24.32 -0.05 -2.47
N TYR A 42 25.14 0.51 -1.59
CA TYR A 42 26.58 0.37 -1.68
C TYR A 42 27.00 0.36 -3.15
N GLN A 43 26.26 1.14 -3.95
CA GLN A 43 26.52 1.23 -5.38
C GLN A 43 27.00 2.63 -5.77
N ALA A 44 26.43 3.63 -5.11
CA ALA A 44 26.75 5.02 -5.39
C ALA A 44 27.11 5.22 -6.87
N PRO A 45 26.19 5.64 -7.66
CA PRO A 45 26.44 5.91 -9.09
C PRO A 45 27.38 7.10 -9.22
N GLY A 46 27.96 7.47 -8.08
CA GLY A 46 28.89 8.58 -8.02
C GLY A 46 28.60 9.46 -6.82
N THR A 47 27.34 9.86 -6.69
CA THR A 47 26.96 10.70 -5.56
C THR A 47 26.16 9.92 -4.56
N LEU A 48 26.52 8.67 -4.37
CA LEU A 48 25.86 7.86 -3.41
C LEU A 48 24.41 7.67 -3.74
N PHE A 49 23.56 8.42 -3.05
CA PHE A 49 22.14 8.34 -3.30
C PHE A 49 21.92 8.73 -4.72
N THR A 50 22.64 9.76 -5.06
CA THR A 50 22.62 10.31 -6.38
C THR A 50 21.23 10.72 -6.79
N PHE A 51 20.72 9.86 -7.62
CA PHE A 51 19.43 10.00 -8.26
C PHE A 51 19.35 8.85 -9.25
N PRO A 52 19.29 7.63 -8.80
CA PRO A 52 19.30 6.47 -9.70
C PRO A 52 18.48 6.71 -10.96
N SER A 53 19.10 7.28 -11.98
CA SER A 53 18.40 7.53 -13.21
C SER A 53 18.23 6.21 -13.95
N LEU A 54 18.98 5.21 -13.51
CA LEU A 54 18.88 3.89 -14.13
C LEU A 54 17.42 3.46 -14.10
N THR A 55 16.66 4.16 -13.29
CA THR A 55 15.23 3.90 -13.13
C THR A 55 14.64 4.88 -12.12
N ASN A 56 15.24 6.06 -12.03
CA ASN A 56 14.77 7.07 -11.09
C ASN A 56 13.27 7.12 -11.08
N PHE A 57 12.74 8.10 -10.36
CA PHE A 57 11.32 8.28 -10.36
C PHE A 57 10.61 6.99 -9.97
N ASN A 58 11.36 6.08 -9.35
CA ASN A 58 10.82 4.80 -8.92
C ASN A 58 11.86 4.04 -8.09
N TYR A 59 11.46 3.57 -6.92
CA TYR A 59 12.37 2.85 -6.04
C TYR A 59 11.99 1.37 -5.95
N CYS A 60 10.69 1.09 -6.01
CA CYS A 60 10.20 -0.29 -5.95
C CYS A 60 10.35 -0.86 -4.54
N THR A 61 9.46 -0.45 -3.65
CA THR A 61 9.47 -0.92 -2.27
C THR A 61 8.07 -1.31 -1.83
N GLY A 62 7.67 -2.55 -2.12
CA GLY A 62 6.34 -3.02 -1.75
C GLY A 62 6.42 -4.19 -0.78
N VAL A 63 5.57 -4.15 0.25
CA VAL A 63 5.57 -5.22 1.25
C VAL A 63 4.13 -5.67 1.53
N LEU A 64 4.00 -6.90 2.00
CA LEU A 64 2.68 -7.45 2.31
C LEU A 64 2.63 -7.87 3.78
N GLY A 65 1.49 -8.41 4.21
CA GLY A 65 1.35 -8.84 5.59
C GLY A 65 1.90 -10.24 5.78
N SER A 66 2.04 -10.65 7.04
CA SER A 66 2.55 -11.97 7.35
C SER A 66 1.42 -13.01 7.33
N GLN A 67 0.20 -12.51 7.38
CA GLN A 67 -0.97 -13.39 7.37
C GLN A 67 -1.90 -13.03 6.21
N SER A 68 -2.39 -14.06 5.51
CA SER A 68 -3.27 -13.84 4.38
C SER A 68 -4.73 -13.77 4.84
N ILE A 69 -5.58 -13.18 4.01
CA ILE A 69 -7.00 -13.05 4.34
C ILE A 69 -7.84 -13.81 3.32
N THR A 70 -8.61 -14.80 3.80
CA THR A 70 -9.44 -15.60 2.91
C THR A 70 -10.87 -15.74 3.45
N SER A 71 -11.24 -14.87 4.38
CA SER A 71 -12.59 -14.93 4.94
C SER A 71 -12.70 -14.03 6.17
N GLY A 72 -13.94 -13.71 6.54
CA GLY A 72 -14.18 -12.86 7.70
C GLY A 72 -13.77 -11.42 7.40
N LYS A 73 -13.98 -10.53 8.37
CA LYS A 73 -13.62 -9.13 8.19
C LYS A 73 -12.31 -8.81 8.91
N HIS A 74 -11.57 -7.85 8.36
CA HIS A 74 -10.30 -7.45 8.95
C HIS A 74 -10.14 -5.94 8.91
N TYR A 75 -9.55 -5.38 9.95
CA TYR A 75 -9.34 -3.94 10.02
C TYR A 75 -8.04 -3.60 10.73
N TRP A 76 -7.28 -2.69 10.12
CA TRP A 76 -6.01 -2.26 10.69
C TRP A 76 -5.72 -0.82 10.26
N GLU A 77 -5.00 -0.08 11.11
CA GLU A 77 -4.68 1.30 10.80
C GLU A 77 -3.20 1.45 10.43
N VAL A 78 -2.91 2.48 9.64
CA VAL A 78 -1.54 2.75 9.21
C VAL A 78 -1.21 4.22 9.45
N ASP A 79 -0.13 4.47 10.17
CA ASP A 79 0.27 5.85 10.47
C ASP A 79 1.20 6.40 9.39
N VAL A 80 0.71 7.42 8.68
CA VAL A 80 1.50 8.05 7.63
C VAL A 80 1.69 9.53 7.96
N SER A 81 2.16 9.79 9.18
CA SER A 81 2.37 11.16 9.63
C SER A 81 3.68 11.73 9.08
N LYS A 82 3.59 12.91 8.46
CA LYS A 82 4.77 13.56 7.90
C LYS A 82 5.22 12.90 6.61
N LYS A 83 4.49 11.88 6.16
CA LYS A 83 4.84 11.19 4.93
C LYS A 83 4.33 11.99 3.73
N SER A 84 5.19 12.14 2.72
CA SER A 84 4.81 12.90 1.53
C SER A 84 4.39 11.99 0.39
N ALA A 85 4.41 10.69 0.62
CA ALA A 85 4.03 9.73 -0.41
C ALA A 85 4.01 8.31 0.15
N TRP A 86 3.03 7.52 -0.28
CA TRP A 86 2.91 6.15 0.19
C TRP A 86 1.73 5.44 -0.47
N ILE A 87 1.79 4.12 -0.53
CA ILE A 87 0.72 3.34 -1.12
C ILE A 87 0.28 2.25 -0.16
N LEU A 88 -1.01 2.26 0.19
CA LEU A 88 -1.54 1.27 1.12
C LEU A 88 -2.92 0.80 0.70
N GLY A 89 -3.27 -0.42 1.09
CA GLY A 89 -4.57 -0.99 0.76
C GLY A 89 -4.53 -2.51 0.90
N VAL A 90 -4.88 -3.21 -0.18
CA VAL A 90 -4.88 -4.66 -0.15
C VAL A 90 -4.27 -5.23 -1.44
N CYS A 91 -3.48 -6.30 -1.29
CA CYS A 91 -2.84 -6.92 -2.44
C CYS A 91 -3.01 -8.43 -2.40
N ALA A 92 -2.97 -9.06 -3.56
CA ALA A 92 -3.12 -10.51 -3.65
C ALA A 92 -1.76 -11.18 -3.77
N GLY A 93 -0.70 -10.38 -3.79
CA GLY A 93 0.66 -10.91 -3.89
C GLY A 93 1.40 -10.28 -5.06
N PHE A 94 2.67 -10.66 -5.21
CA PHE A 94 3.49 -10.15 -6.30
C PHE A 94 3.63 -11.19 -7.40
N GLN A 95 2.64 -12.07 -7.50
CA GLN A 95 2.67 -13.12 -8.51
C GLN A 95 2.62 -12.52 -9.91
N SER A 96 1.79 -11.49 -10.08
CA SER A 96 1.65 -10.84 -11.37
C SER A 96 2.28 -9.45 -11.34
N ASP A 97 3.53 -9.39 -10.90
CA ASP A 97 4.24 -8.12 -10.82
C ASP A 97 5.25 -7.99 -11.96
N ALA A 98 5.65 -9.13 -12.51
CA ALA A 98 6.62 -9.15 -13.59
C ALA A 98 5.91 -8.96 -14.94
N MET A 99 4.85 -9.72 -15.14
CA MET A 99 4.09 -9.64 -16.38
C MET A 99 3.69 -8.20 -16.72
N TYR A 100 3.27 -7.45 -15.69
CA TYR A 100 2.86 -6.07 -15.91
C TYR A 100 3.75 -5.09 -15.14
N ASN A 101 5.03 -5.41 -15.02
CA ASN A 101 5.94 -4.53 -14.30
C ASN A 101 5.14 -3.60 -13.39
N ILE A 102 4.42 -4.18 -12.44
CA ILE A 102 3.60 -3.40 -11.52
C ILE A 102 4.47 -2.53 -10.60
N GLU A 103 5.13 -3.19 -9.65
CA GLU A 103 5.98 -2.49 -8.68
C GLU A 103 6.97 -1.56 -9.38
N GLN A 104 7.50 -2.01 -10.52
CA GLN A 104 8.48 -1.22 -11.24
C GLN A 104 7.87 0.06 -11.81
N ASN A 105 6.64 -0.03 -12.31
CA ASN A 105 5.96 1.13 -12.89
C ASN A 105 4.66 1.44 -12.13
N GLU A 106 4.67 1.18 -10.83
CA GLU A 106 3.49 1.45 -10.01
C GLU A 106 2.21 1.16 -10.79
N ASN A 107 2.19 0.02 -11.47
CA ASN A 107 1.02 -0.37 -12.26
C ASN A 107 0.02 -1.12 -11.39
N TYR A 108 -0.49 -0.45 -10.36
CA TYR A 108 -1.45 -1.08 -9.46
C TYR A 108 -2.85 -1.08 -10.08
N GLN A 109 -3.45 -2.25 -10.16
CA GLN A 109 -4.78 -2.37 -10.74
C GLN A 109 -5.54 -3.52 -10.09
N PRO A 110 -6.80 -3.33 -9.83
CA PRO A 110 -7.66 -4.36 -9.19
C PRO A 110 -7.71 -5.64 -10.03
N LYS A 111 -7.53 -5.49 -11.34
CA LYS A 111 -7.54 -6.64 -12.24
C LYS A 111 -6.25 -7.42 -12.09
N TYR A 112 -5.25 -6.79 -11.46
CA TYR A 112 -3.96 -7.42 -11.23
C TYR A 112 -3.85 -7.89 -9.78
N GLY A 113 -4.87 -7.56 -8.98
CA GLY A 113 -4.87 -7.93 -7.58
C GLY A 113 -4.35 -6.77 -6.74
N TYR A 114 -4.80 -5.56 -7.05
CA TYR A 114 -4.36 -4.38 -6.34
C TYR A 114 -5.50 -3.42 -6.05
N TRP A 115 -5.82 -3.30 -4.76
CA TRP A 115 -6.88 -2.41 -4.31
C TRP A 115 -6.28 -1.40 -3.33
N VAL A 116 -5.58 -0.40 -3.84
CA VAL A 116 -4.94 0.57 -2.96
C VAL A 116 -5.12 2.01 -3.42
N ILE A 117 -4.76 2.92 -2.53
CA ILE A 117 -4.80 4.34 -2.79
C ILE A 117 -3.41 4.91 -2.53
N GLY A 118 -3.09 6.06 -3.12
CA GLY A 118 -1.75 6.61 -2.92
C GLY A 118 -1.73 8.12 -2.75
N LEU A 119 -0.61 8.60 -2.22
CA LEU A 119 -0.39 10.02 -2.01
C LEU A 119 0.98 10.39 -2.55
N GLN A 120 1.05 11.48 -3.31
CA GLN A 120 2.33 11.87 -3.90
C GLN A 120 2.50 13.39 -3.92
N GLU A 121 3.74 13.84 -3.78
CA GLU A 121 4.05 15.25 -3.79
C GLU A 121 3.65 15.92 -2.47
N GLY A 122 2.98 15.15 -1.61
CA GLY A 122 2.57 15.68 -0.31
C GLY A 122 1.07 15.95 -0.23
N VAL A 123 0.47 16.41 -1.33
CA VAL A 123 -0.96 16.72 -1.31
C VAL A 123 -1.68 16.17 -2.54
N LYS A 124 -1.13 15.12 -3.13
CA LYS A 124 -1.76 14.54 -4.31
C LYS A 124 -2.23 13.11 -4.03
N TYR A 125 -3.47 12.99 -3.58
CA TYR A 125 -4.07 11.69 -3.29
C TYR A 125 -4.75 11.14 -4.54
N SER A 126 -4.78 9.82 -4.68
CA SER A 126 -5.41 9.21 -5.84
C SER A 126 -5.72 7.74 -5.59
N VAL A 127 -6.65 7.20 -6.35
CA VAL A 127 -7.03 5.80 -6.23
C VAL A 127 -6.73 5.05 -7.52
N PHE A 128 -5.99 3.95 -7.41
CA PHE A 128 -5.62 3.17 -8.58
C PHE A 128 -6.79 2.29 -9.04
N GLN A 129 -7.20 2.47 -10.30
CA GLN A 129 -8.29 1.69 -10.86
C GLN A 129 -7.82 0.95 -12.10
N ASP A 130 -8.69 0.11 -12.65
CA ASP A 130 -8.34 -0.66 -13.85
C ASP A 130 -8.14 0.27 -15.04
N GLY A 131 -7.13 0.00 -15.85
CA GLY A 131 -6.83 0.81 -17.02
C GLY A 131 -7.18 0.08 -18.30
N SER A 132 -7.23 0.82 -19.41
CA SER A 132 -7.54 0.22 -20.70
C SER A 132 -6.54 -0.87 -21.05
N SER A 133 -7.04 -1.98 -21.59
CA SER A 133 -6.18 -3.09 -21.97
C SER A 133 -5.21 -2.66 -23.07
N HIS A 134 -5.60 -1.64 -23.83
CA HIS A 134 -4.75 -1.15 -24.91
C HIS A 134 -3.44 -0.62 -24.33
N THR A 135 -3.48 -0.29 -23.04
CA THR A 135 -2.32 0.23 -22.35
C THR A 135 -2.21 -0.44 -20.98
N PRO A 136 -1.99 -1.73 -20.99
CA PRO A 136 -1.88 -2.54 -19.75
C PRO A 136 -0.74 -2.10 -18.82
N PHE A 137 0.28 -1.47 -19.36
CA PHE A 137 1.41 -1.03 -18.54
C PHE A 137 1.13 0.31 -17.88
N ALA A 138 -0.14 0.70 -17.81
CA ALA A 138 -0.50 1.97 -17.20
C ALA A 138 -1.88 1.91 -16.57
N PRO A 139 -1.98 2.17 -15.30
CA PRO A 139 -3.27 2.16 -14.56
C PRO A 139 -4.10 3.43 -14.82
N PHE A 140 -5.32 3.44 -14.31
CA PHE A 140 -6.21 4.58 -14.47
C PHE A 140 -6.32 5.37 -13.16
N ILE A 141 -5.26 6.10 -12.84
CA ILE A 141 -5.23 6.87 -11.60
C ILE A 141 -6.35 7.91 -11.54
N VAL A 142 -7.09 7.90 -10.45
CA VAL A 142 -8.17 8.85 -10.26
C VAL A 142 -7.87 9.70 -9.02
N PRO A 143 -7.93 10.99 -9.14
CA PRO A 143 -7.64 11.93 -8.02
C PRO A 143 -8.73 11.94 -6.96
N LEU A 144 -8.32 11.87 -5.70
CA LEU A 144 -9.26 11.88 -4.58
C LEU A 144 -9.38 13.29 -3.98
N SER A 145 -10.59 13.67 -3.60
CA SER A 145 -10.81 14.99 -3.00
C SER A 145 -10.57 14.95 -1.49
N VAL A 146 -9.34 15.18 -1.10
CA VAL A 146 -8.98 15.18 0.31
C VAL A 146 -8.82 16.59 0.84
N ILE A 147 -9.62 16.94 1.84
CA ILE A 147 -9.55 18.26 2.44
C ILE A 147 -8.69 18.23 3.69
N ILE A 148 -8.88 17.20 4.50
CA ILE A 148 -8.12 17.05 5.74
C ILE A 148 -7.05 15.98 5.59
N CYS A 149 -5.82 16.40 5.32
CA CYS A 149 -4.73 15.44 5.17
C CYS A 149 -4.79 14.41 6.29
N PRO A 150 -4.93 13.16 5.94
CA PRO A 150 -5.02 12.05 6.93
C PRO A 150 -3.66 11.73 7.56
N ASP A 151 -3.63 11.71 8.89
CA ASP A 151 -2.41 11.40 9.62
C ASP A 151 -2.39 9.91 9.95
N ARG A 152 -3.51 9.26 9.70
CA ARG A 152 -3.64 7.81 9.95
C ARG A 152 -4.80 7.27 9.13
N VAL A 153 -4.52 6.25 8.31
CA VAL A 153 -5.56 5.66 7.48
C VAL A 153 -5.99 4.29 7.98
N GLY A 154 -7.30 4.07 8.01
CA GLY A 154 -7.86 2.80 8.47
C GLY A 154 -8.33 1.96 7.29
N VAL A 155 -7.86 0.71 7.22
CA VAL A 155 -8.23 -0.17 6.13
C VAL A 155 -9.17 -1.28 6.63
N PHE A 156 -10.31 -1.42 5.96
CA PHE A 156 -11.29 -2.43 6.32
C PHE A 156 -11.55 -3.34 5.12
N VAL A 157 -11.45 -4.65 5.34
CA VAL A 157 -11.67 -5.60 4.27
C VAL A 157 -12.78 -6.59 4.61
N ASP A 158 -13.77 -6.69 3.73
CA ASP A 158 -14.90 -7.59 3.94
C ASP A 158 -14.89 -8.70 2.90
N TYR A 159 -13.94 -9.63 3.04
CA TYR A 159 -13.81 -10.74 2.11
C TYR A 159 -15.19 -11.21 1.62
N GLU A 160 -16.03 -11.63 2.55
CA GLU A 160 -17.37 -12.10 2.21
C GLU A 160 -18.08 -11.13 1.27
N ALA A 161 -18.10 -9.86 1.65
CA ALA A 161 -18.76 -8.84 0.84
C ALA A 161 -17.87 -8.40 -0.32
N CYS A 162 -16.59 -8.74 -0.25
CA CYS A 162 -15.66 -8.37 -1.30
C CYS A 162 -15.59 -6.84 -1.42
N THR A 163 -15.15 -6.19 -0.35
CA THR A 163 -15.05 -4.74 -0.34
C THR A 163 -13.84 -4.26 0.46
N VAL A 164 -13.24 -3.18 -0.01
CA VAL A 164 -12.07 -2.61 0.67
C VAL A 164 -12.32 -1.12 0.91
N SER A 165 -12.49 -0.75 2.19
CA SER A 165 -12.77 0.63 2.53
C SER A 165 -11.56 1.32 3.17
N PHE A 166 -11.46 2.63 2.96
CA PHE A 166 -10.39 3.43 3.52
C PHE A 166 -10.99 4.56 4.36
N PHE A 167 -10.63 4.61 5.63
CA PHE A 167 -11.17 5.64 6.52
C PHE A 167 -10.12 6.69 6.86
N ASN A 168 -10.58 7.94 7.00
CA ASN A 168 -9.69 9.04 7.34
C ASN A 168 -9.76 9.33 8.84
N ILE A 169 -9.04 8.51 9.61
CA ILE A 169 -9.02 8.66 11.07
C ILE A 169 -8.91 10.13 11.48
N THR A 170 -8.09 10.89 10.76
CA THR A 170 -7.90 12.30 11.09
C THR A 170 -9.15 13.12 10.77
N ASN A 171 -10.00 12.61 9.90
CA ASN A 171 -11.21 13.32 9.52
C ASN A 171 -12.44 12.62 10.09
N HIS A 172 -12.52 12.56 11.42
CA HIS A 172 -13.66 11.92 12.07
C HIS A 172 -13.84 10.49 11.55
N GLY A 173 -12.83 9.99 10.85
CA GLY A 173 -12.87 8.65 10.31
C GLY A 173 -13.85 8.55 9.15
N PHE A 174 -13.96 9.63 8.38
CA PHE A 174 -14.86 9.64 7.24
C PHE A 174 -14.31 8.75 6.13
N LEU A 175 -15.21 8.09 5.40
CA LEU A 175 -14.79 7.21 4.31
C LEU A 175 -14.07 7.98 3.21
N ILE A 176 -12.94 7.45 2.77
CA ILE A 176 -12.15 8.08 1.72
C ILE A 176 -12.50 7.45 0.38
N TYR A 177 -12.46 6.13 0.34
CA TYR A 177 -12.78 5.38 -0.87
C TYR A 177 -13.18 3.96 -0.48
N LYS A 178 -13.91 3.28 -1.36
CA LYS A 178 -14.34 1.93 -1.06
C LYS A 178 -14.43 1.07 -2.32
N PHE A 179 -13.65 -0.01 -2.36
CA PHE A 179 -13.66 -0.91 -3.50
C PHE A 179 -14.81 -1.90 -3.38
N SER A 180 -15.69 -1.92 -4.37
CA SER A 180 -16.83 -2.83 -4.34
C SER A 180 -16.70 -3.91 -5.41
N GLN A 181 -17.36 -5.04 -5.16
CA GLN A 181 -17.32 -6.15 -6.10
C GLN A 181 -15.89 -6.53 -6.44
N CYS A 182 -15.07 -6.72 -5.41
CA CYS A 182 -13.67 -7.08 -5.62
C CYS A 182 -13.55 -8.57 -5.96
N SER A 183 -12.66 -8.88 -6.90
CA SER A 183 -12.45 -10.27 -7.30
C SER A 183 -11.62 -10.99 -6.26
N PHE A 184 -12.26 -11.40 -5.17
CA PHE A 184 -11.56 -12.10 -4.10
C PHE A 184 -11.56 -13.60 -4.36
N SER A 185 -10.87 -14.00 -5.43
CA SER A 185 -10.76 -15.41 -5.78
C SER A 185 -9.47 -15.99 -5.23
N LYS A 186 -8.61 -15.11 -4.73
CA LYS A 186 -7.33 -15.53 -4.18
C LYS A 186 -7.11 -14.87 -2.81
N PRO A 187 -6.15 -15.36 -2.07
CA PRO A 187 -5.85 -14.81 -0.72
C PRO A 187 -5.17 -13.45 -0.80
N VAL A 188 -5.74 -12.47 -0.11
CA VAL A 188 -5.19 -11.10 -0.13
C VAL A 188 -4.45 -10.80 1.17
N PHE A 189 -3.55 -9.82 1.09
CA PHE A 189 -2.78 -9.40 2.26
C PHE A 189 -2.73 -7.87 2.34
N PRO A 190 -2.47 -7.33 3.50
CA PRO A 190 -2.40 -5.86 3.68
C PRO A 190 -1.19 -5.29 2.95
N TYR A 191 -1.43 -4.34 2.05
CA TYR A 191 -0.35 -3.76 1.27
C TYR A 191 0.15 -2.44 1.86
N LEU A 192 1.47 -2.30 1.92
CA LEU A 192 2.09 -1.09 2.43
C LEU A 192 3.24 -0.69 1.52
N ASN A 193 3.45 0.61 1.33
CA ASN A 193 4.53 1.05 0.45
C ASN A 193 4.93 2.49 0.76
N PRO A 194 6.08 2.67 1.35
CA PRO A 194 6.62 4.02 1.69
C PRO A 194 6.61 4.93 0.47
N ARG A 195 6.93 4.36 -0.68
CA ARG A 195 6.98 5.12 -1.93
C ARG A 195 8.16 6.08 -1.91
N LYS A 196 9.37 5.53 -1.88
CA LYS A 196 10.58 6.35 -1.87
C LYS A 196 10.63 7.25 -0.64
N CYS A 197 9.48 7.52 -0.04
CA CYS A 197 9.43 8.39 1.13
C CYS A 197 10.23 7.76 2.28
N THR A 198 11.19 8.51 2.81
CA THR A 198 12.02 8.02 3.90
C THR A 198 11.25 7.96 5.21
N VAL A 199 10.16 8.72 5.29
CA VAL A 199 9.36 8.75 6.52
C VAL A 199 8.64 7.42 6.70
N PRO A 200 8.96 6.71 7.75
CA PRO A 200 8.36 5.38 8.05
C PRO A 200 6.86 5.40 8.32
N MET A 201 6.19 4.38 7.82
CA MET A 201 4.75 4.21 8.02
C MET A 201 4.48 3.07 8.99
N THR A 202 3.93 3.38 10.15
CA THR A 202 3.65 2.36 11.16
C THR A 202 2.20 1.88 11.14
N LEU A 203 1.93 0.87 12.00
CA LEU A 203 0.59 0.25 12.11
C LEU A 203 0.09 0.24 13.55
N CYS A 204 -0.38 1.37 14.06
CA CYS A 204 -0.88 1.37 15.42
C CYS A 204 -0.94 -0.07 15.96
N SER A 205 -2.15 -0.55 16.22
CA SER A 205 -2.32 -1.90 16.74
C SER A 205 -2.89 -1.79 18.17
N PRO A 206 -4.16 -2.03 18.26
CA PRO A 206 -4.95 -1.93 19.52
C PRO A 206 -4.72 -3.14 20.44
N THR A 2 -19.27 5.92 13.21
CA THR A 2 -20.23 4.79 13.08
C THR A 2 -19.64 3.73 12.16
N GLU A 3 -19.52 4.06 10.88
CA GLU A 3 -18.98 3.12 9.90
C GLU A 3 -17.56 2.71 10.28
N LEU A 4 -16.84 3.63 10.92
CA LEU A 4 -15.46 3.33 11.34
C LEU A 4 -15.47 2.57 12.66
N THR A 5 -16.43 2.88 13.50
CA THR A 5 -16.54 2.21 14.80
C THR A 5 -16.91 0.74 14.61
N ASP A 6 -17.76 0.46 13.63
CA ASP A 6 -18.18 -0.91 13.36
C ASP A 6 -17.04 -1.70 12.74
N ALA A 7 -16.23 -1.04 11.93
CA ALA A 7 -15.11 -1.70 11.27
C ALA A 7 -14.00 -1.98 12.28
N ARG A 8 -13.89 -1.13 13.30
CA ARG A 8 -12.86 -1.31 14.32
C ARG A 8 -13.16 -2.54 15.17
N ARG A 9 -14.36 -3.08 15.01
CA ARG A 9 -14.77 -4.27 15.76
C ARG A 9 -13.96 -5.47 15.31
N TYR A 10 -13.41 -5.39 14.10
CA TYR A 10 -12.61 -6.48 13.55
C TYR A 10 -11.14 -6.07 13.47
N TRP A 11 -10.68 -5.35 14.48
CA TRP A 11 -9.28 -4.90 14.51
C TRP A 11 -8.37 -6.11 14.69
N VAL A 12 -7.44 -6.28 13.76
CA VAL A 12 -6.52 -7.41 13.81
C VAL A 12 -5.07 -6.95 13.90
N ASP A 13 -4.25 -7.76 14.56
CA ASP A 13 -2.83 -7.45 14.71
C ASP A 13 -2.11 -7.83 13.42
N VAL A 14 -1.71 -6.82 12.65
CA VAL A 14 -1.03 -7.06 11.38
C VAL A 14 0.48 -6.85 11.50
N THR A 15 1.23 -7.83 10.98
CA THR A 15 2.69 -7.75 11.01
C THR A 15 3.24 -7.92 9.60
N LEU A 16 4.21 -7.08 9.25
CA LEU A 16 4.80 -7.14 7.92
C LEU A 16 5.67 -8.38 7.75
N ALA A 17 5.73 -8.89 6.52
CA ALA A 17 6.54 -10.07 6.23
C ALA A 17 7.72 -9.67 5.35
N THR A 18 8.92 -10.10 5.74
CA THR A 18 10.12 -9.77 4.99
C THR A 18 10.16 -10.50 3.65
N ASN A 19 10.23 -9.73 2.57
CA ASN A 19 10.29 -10.29 1.23
C ASN A 19 11.58 -9.87 0.54
N ASN A 20 12.00 -10.67 -0.45
CA ASN A 20 13.22 -10.38 -1.19
C ASN A 20 12.90 -9.88 -2.59
N ILE A 21 11.98 -8.93 -2.69
CA ILE A 21 11.59 -8.40 -4.00
C ILE A 21 11.37 -6.89 -3.91
N SER A 22 11.55 -6.33 -2.72
CA SER A 22 11.36 -4.91 -2.51
C SER A 22 12.58 -4.30 -1.82
N HIS A 23 12.81 -3.01 -2.06
CA HIS A 23 13.95 -2.33 -1.46
C HIS A 23 13.54 -1.70 -0.12
N ALA A 24 12.31 -1.98 0.30
CA ALA A 24 11.80 -1.44 1.56
C ALA A 24 12.59 -1.97 2.75
N VAL A 25 12.53 -1.24 3.86
CA VAL A 25 13.24 -1.65 5.07
C VAL A 25 12.25 -1.86 6.21
N ILE A 26 12.03 -3.11 6.59
CA ILE A 26 11.10 -3.43 7.65
C ILE A 26 11.78 -3.47 9.01
N ALA A 27 11.15 -2.85 10.00
CA ALA A 27 11.71 -2.81 11.35
C ALA A 27 11.89 -4.22 11.90
N GLU A 28 12.46 -4.32 13.09
CA GLU A 28 12.69 -5.61 13.71
C GLU A 28 11.37 -6.18 14.24
N ASP A 29 10.49 -5.30 14.70
CA ASP A 29 9.20 -5.72 15.24
C ASP A 29 8.22 -6.03 14.11
N LYS A 30 8.64 -5.78 12.88
CA LYS A 30 7.78 -6.03 11.73
C LYS A 30 6.51 -5.20 11.83
N ARG A 31 6.65 -3.99 12.39
CA ARG A 31 5.51 -3.11 12.56
C ARG A 31 5.81 -1.73 12.00
N GLN A 32 6.87 -1.64 11.18
CA GLN A 32 7.27 -0.37 10.59
C GLN A 32 8.06 -0.61 9.31
N VAL A 33 7.83 0.21 8.30
CA VAL A 33 8.55 0.07 7.03
C VAL A 33 8.85 1.44 6.42
N SER A 34 10.01 1.56 5.80
CA SER A 34 10.41 2.82 5.18
C SER A 34 11.19 2.56 3.90
N SER A 35 11.72 3.62 3.32
CA SER A 35 12.49 3.49 2.09
C SER A 35 13.92 4.01 2.28
N ARG A 36 14.76 3.82 1.27
CA ARG A 36 16.13 4.29 1.33
C ARG A 36 16.94 3.51 2.34
N ASN A 37 17.87 2.70 1.83
CA ASN A 37 18.73 1.89 2.69
C ASN A 37 20.10 2.56 2.84
N PRO A 38 20.77 2.34 3.93
CA PRO A 38 22.12 2.95 4.18
C PRO A 38 23.02 2.83 2.97
N GLN A 39 24.24 3.38 3.08
CA GLN A 39 25.21 3.33 1.98
C GLN A 39 24.90 2.15 1.06
N ILE A 40 24.89 0.95 1.62
CA ILE A 40 24.59 -0.25 0.86
C ILE A 40 24.27 -1.39 1.76
N MET A 41 23.46 -1.14 2.77
CA MET A 41 23.11 -2.22 3.64
C MET A 41 24.39 -2.75 4.27
N TYR A 42 25.45 -1.97 4.15
CA TYR A 42 26.75 -2.36 4.67
C TYR A 42 26.97 -3.84 4.39
N GLN A 43 26.35 -4.30 3.31
CA GLN A 43 26.44 -5.71 2.92
C GLN A 43 27.34 -5.92 1.72
N ALA A 44 27.26 -5.01 0.76
CA ALA A 44 28.04 -5.13 -0.48
C ALA A 44 28.27 -6.60 -0.82
N PRO A 45 27.50 -7.15 -1.71
CA PRO A 45 27.67 -8.56 -2.13
C PRO A 45 28.96 -8.66 -2.94
N GLY A 46 29.79 -7.64 -2.77
CA GLY A 46 31.06 -7.54 -3.44
C GLY A 46 31.20 -6.19 -4.11
N THR A 47 30.22 -5.85 -4.93
CA THR A 47 30.24 -4.56 -5.61
C THR A 47 29.24 -3.63 -5.00
N LEU A 48 29.22 -3.58 -3.70
CA LEU A 48 28.36 -2.67 -3.01
C LEU A 48 26.89 -2.94 -3.32
N PHE A 49 26.33 -2.08 -4.15
CA PHE A 49 24.95 -2.22 -4.54
C PHE A 49 24.88 -3.37 -5.49
N THR A 50 25.90 -3.39 -6.31
CA THR A 50 26.04 -4.41 -7.29
C THR A 50 24.95 -4.36 -8.31
N PHE A 51 24.10 -5.32 -8.14
CA PHE A 51 22.98 -5.59 -9.00
C PHE A 51 22.39 -6.91 -8.53
N PRO A 52 21.84 -6.98 -7.35
CA PRO A 52 21.35 -8.25 -6.82
C PRO A 52 20.80 -9.16 -7.91
N SER A 53 21.65 -10.06 -8.39
CA SER A 53 21.27 -10.96 -9.45
C SER A 53 20.23 -11.96 -8.96
N LEU A 54 20.07 -12.07 -7.65
CA LEU A 54 19.08 -12.99 -7.09
C LEU A 54 17.73 -12.77 -7.78
N THR A 55 17.69 -11.70 -8.56
CA THR A 55 16.50 -11.31 -9.30
C THR A 55 16.83 -10.10 -10.15
N ASN A 56 17.71 -9.25 -9.61
CA ASN A 56 18.16 -8.06 -10.32
C ASN A 56 17.05 -7.44 -11.09
N PHE A 57 17.43 -6.45 -11.86
CA PHE A 57 16.50 -5.85 -12.76
C PHE A 57 15.15 -5.62 -12.10
N ASN A 58 15.11 -4.68 -11.15
CA ASN A 58 13.87 -4.38 -10.44
C ASN A 58 13.98 -3.03 -9.73
N TYR A 59 12.95 -2.67 -8.98
CA TYR A 59 12.93 -1.41 -8.24
C TYR A 59 11.66 -1.30 -7.40
N CYS A 60 11.52 -0.19 -6.68
CA CYS A 60 10.35 0.05 -5.84
C CYS A 60 10.53 -0.51 -4.43
N THR A 61 9.46 -0.45 -3.65
CA THR A 61 9.47 -0.92 -2.27
C THR A 61 8.07 -1.31 -1.83
N GLY A 62 7.67 -2.55 -2.12
CA GLY A 62 6.34 -3.02 -1.75
C GLY A 62 6.42 -4.19 -0.78
N VAL A 63 5.57 -4.15 0.25
CA VAL A 63 5.57 -5.22 1.25
C VAL A 63 4.13 -5.67 1.53
N LEU A 64 4.00 -6.90 2.00
CA LEU A 64 2.68 -7.45 2.31
C LEU A 64 2.63 -7.87 3.78
N GLY A 65 1.49 -8.41 4.21
CA GLY A 65 1.35 -8.84 5.59
C GLY A 65 1.90 -10.24 5.78
N SER A 66 2.04 -10.65 7.04
CA SER A 66 2.55 -11.97 7.35
C SER A 66 1.42 -13.01 7.33
N GLN A 67 0.20 -12.51 7.38
CA GLN A 67 -0.97 -13.39 7.37
C GLN A 67 -1.90 -13.03 6.21
N SER A 68 -2.39 -14.06 5.51
CA SER A 68 -3.27 -13.84 4.38
C SER A 68 -4.73 -13.77 4.84
N ILE A 69 -5.58 -13.18 4.01
CA ILE A 69 -7.00 -13.05 4.34
C ILE A 69 -7.84 -13.81 3.32
N THR A 70 -8.61 -14.80 3.80
CA THR A 70 -9.44 -15.60 2.91
C THR A 70 -10.87 -15.74 3.45
N SER A 71 -11.24 -14.87 4.38
CA SER A 71 -12.59 -14.93 4.94
C SER A 71 -12.70 -14.03 6.17
N GLY A 72 -13.94 -13.71 6.54
CA GLY A 72 -14.18 -12.86 7.70
C GLY A 72 -13.77 -11.42 7.40
N LYS A 73 -13.98 -10.53 8.37
CA LYS A 73 -13.62 -9.13 8.19
C LYS A 73 -12.31 -8.81 8.91
N HIS A 74 -11.57 -7.85 8.36
CA HIS A 74 -10.30 -7.45 8.95
C HIS A 74 -10.14 -5.94 8.91
N TYR A 75 -9.55 -5.38 9.95
CA TYR A 75 -9.34 -3.94 10.02
C TYR A 75 -8.04 -3.60 10.73
N TRP A 76 -7.28 -2.69 10.12
CA TRP A 76 -6.01 -2.26 10.69
C TRP A 76 -5.72 -0.82 10.26
N GLU A 77 -5.00 -0.08 11.11
CA GLU A 77 -4.68 1.30 10.80
C GLU A 77 -3.20 1.45 10.43
N VAL A 78 -2.91 2.48 9.64
CA VAL A 78 -1.54 2.75 9.21
C VAL A 78 -1.21 4.22 9.45
N ASP A 79 -0.13 4.47 10.17
CA ASP A 79 0.27 5.85 10.47
C ASP A 79 1.20 6.40 9.39
N VAL A 80 0.71 7.42 8.68
CA VAL A 80 1.50 8.05 7.63
C VAL A 80 1.69 9.53 7.96
N SER A 81 2.16 9.79 9.18
CA SER A 81 2.37 11.16 9.63
C SER A 81 3.68 11.73 9.08
N LYS A 82 3.59 12.91 8.46
CA LYS A 82 4.77 13.56 7.90
C LYS A 82 5.22 12.90 6.61
N LYS A 83 4.49 11.88 6.16
CA LYS A 83 4.84 11.19 4.93
C LYS A 83 4.33 11.99 3.73
N SER A 84 5.19 12.14 2.72
CA SER A 84 4.81 12.90 1.53
C SER A 84 4.39 11.99 0.39
N ALA A 85 4.41 10.69 0.62
CA ALA A 85 4.03 9.73 -0.41
C ALA A 85 4.01 8.31 0.15
N TRP A 86 3.03 7.52 -0.28
CA TRP A 86 2.91 6.15 0.19
C TRP A 86 1.73 5.44 -0.47
N ILE A 87 1.79 4.12 -0.53
CA ILE A 87 0.72 3.34 -1.12
C ILE A 87 0.28 2.25 -0.16
N LEU A 88 -1.01 2.26 0.19
CA LEU A 88 -1.54 1.27 1.12
C LEU A 88 -2.92 0.80 0.70
N GLY A 89 -3.27 -0.42 1.09
CA GLY A 89 -4.57 -0.99 0.76
C GLY A 89 -4.53 -2.51 0.90
N VAL A 90 -4.88 -3.21 -0.18
CA VAL A 90 -4.88 -4.66 -0.15
C VAL A 90 -4.27 -5.23 -1.44
N CYS A 91 -3.48 -6.30 -1.29
CA CYS A 91 -2.84 -6.92 -2.44
C CYS A 91 -3.01 -8.43 -2.40
N ALA A 92 -2.97 -9.06 -3.56
CA ALA A 92 -3.12 -10.51 -3.65
C ALA A 92 -1.76 -11.18 -3.77
N GLY A 93 -0.70 -10.38 -3.79
CA GLY A 93 0.66 -10.91 -3.89
C GLY A 93 1.40 -10.28 -5.06
N PHE A 94 2.67 -10.66 -5.21
CA PHE A 94 3.49 -10.15 -6.30
C PHE A 94 3.63 -11.19 -7.40
N GLN A 95 2.64 -12.07 -7.50
CA GLN A 95 2.67 -13.12 -8.51
C GLN A 95 2.62 -12.52 -9.91
N SER A 96 1.79 -11.49 -10.08
CA SER A 96 1.65 -10.84 -11.37
C SER A 96 2.28 -9.45 -11.34
N ASP A 97 3.53 -9.39 -10.90
CA ASP A 97 4.24 -8.12 -10.82
C ASP A 97 5.25 -7.99 -11.96
N ALA A 98 5.65 -9.13 -12.51
CA ALA A 98 6.62 -9.15 -13.59
C ALA A 98 5.91 -8.96 -14.94
N MET A 99 4.85 -9.72 -15.14
CA MET A 99 4.09 -9.64 -16.38
C MET A 99 3.69 -8.20 -16.72
N TYR A 100 3.27 -7.45 -15.69
CA TYR A 100 2.86 -6.07 -15.91
C TYR A 100 3.75 -5.09 -15.14
N ASN A 101 5.03 -5.41 -15.02
CA ASN A 101 5.94 -4.53 -14.30
C ASN A 101 5.14 -3.60 -13.39
N ILE A 102 4.42 -4.18 -12.44
CA ILE A 102 3.60 -3.40 -11.52
C ILE A 102 4.47 -2.53 -10.60
N GLU A 103 5.13 -3.19 -9.65
CA GLU A 103 5.98 -2.49 -8.68
C GLU A 103 6.97 -1.56 -9.38
N GLN A 104 7.50 -2.01 -10.52
CA GLN A 104 8.49 -1.21 -11.24
C GLN A 104 7.87 0.07 -11.82
N ASN A 105 6.64 -0.03 -12.31
CA ASN A 105 5.96 1.13 -12.89
C ASN A 105 4.66 1.44 -12.13
N GLU A 106 4.67 1.18 -10.83
CA GLU A 106 3.49 1.45 -10.01
C GLU A 106 2.21 1.16 -10.79
N ASN A 107 2.19 0.02 -11.47
CA ASN A 107 1.02 -0.37 -12.26
C ASN A 107 0.02 -1.12 -11.39
N TYR A 108 -0.49 -0.45 -10.36
CA TYR A 108 -1.45 -1.08 -9.46
C TYR A 108 -2.85 -1.08 -10.08
N GLN A 109 -3.45 -2.25 -10.16
CA GLN A 109 -4.78 -2.37 -10.74
C GLN A 109 -5.54 -3.52 -10.09
N PRO A 110 -6.80 -3.33 -9.83
CA PRO A 110 -7.66 -4.36 -9.19
C PRO A 110 -7.71 -5.64 -10.03
N LYS A 111 -7.53 -5.49 -11.34
CA LYS A 111 -7.54 -6.64 -12.24
C LYS A 111 -6.25 -7.42 -12.09
N TYR A 112 -5.25 -6.79 -11.46
CA TYR A 112 -3.96 -7.42 -11.23
C TYR A 112 -3.85 -7.89 -9.78
N GLY A 113 -4.87 -7.56 -8.98
CA GLY A 113 -4.87 -7.93 -7.58
C GLY A 113 -4.35 -6.77 -6.74
N TYR A 114 -4.80 -5.56 -7.05
CA TYR A 114 -4.36 -4.38 -6.34
C TYR A 114 -5.50 -3.42 -6.05
N TRP A 115 -5.82 -3.30 -4.76
CA TRP A 115 -6.88 -2.41 -4.31
C TRP A 115 -6.28 -1.40 -3.33
N VAL A 116 -5.58 -0.40 -3.84
CA VAL A 116 -4.94 0.57 -2.96
C VAL A 116 -5.12 2.01 -3.42
N ILE A 117 -4.76 2.92 -2.53
CA ILE A 117 -4.80 4.34 -2.79
C ILE A 117 -3.41 4.91 -2.53
N GLY A 118 -3.09 6.06 -3.12
CA GLY A 118 -1.75 6.61 -2.92
C GLY A 118 -1.73 8.12 -2.75
N LEU A 119 -0.61 8.60 -2.22
CA LEU A 119 -0.39 10.02 -2.01
C LEU A 119 0.98 10.39 -2.55
N GLN A 120 1.05 11.48 -3.31
CA GLN A 120 2.33 11.87 -3.90
C GLN A 120 2.50 13.39 -3.92
N GLU A 121 3.74 13.84 -3.78
CA GLU A 121 4.05 15.25 -3.79
C GLU A 121 3.65 15.92 -2.47
N GLY A 122 2.98 15.15 -1.61
CA GLY A 122 2.57 15.68 -0.31
C GLY A 122 1.07 15.95 -0.23
N VAL A 123 0.47 16.41 -1.33
CA VAL A 123 -0.96 16.72 -1.31
C VAL A 123 -1.68 16.17 -2.54
N LYS A 124 -1.13 15.12 -3.13
CA LYS A 124 -1.76 14.54 -4.31
C LYS A 124 -2.23 13.11 -4.03
N TYR A 125 -3.47 12.99 -3.58
CA TYR A 125 -4.07 11.69 -3.29
C TYR A 125 -4.75 11.14 -4.54
N SER A 126 -4.78 9.82 -4.68
CA SER A 126 -5.41 9.21 -5.84
C SER A 126 -5.72 7.74 -5.59
N VAL A 127 -6.65 7.20 -6.35
CA VAL A 127 -7.03 5.80 -6.23
C VAL A 127 -6.73 5.05 -7.52
N PHE A 128 -5.99 3.95 -7.41
CA PHE A 128 -5.62 3.17 -8.58
C PHE A 128 -6.79 2.29 -9.04
N GLN A 129 -7.20 2.47 -10.30
CA GLN A 129 -8.29 1.69 -10.86
C GLN A 129 -7.82 0.95 -12.10
N ASP A 130 -8.69 0.11 -12.65
CA ASP A 130 -8.34 -0.66 -13.85
C ASP A 130 -8.14 0.27 -15.04
N GLY A 131 -7.13 0.00 -15.85
CA GLY A 131 -6.83 0.81 -17.02
C GLY A 131 -7.18 0.08 -18.30
N SER A 132 -7.23 0.82 -19.41
CA SER A 132 -7.54 0.22 -20.70
C SER A 132 -6.54 -0.87 -21.05
N SER A 133 -7.04 -1.98 -21.59
CA SER A 133 -6.18 -3.09 -21.97
C SER A 133 -5.21 -2.66 -23.07
N HIS A 134 -5.60 -1.64 -23.83
CA HIS A 134 -4.75 -1.15 -24.91
C HIS A 134 -3.44 -0.62 -24.33
N THR A 135 -3.48 -0.29 -23.04
CA THR A 135 -2.32 0.23 -22.35
C THR A 135 -2.21 -0.44 -20.98
N PRO A 136 -1.99 -1.73 -20.99
CA PRO A 136 -1.88 -2.54 -19.75
C PRO A 136 -0.74 -2.10 -18.82
N PHE A 137 0.28 -1.47 -19.36
CA PHE A 137 1.41 -1.03 -18.54
C PHE A 137 1.13 0.31 -17.88
N ALA A 138 -0.14 0.70 -17.81
CA ALA A 138 -0.50 1.97 -17.20
C ALA A 138 -1.88 1.91 -16.57
N PRO A 139 -1.98 2.17 -15.30
CA PRO A 139 -3.27 2.16 -14.56
C PRO A 139 -4.10 3.43 -14.82
N PHE A 140 -5.32 3.44 -14.31
CA PHE A 140 -6.21 4.58 -14.47
C PHE A 140 -6.32 5.37 -13.16
N ILE A 141 -5.26 6.10 -12.84
CA ILE A 141 -5.23 6.87 -11.60
C ILE A 141 -6.35 7.91 -11.54
N VAL A 142 -7.09 7.90 -10.45
CA VAL A 142 -8.17 8.85 -10.26
C VAL A 142 -7.87 9.70 -9.02
N PRO A 143 -7.93 10.99 -9.14
CA PRO A 143 -7.64 11.93 -8.02
C PRO A 143 -8.73 11.94 -6.96
N LEU A 144 -8.32 11.87 -5.70
CA LEU A 144 -9.26 11.88 -4.58
C LEU A 144 -9.38 13.29 -3.98
N SER A 145 -10.59 13.67 -3.60
CA SER A 145 -10.81 14.99 -3.00
C SER A 145 -10.57 14.95 -1.49
N VAL A 146 -9.34 15.18 -1.10
CA VAL A 146 -8.98 15.18 0.31
C VAL A 146 -8.82 16.59 0.84
N ILE A 147 -9.62 16.94 1.84
CA ILE A 147 -9.55 18.26 2.44
C ILE A 147 -8.69 18.23 3.69
N ILE A 148 -8.88 17.20 4.50
CA ILE A 148 -8.12 17.05 5.74
C ILE A 148 -7.05 15.98 5.59
N CYS A 149 -5.82 16.40 5.32
CA CYS A 149 -4.73 15.44 5.17
C CYS A 149 -4.79 14.41 6.29
N PRO A 150 -4.93 13.16 5.94
CA PRO A 150 -5.02 12.05 6.93
C PRO A 150 -3.66 11.73 7.56
N ASP A 151 -3.63 11.71 8.89
CA ASP A 151 -2.41 11.40 9.62
C ASP A 151 -2.39 9.91 9.95
N ARG A 152 -3.51 9.26 9.70
CA ARG A 152 -3.64 7.81 9.95
C ARG A 152 -4.80 7.27 9.13
N VAL A 153 -4.52 6.25 8.31
CA VAL A 153 -5.56 5.66 7.48
C VAL A 153 -5.99 4.29 7.98
N GLY A 154 -7.30 4.07 8.01
CA GLY A 154 -7.86 2.80 8.47
C GLY A 154 -8.33 1.96 7.29
N VAL A 155 -7.86 0.71 7.22
CA VAL A 155 -8.23 -0.17 6.13
C VAL A 155 -9.17 -1.28 6.63
N PHE A 156 -10.31 -1.42 5.96
CA PHE A 156 -11.29 -2.43 6.32
C PHE A 156 -11.55 -3.34 5.12
N VAL A 157 -11.45 -4.65 5.34
CA VAL A 157 -11.67 -5.60 4.27
C VAL A 157 -12.78 -6.59 4.61
N ASP A 158 -13.77 -6.69 3.73
CA ASP A 158 -14.90 -7.59 3.94
C ASP A 158 -14.89 -8.70 2.90
N TYR A 159 -13.94 -9.63 3.04
CA TYR A 159 -13.81 -10.74 2.11
C TYR A 159 -15.19 -11.21 1.62
N GLU A 160 -16.03 -11.63 2.55
CA GLU A 160 -17.37 -12.10 2.21
C GLU A 160 -18.08 -11.13 1.27
N ALA A 161 -18.10 -9.86 1.65
CA ALA A 161 -18.76 -8.84 0.84
C ALA A 161 -17.87 -8.40 -0.32
N CYS A 162 -16.59 -8.74 -0.25
CA CYS A 162 -15.66 -8.37 -1.30
C CYS A 162 -15.59 -6.84 -1.42
N THR A 163 -15.15 -6.19 -0.35
CA THR A 163 -15.05 -4.74 -0.34
C THR A 163 -13.84 -4.26 0.46
N VAL A 164 -13.24 -3.18 -0.01
CA VAL A 164 -12.07 -2.61 0.67
C VAL A 164 -12.32 -1.12 0.91
N SER A 165 -12.49 -0.75 2.19
CA SER A 165 -12.77 0.63 2.53
C SER A 165 -11.56 1.32 3.17
N PHE A 166 -11.46 2.63 2.96
CA PHE A 166 -10.39 3.43 3.52
C PHE A 166 -10.99 4.56 4.36
N PHE A 167 -10.63 4.61 5.63
CA PHE A 167 -11.17 5.64 6.52
C PHE A 167 -10.12 6.69 6.86
N ASN A 168 -10.58 7.94 7.00
CA ASN A 168 -9.69 9.04 7.34
C ASN A 168 -9.76 9.33 8.84
N ILE A 169 -9.04 8.51 9.61
CA ILE A 169 -9.02 8.66 11.07
C ILE A 169 -8.91 10.13 11.48
N THR A 170 -8.09 10.89 10.76
CA THR A 170 -7.90 12.30 11.09
C THR A 170 -9.15 13.12 10.77
N ASN A 171 -10.00 12.61 9.90
CA ASN A 171 -11.21 13.32 9.52
C ASN A 171 -12.44 12.62 10.09
N HIS A 172 -12.52 12.56 11.42
CA HIS A 172 -13.66 11.92 12.07
C HIS A 172 -13.84 10.49 11.55
N GLY A 173 -12.83 9.99 10.85
CA GLY A 173 -12.87 8.65 10.31
C GLY A 173 -13.85 8.55 9.15
N PHE A 174 -13.96 9.63 8.38
CA PHE A 174 -14.86 9.64 7.24
C PHE A 174 -14.31 8.75 6.13
N LEU A 175 -15.21 8.09 5.40
CA LEU A 175 -14.79 7.21 4.31
C LEU A 175 -14.07 7.98 3.21
N ILE A 176 -12.94 7.45 2.77
CA ILE A 176 -12.15 8.08 1.72
C ILE A 176 -12.50 7.45 0.38
N TYR A 177 -12.46 6.13 0.34
CA TYR A 177 -12.78 5.38 -0.87
C TYR A 177 -13.18 3.96 -0.48
N LYS A 178 -13.91 3.28 -1.36
CA LYS A 178 -14.34 1.93 -1.06
C LYS A 178 -14.43 1.07 -2.32
N PHE A 179 -13.65 -0.01 -2.36
CA PHE A 179 -13.66 -0.91 -3.50
C PHE A 179 -14.81 -1.90 -3.38
N SER A 180 -15.69 -1.92 -4.37
CA SER A 180 -16.83 -2.83 -4.34
C SER A 180 -16.70 -3.91 -5.41
N GLN A 181 -17.36 -5.04 -5.16
CA GLN A 181 -17.32 -6.15 -6.10
C GLN A 181 -15.89 -6.53 -6.44
N CYS A 182 -15.07 -6.72 -5.41
CA CYS A 182 -13.67 -7.08 -5.62
C CYS A 182 -13.55 -8.57 -5.96
N SER A 183 -12.66 -8.88 -6.90
CA SER A 183 -12.45 -10.27 -7.30
C SER A 183 -11.62 -10.99 -6.26
N PHE A 184 -12.26 -11.40 -5.17
CA PHE A 184 -11.56 -12.10 -4.10
C PHE A 184 -11.56 -13.60 -4.36
N SER A 185 -10.87 -14.00 -5.43
CA SER A 185 -10.76 -15.41 -5.78
C SER A 185 -9.47 -15.99 -5.23
N LYS A 186 -8.61 -15.11 -4.73
CA LYS A 186 -7.33 -15.53 -4.18
C LYS A 186 -7.11 -14.87 -2.81
N PRO A 187 -6.15 -15.36 -2.07
CA PRO A 187 -5.85 -14.81 -0.72
C PRO A 187 -5.17 -13.45 -0.80
N VAL A 188 -5.74 -12.47 -0.11
CA VAL A 188 -5.19 -11.10 -0.13
C VAL A 188 -4.45 -10.80 1.17
N PHE A 189 -3.55 -9.82 1.09
CA PHE A 189 -2.78 -9.40 2.26
C PHE A 189 -2.73 -7.87 2.34
N PRO A 190 -2.47 -7.33 3.50
CA PRO A 190 -2.40 -5.86 3.68
C PRO A 190 -1.19 -5.29 2.95
N TYR A 191 -1.43 -4.34 2.05
CA TYR A 191 -0.35 -3.76 1.27
C TYR A 191 0.15 -2.44 1.86
N LEU A 192 1.47 -2.30 1.92
CA LEU A 192 2.09 -1.09 2.43
C LEU A 192 3.24 -0.69 1.52
N ASN A 193 3.45 0.61 1.33
CA ASN A 193 4.53 1.05 0.45
C ASN A 193 4.93 2.49 0.76
N PRO A 194 6.08 2.67 1.35
CA PRO A 194 6.62 4.02 1.69
C PRO A 194 6.61 4.93 0.47
N ARG A 195 6.93 4.36 -0.68
CA ARG A 195 6.98 5.12 -1.93
C ARG A 195 8.16 6.08 -1.91
N LYS A 196 9.36 5.53 -1.87
CA LYS A 196 10.58 6.34 -1.87
C LYS A 196 10.63 7.25 -0.64
N CYS A 197 9.48 7.52 -0.04
CA CYS A 197 9.43 8.39 1.13
C CYS A 197 10.23 7.76 2.28
N THR A 198 11.19 8.51 2.81
CA THR A 198 12.02 8.01 3.89
C THR A 198 11.25 7.97 5.21
N VAL A 199 10.16 8.72 5.29
CA VAL A 199 9.36 8.75 6.52
C VAL A 199 8.64 7.42 6.70
N PRO A 200 8.96 6.71 7.75
CA PRO A 200 8.36 5.38 8.05
C PRO A 200 6.86 5.40 8.32
N MET A 201 6.19 4.38 7.82
CA MET A 201 4.75 4.21 8.02
C MET A 201 4.48 3.07 8.99
N THR A 202 3.93 3.38 10.15
CA THR A 202 3.65 2.36 11.16
C THR A 202 2.20 1.88 11.14
N LEU A 203 1.93 0.87 12.00
CA LEU A 203 0.59 0.25 12.11
C LEU A 203 0.09 0.24 13.55
N CYS A 204 -0.38 1.37 14.06
CA CYS A 204 -0.88 1.37 15.42
C CYS A 204 -0.94 -0.07 15.96
N SER A 205 -2.15 -0.55 16.22
CA SER A 205 -2.32 -1.90 16.74
C SER A 205 -2.89 -1.79 18.17
N PRO A 206 -4.16 -2.03 18.26
CA PRO A 206 -4.95 -1.93 19.52
C PRO A 206 -4.72 -3.14 20.44
N THR A 2 -19.27 5.92 13.21
CA THR A 2 -20.23 4.79 13.08
C THR A 2 -19.64 3.73 12.16
N GLU A 3 -19.52 4.06 10.88
CA GLU A 3 -18.98 3.12 9.90
C GLU A 3 -17.56 2.71 10.28
N LEU A 4 -16.84 3.63 10.92
CA LEU A 4 -15.46 3.33 11.34
C LEU A 4 -15.47 2.57 12.66
N THR A 5 -16.43 2.88 13.50
CA THR A 5 -16.54 2.21 14.80
C THR A 5 -16.91 0.74 14.61
N ASP A 6 -17.76 0.46 13.63
CA ASP A 6 -18.18 -0.91 13.36
C ASP A 6 -17.04 -1.70 12.74
N ALA A 7 -16.23 -1.04 11.93
CA ALA A 7 -15.11 -1.70 11.27
C ALA A 7 -14.00 -1.98 12.28
N ARG A 8 -13.89 -1.13 13.30
CA ARG A 8 -12.86 -1.31 14.32
C ARG A 8 -13.16 -2.54 15.17
N ARG A 9 -14.36 -3.08 15.01
CA ARG A 9 -14.77 -4.27 15.76
C ARG A 9 -13.96 -5.47 15.31
N TYR A 10 -13.41 -5.39 14.10
CA TYR A 10 -12.61 -6.48 13.55
C TYR A 10 -11.14 -6.07 13.47
N TRP A 11 -10.68 -5.35 14.48
CA TRP A 11 -9.28 -4.90 14.51
C TRP A 11 -8.37 -6.11 14.69
N VAL A 12 -7.44 -6.28 13.76
CA VAL A 12 -6.52 -7.41 13.81
C VAL A 12 -5.07 -6.95 13.90
N ASP A 13 -4.25 -7.76 14.56
CA ASP A 13 -2.83 -7.45 14.71
C ASP A 13 -2.11 -7.83 13.42
N VAL A 14 -1.71 -6.82 12.65
CA VAL A 14 -1.03 -7.06 11.38
C VAL A 14 0.48 -6.85 11.50
N THR A 15 1.23 -7.83 10.98
CA THR A 15 2.69 -7.75 11.01
C THR A 15 3.24 -7.92 9.60
N LEU A 16 4.21 -7.08 9.25
CA LEU A 16 4.80 -7.14 7.92
C LEU A 16 5.67 -8.38 7.75
N ALA A 17 5.73 -8.89 6.52
CA ALA A 17 6.54 -10.07 6.23
C ALA A 17 7.72 -9.67 5.35
N THR A 18 8.92 -10.10 5.74
CA THR A 18 10.12 -9.77 4.99
C THR A 18 10.16 -10.50 3.65
N ASN A 19 10.23 -9.73 2.57
CA ASN A 19 10.29 -10.29 1.23
C ASN A 19 11.58 -9.87 0.54
N ASN A 20 12.00 -10.66 -0.45
CA ASN A 20 13.23 -10.37 -1.18
C ASN A 20 12.90 -9.88 -2.59
N ILE A 21 11.98 -8.93 -2.69
CA ILE A 21 11.59 -8.40 -4.00
C ILE A 21 11.37 -6.89 -3.91
N SER A 22 11.55 -6.33 -2.72
CA SER A 22 11.36 -4.91 -2.51
C SER A 22 12.58 -4.30 -1.82
N HIS A 23 12.83 -3.02 -2.05
CA HIS A 23 13.97 -2.35 -1.43
C HIS A 23 13.56 -1.72 -0.11
N ALA A 24 12.31 -1.98 0.30
CA ALA A 24 11.80 -1.44 1.56
C ALA A 24 12.59 -1.97 2.75
N VAL A 25 12.53 -1.26 3.86
CA VAL A 25 13.25 -1.68 5.07
C VAL A 25 12.26 -1.86 6.22
N ILE A 26 12.03 -3.11 6.59
CA ILE A 26 11.10 -3.43 7.65
C ILE A 26 11.78 -3.47 9.01
N ALA A 27 11.15 -2.85 10.00
CA ALA A 27 11.71 -2.81 11.35
C ALA A 27 11.89 -4.22 11.90
N GLU A 28 12.46 -4.32 13.09
CA GLU A 28 12.69 -5.61 13.71
C GLU A 28 11.37 -6.18 14.24
N ASP A 29 10.49 -5.30 14.70
CA ASP A 29 9.20 -5.72 15.24
C ASP A 29 8.22 -6.03 14.11
N LYS A 30 8.64 -5.78 12.88
CA LYS A 30 7.78 -6.03 11.73
C LYS A 30 6.51 -5.20 11.83
N ARG A 31 6.65 -3.99 12.39
CA ARG A 31 5.51 -3.11 12.56
C ARG A 31 5.81 -1.73 12.00
N GLN A 32 6.87 -1.64 11.18
CA GLN A 32 7.27 -0.37 10.59
C GLN A 32 8.06 -0.61 9.31
N VAL A 33 7.83 0.21 8.30
CA VAL A 33 8.55 0.07 7.03
C VAL A 33 8.85 1.44 6.42
N SER A 34 10.01 1.56 5.80
CA SER A 34 10.41 2.82 5.18
C SER A 34 11.19 2.56 3.90
N SER A 35 11.72 3.62 3.32
CA SER A 35 12.49 3.49 2.09
C SER A 35 13.92 4.01 2.28
N ARG A 36 14.78 3.79 1.29
CA ARG A 36 16.17 4.25 1.39
C ARG A 36 16.59 4.96 0.10
N ASN A 37 17.24 6.10 0.26
CA ASN A 37 17.71 6.88 -0.90
C ASN A 37 18.88 7.77 -0.52
N PRO A 38 19.79 7.25 0.28
CA PRO A 38 20.98 8.01 0.74
C PRO A 38 21.68 8.75 -0.39
N GLN A 39 22.79 9.41 -0.04
CA GLN A 39 23.57 10.15 -1.03
C GLN A 39 23.40 9.52 -2.40
N ILE A 40 24.03 8.37 -2.59
CA ILE A 40 23.92 7.64 -3.84
C ILE A 40 24.06 6.17 -3.62
N MET A 41 23.38 5.66 -2.61
CA MET A 41 23.48 4.25 -2.38
C MET A 41 24.92 3.89 -2.11
N TYR A 42 25.70 4.93 -1.84
CA TYR A 42 27.11 4.77 -1.57
C TYR A 42 27.70 3.77 -2.54
N GLN A 43 27.13 3.71 -3.73
CA GLN A 43 27.58 2.78 -4.75
C GLN A 43 28.18 3.51 -5.94
N ALA A 44 27.53 4.58 -6.34
CA ALA A 44 27.97 5.37 -7.49
C ALA A 44 28.57 4.49 -8.58
N PRO A 45 27.80 4.08 -9.55
CA PRO A 45 28.30 3.25 -10.67
C PRO A 45 29.16 4.07 -11.61
N GLY A 46 30.05 4.85 -11.02
CA GLY A 46 30.94 5.71 -11.80
C GLY A 46 30.64 7.17 -11.52
N THR A 47 29.53 7.62 -12.05
CA THR A 47 29.09 8.98 -11.84
C THR A 47 28.67 9.15 -10.41
N LEU A 48 27.53 8.57 -10.12
CA LEU A 48 26.96 8.60 -8.81
C LEU A 48 25.51 8.17 -8.83
N PHE A 49 24.66 9.11 -9.14
CA PHE A 49 23.24 8.82 -9.24
C PHE A 49 23.09 7.87 -10.37
N THR A 50 23.65 8.31 -11.47
CA THR A 50 23.68 7.55 -12.68
C THR A 50 22.32 7.13 -13.14
N PHE A 51 22.13 5.87 -12.92
CA PHE A 51 20.97 5.13 -13.33
C PHE A 51 21.31 3.68 -13.04
N PRO A 52 21.37 3.29 -11.80
CA PRO A 52 21.80 1.94 -11.43
C PRO A 52 21.34 0.88 -12.41
N SER A 53 22.12 0.70 -13.47
CA SER A 53 21.79 -0.31 -14.45
C SER A 53 22.18 -1.67 -13.90
N LEU A 54 22.91 -1.64 -12.79
CA LEU A 54 23.32 -2.89 -12.17
C LEU A 54 22.09 -3.75 -11.96
N THR A 55 20.96 -3.07 -12.02
CA THR A 55 19.67 -3.71 -11.83
C THR A 55 18.56 -2.69 -12.00
N ASN A 56 18.83 -1.63 -12.78
CA ASN A 56 17.82 -0.61 -12.99
C ASN A 56 16.49 -1.28 -13.25
N PHE A 57 15.47 -0.49 -13.53
CA PHE A 57 14.20 -1.08 -13.87
C PHE A 57 13.77 -2.09 -12.81
N ASN A 58 14.09 -1.79 -11.55
CA ASN A 58 13.72 -2.68 -10.45
C ASN A 58 13.65 -1.91 -9.13
N TYR A 59 13.65 -0.59 -9.22
CA TYR A 59 13.59 0.25 -8.02
C TYR A 59 12.15 0.43 -7.56
N CYS A 60 11.84 -0.18 -6.42
CA CYS A 60 10.50 -0.09 -5.84
C CYS A 60 10.55 -0.60 -4.41
N THR A 61 9.46 -0.45 -3.65
CA THR A 61 9.47 -0.92 -2.27
C THR A 61 8.07 -1.31 -1.83
N GLY A 62 7.67 -2.55 -2.12
CA GLY A 62 6.34 -3.02 -1.75
C GLY A 62 6.42 -4.19 -0.78
N VAL A 63 5.57 -4.15 0.25
CA VAL A 63 5.57 -5.22 1.25
C VAL A 63 4.13 -5.67 1.53
N LEU A 64 4.00 -6.90 2.00
CA LEU A 64 2.68 -7.45 2.31
C LEU A 64 2.63 -7.87 3.78
N GLY A 65 1.49 -8.41 4.21
CA GLY A 65 1.35 -8.84 5.59
C GLY A 65 1.90 -10.24 5.78
N SER A 66 2.04 -10.65 7.04
CA SER A 66 2.55 -11.97 7.35
C SER A 66 1.42 -13.01 7.33
N GLN A 67 0.20 -12.51 7.38
CA GLN A 67 -0.97 -13.39 7.37
C GLN A 67 -1.90 -13.03 6.21
N SER A 68 -2.39 -14.06 5.51
CA SER A 68 -3.27 -13.84 4.38
C SER A 68 -4.73 -13.77 4.84
N ILE A 69 -5.58 -13.18 4.01
CA ILE A 69 -7.00 -13.05 4.34
C ILE A 69 -7.84 -13.81 3.32
N THR A 70 -8.61 -14.80 3.80
CA THR A 70 -9.44 -15.60 2.91
C THR A 70 -10.87 -15.74 3.45
N SER A 71 -11.24 -14.87 4.38
CA SER A 71 -12.59 -14.93 4.94
C SER A 71 -12.70 -14.03 6.17
N GLY A 72 -13.94 -13.71 6.54
CA GLY A 72 -14.18 -12.86 7.70
C GLY A 72 -13.77 -11.42 7.40
N LYS A 73 -13.98 -10.53 8.37
CA LYS A 73 -13.62 -9.13 8.19
C LYS A 73 -12.31 -8.81 8.91
N HIS A 74 -11.57 -7.85 8.36
CA HIS A 74 -10.30 -7.45 8.95
C HIS A 74 -10.14 -5.94 8.91
N TYR A 75 -9.55 -5.38 9.95
CA TYR A 75 -9.34 -3.94 10.02
C TYR A 75 -8.04 -3.60 10.73
N TRP A 76 -7.28 -2.69 10.12
CA TRP A 76 -6.01 -2.26 10.69
C TRP A 76 -5.72 -0.82 10.26
N GLU A 77 -5.00 -0.08 11.11
CA GLU A 77 -4.68 1.30 10.80
C GLU A 77 -3.20 1.45 10.43
N VAL A 78 -2.91 2.48 9.64
CA VAL A 78 -1.54 2.75 9.21
C VAL A 78 -1.21 4.22 9.45
N ASP A 79 -0.13 4.47 10.17
CA ASP A 79 0.27 5.85 10.47
C ASP A 79 1.20 6.40 9.39
N VAL A 80 0.71 7.42 8.68
CA VAL A 80 1.50 8.05 7.63
C VAL A 80 1.69 9.53 7.96
N SER A 81 2.16 9.79 9.18
CA SER A 81 2.37 11.16 9.63
C SER A 81 3.68 11.73 9.08
N LYS A 82 3.59 12.91 8.46
CA LYS A 82 4.77 13.56 7.90
C LYS A 82 5.22 12.90 6.61
N LYS A 83 4.49 11.88 6.16
CA LYS A 83 4.84 11.19 4.93
C LYS A 83 4.33 11.99 3.73
N SER A 84 5.19 12.14 2.72
CA SER A 84 4.81 12.90 1.53
C SER A 84 4.39 11.99 0.39
N ALA A 85 4.41 10.69 0.62
CA ALA A 85 4.03 9.73 -0.41
C ALA A 85 4.01 8.31 0.15
N TRP A 86 3.03 7.52 -0.28
CA TRP A 86 2.91 6.15 0.19
C TRP A 86 1.73 5.44 -0.47
N ILE A 87 1.79 4.12 -0.53
CA ILE A 87 0.72 3.34 -1.12
C ILE A 87 0.28 2.25 -0.16
N LEU A 88 -1.01 2.26 0.19
CA LEU A 88 -1.54 1.27 1.12
C LEU A 88 -2.92 0.80 0.70
N GLY A 89 -3.27 -0.42 1.09
CA GLY A 89 -4.57 -0.99 0.76
C GLY A 89 -4.53 -2.51 0.90
N VAL A 90 -4.88 -3.21 -0.18
CA VAL A 90 -4.88 -4.66 -0.15
C VAL A 90 -4.27 -5.23 -1.44
N CYS A 91 -3.48 -6.30 -1.29
CA CYS A 91 -2.84 -6.92 -2.44
C CYS A 91 -3.01 -8.43 -2.40
N ALA A 92 -2.97 -9.06 -3.56
CA ALA A 92 -3.12 -10.51 -3.65
C ALA A 92 -1.76 -11.18 -3.77
N GLY A 93 -0.70 -10.38 -3.79
CA GLY A 93 0.66 -10.91 -3.89
C GLY A 93 1.40 -10.28 -5.06
N PHE A 94 2.67 -10.66 -5.21
CA PHE A 94 3.49 -10.15 -6.30
C PHE A 94 3.63 -11.19 -7.40
N GLN A 95 2.64 -12.07 -7.50
CA GLN A 95 2.67 -13.12 -8.51
C GLN A 95 2.62 -12.52 -9.91
N SER A 96 1.79 -11.49 -10.08
CA SER A 96 1.65 -10.84 -11.37
C SER A 96 2.28 -9.45 -11.34
N ASP A 97 3.53 -9.39 -10.90
CA ASP A 97 4.24 -8.12 -10.82
C ASP A 97 5.25 -7.99 -11.96
N ALA A 98 5.65 -9.13 -12.51
CA ALA A 98 6.62 -9.15 -13.59
C ALA A 98 5.91 -8.96 -14.94
N MET A 99 4.85 -9.72 -15.14
CA MET A 99 4.09 -9.64 -16.38
C MET A 99 3.69 -8.20 -16.72
N TYR A 100 3.27 -7.45 -15.69
CA TYR A 100 2.86 -6.07 -15.91
C TYR A 100 3.75 -5.09 -15.14
N ASN A 101 5.03 -5.41 -15.02
CA ASN A 101 5.94 -4.53 -14.30
C ASN A 101 5.14 -3.60 -13.39
N ILE A 102 4.42 -4.18 -12.44
CA ILE A 102 3.60 -3.40 -11.52
C ILE A 102 4.47 -2.53 -10.60
N GLU A 103 5.13 -3.19 -9.65
CA GLU A 103 5.98 -2.49 -8.68
C GLU A 103 6.97 -1.56 -9.38
N GLN A 104 7.51 -2.00 -10.51
CA GLN A 104 8.49 -1.20 -11.23
C GLN A 104 7.86 0.07 -11.80
N ASN A 105 6.64 -0.03 -12.31
CA ASN A 105 5.96 1.13 -12.89
C ASN A 105 4.66 1.44 -12.13
N GLU A 106 4.67 1.18 -10.83
CA GLU A 106 3.49 1.45 -10.01
C GLU A 106 2.21 1.16 -10.79
N ASN A 107 2.19 0.02 -11.47
CA ASN A 107 1.02 -0.37 -12.26
C ASN A 107 0.02 -1.12 -11.39
N TYR A 108 -0.49 -0.45 -10.36
CA TYR A 108 -1.45 -1.08 -9.46
C TYR A 108 -2.85 -1.08 -10.08
N GLN A 109 -3.45 -2.25 -10.16
CA GLN A 109 -4.78 -2.37 -10.74
C GLN A 109 -5.54 -3.52 -10.09
N PRO A 110 -6.80 -3.33 -9.83
CA PRO A 110 -7.66 -4.36 -9.19
C PRO A 110 -7.71 -5.64 -10.03
N LYS A 111 -7.53 -5.49 -11.34
CA LYS A 111 -7.54 -6.64 -12.24
C LYS A 111 -6.25 -7.42 -12.09
N TYR A 112 -5.25 -6.79 -11.46
CA TYR A 112 -3.96 -7.42 -11.23
C TYR A 112 -3.85 -7.89 -9.78
N GLY A 113 -4.87 -7.56 -8.98
CA GLY A 113 -4.87 -7.93 -7.58
C GLY A 113 -4.35 -6.77 -6.74
N TYR A 114 -4.80 -5.56 -7.05
CA TYR A 114 -4.36 -4.38 -6.34
C TYR A 114 -5.50 -3.42 -6.05
N TRP A 115 -5.82 -3.30 -4.76
CA TRP A 115 -6.88 -2.41 -4.31
C TRP A 115 -6.28 -1.40 -3.33
N VAL A 116 -5.58 -0.40 -3.84
CA VAL A 116 -4.94 0.57 -2.96
C VAL A 116 -5.12 2.01 -3.42
N ILE A 117 -4.76 2.92 -2.53
CA ILE A 117 -4.80 4.34 -2.79
C ILE A 117 -3.41 4.91 -2.53
N GLY A 118 -3.09 6.06 -3.12
CA GLY A 118 -1.75 6.61 -2.92
C GLY A 118 -1.73 8.12 -2.75
N LEU A 119 -0.61 8.60 -2.22
CA LEU A 119 -0.39 10.02 -2.01
C LEU A 119 0.98 10.39 -2.55
N GLN A 120 1.05 11.48 -3.31
CA GLN A 120 2.33 11.87 -3.90
C GLN A 120 2.50 13.39 -3.92
N GLU A 121 3.74 13.84 -3.78
CA GLU A 121 4.05 15.25 -3.79
C GLU A 121 3.65 15.92 -2.47
N GLY A 122 2.98 15.15 -1.61
CA GLY A 122 2.57 15.68 -0.31
C GLY A 122 1.07 15.95 -0.23
N VAL A 123 0.47 16.41 -1.33
CA VAL A 123 -0.96 16.72 -1.31
C VAL A 123 -1.68 16.17 -2.54
N LYS A 124 -1.13 15.12 -3.13
CA LYS A 124 -1.76 14.54 -4.31
C LYS A 124 -2.23 13.11 -4.03
N TYR A 125 -3.47 12.99 -3.58
CA TYR A 125 -4.07 11.69 -3.29
C TYR A 125 -4.75 11.14 -4.54
N SER A 126 -4.78 9.82 -4.68
CA SER A 126 -5.41 9.21 -5.84
C SER A 126 -5.72 7.74 -5.59
N VAL A 127 -6.65 7.20 -6.35
CA VAL A 127 -7.03 5.80 -6.23
C VAL A 127 -6.73 5.05 -7.52
N PHE A 128 -5.99 3.95 -7.41
CA PHE A 128 -5.62 3.17 -8.58
C PHE A 128 -6.79 2.29 -9.04
N GLN A 129 -7.20 2.47 -10.30
CA GLN A 129 -8.29 1.69 -10.86
C GLN A 129 -7.82 0.95 -12.10
N ASP A 130 -8.69 0.11 -12.65
CA ASP A 130 -8.34 -0.66 -13.85
C ASP A 130 -8.14 0.27 -15.04
N GLY A 131 -7.13 0.00 -15.85
CA GLY A 131 -6.83 0.81 -17.02
C GLY A 131 -7.18 0.08 -18.30
N SER A 132 -7.23 0.82 -19.41
CA SER A 132 -7.54 0.22 -20.70
C SER A 132 -6.54 -0.87 -21.05
N SER A 133 -7.04 -1.98 -21.59
CA SER A 133 -6.18 -3.09 -21.97
C SER A 133 -5.21 -2.66 -23.07
N HIS A 134 -5.60 -1.64 -23.83
CA HIS A 134 -4.75 -1.15 -24.91
C HIS A 134 -3.44 -0.62 -24.33
N THR A 135 -3.48 -0.29 -23.04
CA THR A 135 -2.32 0.23 -22.35
C THR A 135 -2.21 -0.44 -20.98
N PRO A 136 -1.99 -1.73 -20.99
CA PRO A 136 -1.88 -2.54 -19.75
C PRO A 136 -0.74 -2.10 -18.82
N PHE A 137 0.28 -1.47 -19.36
CA PHE A 137 1.41 -1.03 -18.54
C PHE A 137 1.13 0.31 -17.88
N ALA A 138 -0.14 0.70 -17.81
CA ALA A 138 -0.50 1.97 -17.20
C ALA A 138 -1.88 1.91 -16.57
N PRO A 139 -1.98 2.17 -15.30
CA PRO A 139 -3.27 2.16 -14.56
C PRO A 139 -4.10 3.43 -14.82
N PHE A 140 -5.32 3.44 -14.31
CA PHE A 140 -6.21 4.58 -14.47
C PHE A 140 -6.32 5.37 -13.16
N ILE A 141 -5.26 6.10 -12.84
CA ILE A 141 -5.23 6.87 -11.60
C ILE A 141 -6.35 7.91 -11.54
N VAL A 142 -7.09 7.90 -10.45
CA VAL A 142 -8.17 8.85 -10.26
C VAL A 142 -7.87 9.70 -9.02
N PRO A 143 -7.93 10.99 -9.14
CA PRO A 143 -7.64 11.93 -8.02
C PRO A 143 -8.73 11.94 -6.96
N LEU A 144 -8.32 11.87 -5.70
CA LEU A 144 -9.26 11.88 -4.58
C LEU A 144 -9.38 13.29 -3.98
N SER A 145 -10.59 13.67 -3.60
CA SER A 145 -10.81 14.99 -3.00
C SER A 145 -10.57 14.95 -1.49
N VAL A 146 -9.34 15.18 -1.10
CA VAL A 146 -8.98 15.18 0.31
C VAL A 146 -8.82 16.59 0.84
N ILE A 147 -9.62 16.94 1.84
CA ILE A 147 -9.55 18.26 2.44
C ILE A 147 -8.69 18.23 3.69
N ILE A 148 -8.88 17.20 4.50
CA ILE A 148 -8.12 17.05 5.74
C ILE A 148 -7.05 15.98 5.59
N CYS A 149 -5.82 16.40 5.32
CA CYS A 149 -4.73 15.44 5.17
C CYS A 149 -4.79 14.41 6.29
N PRO A 150 -4.93 13.16 5.94
CA PRO A 150 -5.02 12.05 6.93
C PRO A 150 -3.66 11.73 7.56
N ASP A 151 -3.63 11.71 8.89
CA ASP A 151 -2.41 11.40 9.62
C ASP A 151 -2.39 9.91 9.95
N ARG A 152 -3.51 9.26 9.70
CA ARG A 152 -3.64 7.81 9.95
C ARG A 152 -4.80 7.27 9.13
N VAL A 153 -4.52 6.25 8.31
CA VAL A 153 -5.56 5.66 7.48
C VAL A 153 -5.99 4.29 7.98
N GLY A 154 -7.30 4.07 8.01
CA GLY A 154 -7.86 2.80 8.47
C GLY A 154 -8.33 1.96 7.29
N VAL A 155 -7.86 0.71 7.22
CA VAL A 155 -8.23 -0.17 6.13
C VAL A 155 -9.17 -1.28 6.63
N PHE A 156 -10.31 -1.42 5.96
CA PHE A 156 -11.29 -2.43 6.32
C PHE A 156 -11.55 -3.34 5.12
N VAL A 157 -11.45 -4.65 5.34
CA VAL A 157 -11.67 -5.60 4.27
C VAL A 157 -12.78 -6.59 4.61
N ASP A 158 -13.77 -6.69 3.73
CA ASP A 158 -14.90 -7.59 3.94
C ASP A 158 -14.89 -8.70 2.90
N TYR A 159 -13.94 -9.63 3.04
CA TYR A 159 -13.81 -10.74 2.11
C TYR A 159 -15.19 -11.21 1.62
N GLU A 160 -16.03 -11.63 2.55
CA GLU A 160 -17.37 -12.10 2.21
C GLU A 160 -18.08 -11.13 1.27
N ALA A 161 -18.10 -9.86 1.65
CA ALA A 161 -18.76 -8.84 0.84
C ALA A 161 -17.87 -8.40 -0.32
N CYS A 162 -16.59 -8.74 -0.25
CA CYS A 162 -15.66 -8.37 -1.30
C CYS A 162 -15.59 -6.84 -1.42
N THR A 163 -15.15 -6.19 -0.35
CA THR A 163 -15.05 -4.74 -0.34
C THR A 163 -13.84 -4.26 0.46
N VAL A 164 -13.24 -3.18 -0.01
CA VAL A 164 -12.07 -2.61 0.67
C VAL A 164 -12.32 -1.12 0.91
N SER A 165 -12.49 -0.75 2.19
CA SER A 165 -12.77 0.63 2.53
C SER A 165 -11.56 1.32 3.17
N PHE A 166 -11.46 2.63 2.96
CA PHE A 166 -10.39 3.43 3.52
C PHE A 166 -10.99 4.56 4.36
N PHE A 167 -10.63 4.61 5.63
CA PHE A 167 -11.17 5.64 6.52
C PHE A 167 -10.12 6.69 6.86
N ASN A 168 -10.58 7.94 7.00
CA ASN A 168 -9.69 9.04 7.34
C ASN A 168 -9.76 9.33 8.84
N ILE A 169 -9.04 8.51 9.61
CA ILE A 169 -9.02 8.66 11.07
C ILE A 169 -8.91 10.13 11.48
N THR A 170 -8.09 10.89 10.76
CA THR A 170 -7.90 12.30 11.09
C THR A 170 -9.15 13.12 10.77
N ASN A 171 -10.00 12.61 9.90
CA ASN A 171 -11.21 13.32 9.52
C ASN A 171 -12.44 12.62 10.09
N HIS A 172 -12.52 12.56 11.42
CA HIS A 172 -13.66 11.92 12.07
C HIS A 172 -13.84 10.49 11.55
N GLY A 173 -12.83 9.99 10.85
CA GLY A 173 -12.87 8.65 10.31
C GLY A 173 -13.85 8.55 9.15
N PHE A 174 -13.96 9.63 8.38
CA PHE A 174 -14.86 9.64 7.24
C PHE A 174 -14.31 8.75 6.13
N LEU A 175 -15.21 8.09 5.40
CA LEU A 175 -14.79 7.21 4.31
C LEU A 175 -14.07 7.98 3.21
N ILE A 176 -12.94 7.45 2.77
CA ILE A 176 -12.15 8.08 1.72
C ILE A 176 -12.50 7.45 0.38
N TYR A 177 -12.46 6.13 0.34
CA TYR A 177 -12.78 5.38 -0.87
C TYR A 177 -13.18 3.96 -0.48
N LYS A 178 -13.91 3.28 -1.36
CA LYS A 178 -14.34 1.93 -1.06
C LYS A 178 -14.43 1.07 -2.32
N PHE A 179 -13.65 -0.01 -2.36
CA PHE A 179 -13.66 -0.91 -3.50
C PHE A 179 -14.81 -1.90 -3.38
N SER A 180 -15.69 -1.92 -4.37
CA SER A 180 -16.83 -2.83 -4.34
C SER A 180 -16.70 -3.91 -5.41
N GLN A 181 -17.36 -5.04 -5.16
CA GLN A 181 -17.32 -6.15 -6.10
C GLN A 181 -15.89 -6.53 -6.44
N CYS A 182 -15.07 -6.72 -5.41
CA CYS A 182 -13.67 -7.08 -5.62
C CYS A 182 -13.55 -8.57 -5.96
N SER A 183 -12.66 -8.88 -6.90
CA SER A 183 -12.45 -10.27 -7.30
C SER A 183 -11.62 -10.99 -6.26
N PHE A 184 -12.26 -11.40 -5.17
CA PHE A 184 -11.56 -12.10 -4.10
C PHE A 184 -11.56 -13.60 -4.36
N SER A 185 -10.87 -14.00 -5.43
CA SER A 185 -10.76 -15.41 -5.78
C SER A 185 -9.47 -15.99 -5.23
N LYS A 186 -8.61 -15.11 -4.73
CA LYS A 186 -7.33 -15.53 -4.18
C LYS A 186 -7.11 -14.87 -2.81
N PRO A 187 -6.15 -15.36 -2.07
CA PRO A 187 -5.85 -14.81 -0.72
C PRO A 187 -5.17 -13.45 -0.80
N VAL A 188 -5.74 -12.47 -0.11
CA VAL A 188 -5.19 -11.10 -0.13
C VAL A 188 -4.45 -10.80 1.17
N PHE A 189 -3.55 -9.82 1.09
CA PHE A 189 -2.78 -9.40 2.26
C PHE A 189 -2.73 -7.87 2.34
N PRO A 190 -2.47 -7.33 3.50
CA PRO A 190 -2.40 -5.86 3.68
C PRO A 190 -1.19 -5.29 2.95
N TYR A 191 -1.43 -4.34 2.05
CA TYR A 191 -0.35 -3.76 1.27
C TYR A 191 0.15 -2.44 1.86
N LEU A 192 1.47 -2.30 1.92
CA LEU A 192 2.09 -1.09 2.43
C LEU A 192 3.24 -0.69 1.52
N ASN A 193 3.45 0.61 1.33
CA ASN A 193 4.53 1.05 0.45
C ASN A 193 4.93 2.49 0.76
N PRO A 194 6.08 2.67 1.35
CA PRO A 194 6.62 4.02 1.69
C PRO A 194 6.61 4.93 0.47
N ARG A 195 6.93 4.36 -0.68
CA ARG A 195 6.98 5.12 -1.93
C ARG A 195 8.16 6.08 -1.91
N LYS A 196 9.36 5.52 -1.87
CA LYS A 196 10.58 6.33 -1.85
C LYS A 196 10.64 7.24 -0.62
N CYS A 197 9.48 7.52 -0.04
CA CYS A 197 9.43 8.39 1.13
C CYS A 197 10.23 7.76 2.28
N THR A 198 11.19 8.51 2.81
CA THR A 198 12.02 8.02 3.90
C THR A 198 11.26 7.97 5.22
N VAL A 199 10.16 8.72 5.29
CA VAL A 199 9.36 8.75 6.52
C VAL A 199 8.64 7.42 6.70
N PRO A 200 8.96 6.71 7.75
CA PRO A 200 8.36 5.38 8.05
C PRO A 200 6.86 5.40 8.32
N MET A 201 6.19 4.38 7.82
CA MET A 201 4.75 4.21 8.02
C MET A 201 4.48 3.07 8.99
N THR A 202 3.93 3.38 10.15
CA THR A 202 3.65 2.36 11.16
C THR A 202 2.20 1.88 11.14
N LEU A 203 1.93 0.87 12.00
CA LEU A 203 0.59 0.25 12.11
C LEU A 203 0.09 0.24 13.55
N CYS A 204 -0.38 1.37 14.06
CA CYS A 204 -0.88 1.37 15.42
C CYS A 204 -0.94 -0.07 15.96
N SER A 205 -2.15 -0.55 16.22
CA SER A 205 -2.32 -1.90 16.74
C SER A 205 -2.89 -1.79 18.17
N PRO A 206 -4.16 -2.03 18.26
CA PRO A 206 -4.95 -1.93 19.52
C PRO A 206 -4.72 -3.14 20.44
N THR A 2 -19.27 5.92 13.21
CA THR A 2 -20.23 4.79 13.08
C THR A 2 -19.64 3.73 12.16
N GLU A 3 -19.52 4.06 10.88
CA GLU A 3 -18.98 3.12 9.90
C GLU A 3 -17.56 2.71 10.28
N LEU A 4 -16.84 3.63 10.92
CA LEU A 4 -15.46 3.33 11.34
C LEU A 4 -15.47 2.57 12.66
N THR A 5 -16.43 2.88 13.50
CA THR A 5 -16.54 2.21 14.80
C THR A 5 -16.91 0.74 14.61
N ASP A 6 -17.76 0.46 13.63
CA ASP A 6 -18.18 -0.91 13.36
C ASP A 6 -17.04 -1.70 12.74
N ALA A 7 -16.23 -1.04 11.93
CA ALA A 7 -15.11 -1.70 11.27
C ALA A 7 -14.00 -1.98 12.28
N ARG A 8 -13.89 -1.13 13.30
CA ARG A 8 -12.86 -1.31 14.32
C ARG A 8 -13.16 -2.54 15.17
N ARG A 9 -14.36 -3.08 15.01
CA ARG A 9 -14.77 -4.27 15.76
C ARG A 9 -13.96 -5.47 15.31
N TYR A 10 -13.41 -5.39 14.10
CA TYR A 10 -12.61 -6.48 13.55
C TYR A 10 -11.14 -6.07 13.47
N TRP A 11 -10.68 -5.35 14.48
CA TRP A 11 -9.28 -4.90 14.51
C TRP A 11 -8.37 -6.11 14.69
N VAL A 12 -7.44 -6.28 13.76
CA VAL A 12 -6.52 -7.41 13.81
C VAL A 12 -5.07 -6.95 13.90
N ASP A 13 -4.25 -7.76 14.56
CA ASP A 13 -2.83 -7.45 14.71
C ASP A 13 -2.11 -7.83 13.42
N VAL A 14 -1.71 -6.82 12.65
CA VAL A 14 -1.03 -7.06 11.38
C VAL A 14 0.48 -6.85 11.50
N THR A 15 1.23 -7.83 10.98
CA THR A 15 2.69 -7.75 11.01
C THR A 15 3.24 -7.92 9.60
N LEU A 16 4.21 -7.08 9.25
CA LEU A 16 4.80 -7.14 7.92
C LEU A 16 5.67 -8.38 7.75
N ALA A 17 5.73 -8.89 6.52
CA ALA A 17 6.54 -10.07 6.23
C ALA A 17 7.72 -9.67 5.35
N THR A 18 8.92 -10.10 5.74
CA THR A 18 10.12 -9.77 4.99
C THR A 18 10.16 -10.50 3.65
N ASN A 19 10.23 -9.73 2.57
CA ASN A 19 10.29 -10.29 1.23
C ASN A 19 11.58 -9.87 0.54
N ASN A 20 12.00 -10.67 -0.45
CA ASN A 20 13.23 -10.37 -1.18
C ASN A 20 12.90 -9.88 -2.58
N ILE A 21 11.98 -8.93 -2.69
CA ILE A 21 11.59 -8.40 -4.00
C ILE A 21 11.37 -6.89 -3.91
N SER A 22 11.55 -6.33 -2.72
CA SER A 22 11.36 -4.91 -2.51
C SER A 22 12.58 -4.30 -1.82
N HIS A 23 12.82 -3.02 -2.05
CA HIS A 23 13.96 -2.35 -1.43
C HIS A 23 13.55 -1.71 -0.11
N ALA A 24 12.31 -1.98 0.30
CA ALA A 24 11.80 -1.44 1.56
C ALA A 24 12.59 -1.97 2.75
N VAL A 25 12.53 -1.24 3.86
CA VAL A 25 13.24 -1.65 5.07
C VAL A 25 12.25 -1.86 6.21
N ILE A 26 12.03 -3.11 6.59
CA ILE A 26 11.10 -3.43 7.65
C ILE A 26 11.78 -3.47 9.01
N ALA A 27 11.15 -2.85 10.00
CA ALA A 27 11.71 -2.81 11.35
C ALA A 27 11.89 -4.22 11.90
N GLU A 28 12.46 -4.32 13.09
CA GLU A 28 12.69 -5.61 13.71
C GLU A 28 11.37 -6.18 14.24
N ASP A 29 10.49 -5.30 14.70
CA ASP A 29 9.20 -5.72 15.24
C ASP A 29 8.22 -6.03 14.11
N LYS A 30 8.64 -5.78 12.88
CA LYS A 30 7.78 -6.03 11.73
C LYS A 30 6.51 -5.20 11.83
N ARG A 31 6.65 -3.99 12.39
CA ARG A 31 5.51 -3.11 12.56
C ARG A 31 5.81 -1.73 12.00
N GLN A 32 6.87 -1.64 11.18
CA GLN A 32 7.27 -0.37 10.59
C GLN A 32 8.06 -0.61 9.31
N VAL A 33 7.83 0.21 8.30
CA VAL A 33 8.55 0.07 7.03
C VAL A 33 8.85 1.44 6.42
N SER A 34 10.01 1.56 5.80
CA SER A 34 10.41 2.82 5.18
C SER A 34 11.19 2.56 3.90
N SER A 35 11.72 3.62 3.32
CA SER A 35 12.49 3.49 2.09
C SER A 35 13.92 4.01 2.28
N ARG A 36 14.75 3.81 1.26
CA ARG A 36 16.14 4.28 1.29
C ARG A 36 16.80 4.03 2.64
N ASN A 37 17.95 3.36 2.61
CA ASN A 37 18.69 3.06 3.84
C ASN A 37 19.80 4.08 4.09
N PRO A 38 20.46 4.53 3.07
CA PRO A 38 21.56 5.52 3.16
C PRO A 38 21.10 6.91 3.51
N GLN A 39 22.08 7.78 3.52
CA GLN A 39 21.88 9.18 3.77
C GLN A 39 22.00 9.90 2.46
N ILE A 40 22.91 9.39 1.65
CA ILE A 40 23.17 9.94 0.33
C ILE A 40 24.06 9.03 -0.49
N MET A 41 24.44 7.89 0.05
CA MET A 41 25.24 6.97 -0.73
C MET A 41 26.66 7.48 -0.94
N TYR A 42 27.04 8.47 -0.15
CA TYR A 42 28.39 9.04 -0.24
C TYR A 42 28.84 9.12 -1.71
N GLN A 43 27.88 9.16 -2.63
CA GLN A 43 28.19 9.24 -4.05
C GLN A 43 27.63 10.52 -4.67
N ALA A 44 26.57 11.02 -4.06
CA ALA A 44 25.90 12.23 -4.54
C ALA A 44 26.26 12.61 -5.97
N PRO A 45 25.47 12.20 -6.92
CA PRO A 45 25.65 12.54 -8.35
C PRO A 45 25.29 14.00 -8.54
N GLY A 46 25.26 14.72 -7.42
CA GLY A 46 24.91 16.13 -7.41
C GLY A 46 23.44 16.30 -7.03
N THR A 47 22.90 15.25 -6.44
CA THR A 47 21.49 15.24 -6.03
C THR A 47 21.37 14.59 -4.67
N LEU A 48 22.52 14.26 -4.10
CA LEU A 48 22.59 13.62 -2.80
C LEU A 48 21.61 12.47 -2.75
N PHE A 49 20.33 12.78 -2.68
CA PHE A 49 19.33 11.73 -2.69
C PHE A 49 19.68 10.87 -3.86
N THR A 50 20.49 11.45 -4.72
CA THR A 50 20.94 10.79 -5.90
C THR A 50 19.80 10.47 -6.81
N PHE A 51 19.60 9.20 -6.82
CA PHE A 51 18.60 8.55 -7.63
C PHE A 51 18.83 7.07 -7.48
N PRO A 52 18.64 6.51 -6.33
CA PRO A 52 18.97 5.10 -6.09
C PRO A 52 18.82 4.26 -7.35
N SER A 53 19.87 4.27 -8.14
CA SER A 53 19.88 3.51 -9.37
C SER A 53 20.01 2.04 -9.05
N LEU A 54 20.22 1.75 -7.77
CA LEU A 54 20.35 0.38 -7.32
C LEU A 54 19.03 -0.34 -7.54
N THR A 55 18.06 0.44 -8.00
CA THR A 55 16.71 -0.07 -8.28
C THR A 55 15.86 1.08 -8.81
N ASN A 56 16.16 2.28 -8.33
CA ASN A 56 15.46 3.49 -8.74
C ASN A 56 14.04 3.18 -9.21
N PHE A 57 14.01 2.78 -10.46
CA PHE A 57 12.80 2.46 -11.15
C PHE A 57 12.42 1.00 -10.96
N ASN A 58 13.36 0.10 -11.21
CA ASN A 58 13.11 -1.33 -11.06
C ASN A 58 12.69 -1.66 -9.63
N TYR A 59 11.81 -2.65 -9.51
CA TYR A 59 11.30 -3.09 -8.20
C TYR A 59 11.42 -1.98 -7.15
N CYS A 60 10.30 -1.30 -6.90
CA CYS A 60 10.29 -0.22 -5.92
C CYS A 60 10.42 -0.79 -4.51
N THR A 61 9.46 -0.45 -3.65
CA THR A 61 9.47 -0.92 -2.27
C THR A 61 8.07 -1.31 -1.83
N GLY A 62 7.67 -2.55 -2.12
CA GLY A 62 6.34 -3.02 -1.75
C GLY A 62 6.42 -4.19 -0.78
N VAL A 63 5.57 -4.15 0.25
CA VAL A 63 5.57 -5.22 1.25
C VAL A 63 4.13 -5.67 1.53
N LEU A 64 4.00 -6.90 2.00
CA LEU A 64 2.68 -7.45 2.31
C LEU A 64 2.63 -7.87 3.78
N GLY A 65 1.49 -8.41 4.21
CA GLY A 65 1.35 -8.84 5.59
C GLY A 65 1.90 -10.24 5.78
N SER A 66 2.04 -10.65 7.04
CA SER A 66 2.55 -11.97 7.35
C SER A 66 1.42 -13.01 7.33
N GLN A 67 0.20 -12.51 7.38
CA GLN A 67 -0.97 -13.39 7.37
C GLN A 67 -1.90 -13.03 6.21
N SER A 68 -2.39 -14.06 5.51
CA SER A 68 -3.27 -13.84 4.38
C SER A 68 -4.73 -13.77 4.84
N ILE A 69 -5.58 -13.18 4.01
CA ILE A 69 -7.00 -13.05 4.34
C ILE A 69 -7.84 -13.81 3.32
N THR A 70 -8.61 -14.80 3.80
CA THR A 70 -9.44 -15.60 2.91
C THR A 70 -10.87 -15.74 3.45
N SER A 71 -11.24 -14.87 4.38
CA SER A 71 -12.59 -14.93 4.94
C SER A 71 -12.70 -14.03 6.17
N GLY A 72 -13.94 -13.71 6.54
CA GLY A 72 -14.18 -12.86 7.70
C GLY A 72 -13.77 -11.42 7.40
N LYS A 73 -13.98 -10.53 8.37
CA LYS A 73 -13.62 -9.13 8.19
C LYS A 73 -12.31 -8.81 8.91
N HIS A 74 -11.57 -7.85 8.36
CA HIS A 74 -10.30 -7.45 8.95
C HIS A 74 -10.14 -5.94 8.91
N TYR A 75 -9.55 -5.38 9.95
CA TYR A 75 -9.34 -3.94 10.02
C TYR A 75 -8.04 -3.60 10.73
N TRP A 76 -7.28 -2.69 10.12
CA TRP A 76 -6.01 -2.26 10.69
C TRP A 76 -5.72 -0.82 10.26
N GLU A 77 -5.00 -0.08 11.11
CA GLU A 77 -4.68 1.30 10.80
C GLU A 77 -3.20 1.45 10.43
N VAL A 78 -2.91 2.48 9.64
CA VAL A 78 -1.54 2.75 9.21
C VAL A 78 -1.21 4.22 9.45
N ASP A 79 -0.13 4.47 10.17
CA ASP A 79 0.27 5.85 10.47
C ASP A 79 1.20 6.40 9.39
N VAL A 80 0.71 7.42 8.68
CA VAL A 80 1.50 8.05 7.63
C VAL A 80 1.69 9.53 7.96
N SER A 81 2.16 9.79 9.18
CA SER A 81 2.37 11.16 9.63
C SER A 81 3.68 11.73 9.08
N LYS A 82 3.59 12.91 8.46
CA LYS A 82 4.77 13.56 7.90
C LYS A 82 5.22 12.90 6.61
N LYS A 83 4.49 11.88 6.16
CA LYS A 83 4.84 11.19 4.93
C LYS A 83 4.33 11.99 3.73
N SER A 84 5.19 12.14 2.72
CA SER A 84 4.81 12.90 1.53
C SER A 84 4.39 11.99 0.39
N ALA A 85 4.41 10.69 0.62
CA ALA A 85 4.03 9.73 -0.41
C ALA A 85 4.01 8.31 0.15
N TRP A 86 3.03 7.52 -0.28
CA TRP A 86 2.91 6.15 0.19
C TRP A 86 1.73 5.44 -0.47
N ILE A 87 1.79 4.12 -0.53
CA ILE A 87 0.72 3.34 -1.12
C ILE A 87 0.28 2.25 -0.16
N LEU A 88 -1.01 2.26 0.19
CA LEU A 88 -1.54 1.27 1.12
C LEU A 88 -2.92 0.80 0.70
N GLY A 89 -3.27 -0.42 1.09
CA GLY A 89 -4.57 -0.99 0.76
C GLY A 89 -4.53 -2.51 0.90
N VAL A 90 -4.88 -3.21 -0.18
CA VAL A 90 -4.88 -4.66 -0.15
C VAL A 90 -4.27 -5.23 -1.44
N CYS A 91 -3.48 -6.30 -1.29
CA CYS A 91 -2.84 -6.92 -2.44
C CYS A 91 -3.01 -8.43 -2.40
N ALA A 92 -2.97 -9.06 -3.56
CA ALA A 92 -3.12 -10.51 -3.65
C ALA A 92 -1.76 -11.18 -3.77
N GLY A 93 -0.70 -10.38 -3.79
CA GLY A 93 0.66 -10.91 -3.89
C GLY A 93 1.40 -10.28 -5.06
N PHE A 94 2.67 -10.66 -5.21
CA PHE A 94 3.49 -10.15 -6.30
C PHE A 94 3.63 -11.19 -7.40
N GLN A 95 2.64 -12.07 -7.50
CA GLN A 95 2.67 -13.12 -8.51
C GLN A 95 2.62 -12.52 -9.91
N SER A 96 1.79 -11.49 -10.08
CA SER A 96 1.65 -10.84 -11.37
C SER A 96 2.28 -9.45 -11.34
N ASP A 97 3.53 -9.39 -10.90
CA ASP A 97 4.24 -8.12 -10.82
C ASP A 97 5.25 -7.99 -11.96
N ALA A 98 5.65 -9.13 -12.51
CA ALA A 98 6.62 -9.15 -13.59
C ALA A 98 5.91 -8.96 -14.94
N MET A 99 4.85 -9.72 -15.14
CA MET A 99 4.09 -9.64 -16.38
C MET A 99 3.69 -8.20 -16.72
N TYR A 100 3.27 -7.45 -15.69
CA TYR A 100 2.86 -6.07 -15.91
C TYR A 100 3.75 -5.09 -15.14
N ASN A 101 5.03 -5.41 -15.02
CA ASN A 101 5.94 -4.53 -14.30
C ASN A 101 5.14 -3.60 -13.39
N ILE A 102 4.42 -4.18 -12.44
CA ILE A 102 3.60 -3.40 -11.52
C ILE A 102 4.47 -2.53 -10.60
N GLU A 103 5.13 -3.19 -9.65
CA GLU A 103 5.98 -2.49 -8.68
C GLU A 103 6.97 -1.56 -9.38
N GLN A 104 7.50 -2.01 -10.52
CA GLN A 104 8.48 -1.22 -11.24
C GLN A 104 7.86 0.07 -11.80
N ASN A 105 6.64 -0.03 -12.31
CA ASN A 105 5.96 1.13 -12.89
C ASN A 105 4.66 1.44 -12.13
N GLU A 106 4.67 1.18 -10.83
CA GLU A 106 3.49 1.45 -10.01
C GLU A 106 2.21 1.16 -10.79
N ASN A 107 2.19 0.02 -11.47
CA ASN A 107 1.02 -0.37 -12.26
C ASN A 107 0.02 -1.12 -11.39
N TYR A 108 -0.49 -0.45 -10.36
CA TYR A 108 -1.45 -1.08 -9.46
C TYR A 108 -2.85 -1.08 -10.08
N GLN A 109 -3.45 -2.25 -10.16
CA GLN A 109 -4.78 -2.37 -10.74
C GLN A 109 -5.54 -3.52 -10.09
N PRO A 110 -6.80 -3.33 -9.83
CA PRO A 110 -7.66 -4.36 -9.19
C PRO A 110 -7.71 -5.64 -10.03
N LYS A 111 -7.53 -5.49 -11.34
CA LYS A 111 -7.54 -6.64 -12.24
C LYS A 111 -6.25 -7.42 -12.09
N TYR A 112 -5.25 -6.79 -11.46
CA TYR A 112 -3.96 -7.42 -11.23
C TYR A 112 -3.85 -7.89 -9.78
N GLY A 113 -4.87 -7.56 -8.98
CA GLY A 113 -4.87 -7.93 -7.58
C GLY A 113 -4.35 -6.77 -6.74
N TYR A 114 -4.80 -5.56 -7.05
CA TYR A 114 -4.36 -4.38 -6.34
C TYR A 114 -5.50 -3.42 -6.05
N TRP A 115 -5.82 -3.30 -4.76
CA TRP A 115 -6.88 -2.41 -4.31
C TRP A 115 -6.28 -1.40 -3.33
N VAL A 116 -5.58 -0.40 -3.84
CA VAL A 116 -4.94 0.57 -2.96
C VAL A 116 -5.12 2.01 -3.42
N ILE A 117 -4.76 2.92 -2.53
CA ILE A 117 -4.80 4.34 -2.79
C ILE A 117 -3.41 4.91 -2.53
N GLY A 118 -3.09 6.06 -3.12
CA GLY A 118 -1.75 6.61 -2.92
C GLY A 118 -1.73 8.12 -2.75
N LEU A 119 -0.61 8.60 -2.22
CA LEU A 119 -0.39 10.02 -2.01
C LEU A 119 0.98 10.39 -2.55
N GLN A 120 1.05 11.48 -3.31
CA GLN A 120 2.33 11.87 -3.90
C GLN A 120 2.50 13.39 -3.92
N GLU A 121 3.74 13.84 -3.78
CA GLU A 121 4.05 15.25 -3.79
C GLU A 121 3.65 15.92 -2.47
N GLY A 122 2.98 15.15 -1.61
CA GLY A 122 2.57 15.68 -0.31
C GLY A 122 1.07 15.95 -0.23
N VAL A 123 0.47 16.41 -1.33
CA VAL A 123 -0.96 16.72 -1.31
C VAL A 123 -1.68 16.17 -2.54
N LYS A 124 -1.13 15.12 -3.13
CA LYS A 124 -1.76 14.54 -4.31
C LYS A 124 -2.23 13.11 -4.03
N TYR A 125 -3.47 12.99 -3.58
CA TYR A 125 -4.07 11.69 -3.29
C TYR A 125 -4.75 11.14 -4.54
N SER A 126 -4.78 9.82 -4.68
CA SER A 126 -5.41 9.21 -5.84
C SER A 126 -5.72 7.74 -5.59
N VAL A 127 -6.65 7.20 -6.35
CA VAL A 127 -7.03 5.80 -6.23
C VAL A 127 -6.73 5.05 -7.52
N PHE A 128 -5.99 3.95 -7.41
CA PHE A 128 -5.62 3.17 -8.58
C PHE A 128 -6.79 2.29 -9.04
N GLN A 129 -7.20 2.47 -10.30
CA GLN A 129 -8.29 1.69 -10.86
C GLN A 129 -7.82 0.95 -12.10
N ASP A 130 -8.69 0.11 -12.65
CA ASP A 130 -8.34 -0.66 -13.85
C ASP A 130 -8.14 0.27 -15.04
N GLY A 131 -7.13 0.00 -15.85
CA GLY A 131 -6.83 0.81 -17.02
C GLY A 131 -7.18 0.08 -18.30
N SER A 132 -7.23 0.82 -19.41
CA SER A 132 -7.54 0.22 -20.70
C SER A 132 -6.54 -0.87 -21.05
N SER A 133 -7.04 -1.98 -21.59
CA SER A 133 -6.18 -3.09 -21.97
C SER A 133 -5.21 -2.66 -23.07
N HIS A 134 -5.60 -1.64 -23.83
CA HIS A 134 -4.75 -1.15 -24.91
C HIS A 134 -3.44 -0.62 -24.33
N THR A 135 -3.48 -0.29 -23.04
CA THR A 135 -2.32 0.23 -22.35
C THR A 135 -2.21 -0.44 -20.98
N PRO A 136 -1.99 -1.73 -20.99
CA PRO A 136 -1.88 -2.54 -19.75
C PRO A 136 -0.74 -2.10 -18.82
N PHE A 137 0.28 -1.47 -19.36
CA PHE A 137 1.41 -1.03 -18.54
C PHE A 137 1.13 0.31 -17.88
N ALA A 138 -0.14 0.70 -17.81
CA ALA A 138 -0.50 1.97 -17.20
C ALA A 138 -1.88 1.91 -16.57
N PRO A 139 -1.98 2.17 -15.30
CA PRO A 139 -3.27 2.16 -14.56
C PRO A 139 -4.10 3.43 -14.82
N PHE A 140 -5.32 3.44 -14.31
CA PHE A 140 -6.21 4.58 -14.47
C PHE A 140 -6.32 5.37 -13.16
N ILE A 141 -5.26 6.10 -12.84
CA ILE A 141 -5.23 6.87 -11.60
C ILE A 141 -6.35 7.91 -11.54
N VAL A 142 -7.09 7.90 -10.45
CA VAL A 142 -8.17 8.85 -10.26
C VAL A 142 -7.87 9.70 -9.02
N PRO A 143 -7.93 10.99 -9.14
CA PRO A 143 -7.64 11.93 -8.02
C PRO A 143 -8.73 11.94 -6.96
N LEU A 144 -8.32 11.87 -5.70
CA LEU A 144 -9.26 11.88 -4.58
C LEU A 144 -9.38 13.29 -3.98
N SER A 145 -10.59 13.67 -3.60
CA SER A 145 -10.81 14.99 -3.00
C SER A 145 -10.57 14.95 -1.49
N VAL A 146 -9.34 15.18 -1.10
CA VAL A 146 -8.98 15.18 0.31
C VAL A 146 -8.82 16.59 0.84
N ILE A 147 -9.62 16.94 1.84
CA ILE A 147 -9.55 18.26 2.44
C ILE A 147 -8.69 18.23 3.69
N ILE A 148 -8.88 17.20 4.50
CA ILE A 148 -8.12 17.05 5.74
C ILE A 148 -7.05 15.98 5.59
N CYS A 149 -5.82 16.40 5.32
CA CYS A 149 -4.73 15.44 5.17
C CYS A 149 -4.79 14.41 6.29
N PRO A 150 -4.93 13.16 5.94
CA PRO A 150 -5.02 12.05 6.93
C PRO A 150 -3.66 11.73 7.56
N ASP A 151 -3.63 11.71 8.89
CA ASP A 151 -2.41 11.40 9.62
C ASP A 151 -2.39 9.91 9.95
N ARG A 152 -3.51 9.26 9.70
CA ARG A 152 -3.64 7.81 9.95
C ARG A 152 -4.80 7.27 9.13
N VAL A 153 -4.52 6.25 8.31
CA VAL A 153 -5.56 5.66 7.48
C VAL A 153 -5.99 4.29 7.98
N GLY A 154 -7.30 4.07 8.01
CA GLY A 154 -7.86 2.80 8.47
C GLY A 154 -8.33 1.96 7.29
N VAL A 155 -7.86 0.71 7.22
CA VAL A 155 -8.23 -0.17 6.13
C VAL A 155 -9.17 -1.28 6.63
N PHE A 156 -10.31 -1.42 5.96
CA PHE A 156 -11.29 -2.43 6.32
C PHE A 156 -11.55 -3.34 5.12
N VAL A 157 -11.45 -4.65 5.34
CA VAL A 157 -11.67 -5.60 4.27
C VAL A 157 -12.78 -6.59 4.61
N ASP A 158 -13.77 -6.69 3.73
CA ASP A 158 -14.90 -7.59 3.94
C ASP A 158 -14.89 -8.70 2.90
N TYR A 159 -13.94 -9.63 3.04
CA TYR A 159 -13.81 -10.74 2.11
C TYR A 159 -15.19 -11.21 1.62
N GLU A 160 -16.03 -11.63 2.55
CA GLU A 160 -17.37 -12.10 2.21
C GLU A 160 -18.08 -11.13 1.27
N ALA A 161 -18.10 -9.86 1.65
CA ALA A 161 -18.76 -8.84 0.84
C ALA A 161 -17.87 -8.40 -0.32
N CYS A 162 -16.59 -8.74 -0.25
CA CYS A 162 -15.66 -8.37 -1.30
C CYS A 162 -15.59 -6.84 -1.42
N THR A 163 -15.15 -6.19 -0.35
CA THR A 163 -15.05 -4.74 -0.34
C THR A 163 -13.84 -4.26 0.46
N VAL A 164 -13.24 -3.18 -0.01
CA VAL A 164 -12.07 -2.61 0.67
C VAL A 164 -12.32 -1.12 0.91
N SER A 165 -12.49 -0.75 2.19
CA SER A 165 -12.77 0.63 2.53
C SER A 165 -11.56 1.32 3.17
N PHE A 166 -11.46 2.63 2.96
CA PHE A 166 -10.39 3.43 3.52
C PHE A 166 -10.99 4.56 4.36
N PHE A 167 -10.63 4.61 5.63
CA PHE A 167 -11.17 5.64 6.52
C PHE A 167 -10.12 6.69 6.86
N ASN A 168 -10.58 7.94 7.00
CA ASN A 168 -9.69 9.04 7.34
C ASN A 168 -9.76 9.33 8.84
N ILE A 169 -9.04 8.51 9.61
CA ILE A 169 -9.02 8.66 11.07
C ILE A 169 -8.91 10.13 11.48
N THR A 170 -8.09 10.89 10.76
CA THR A 170 -7.90 12.30 11.09
C THR A 170 -9.15 13.12 10.77
N ASN A 171 -10.00 12.61 9.90
CA ASN A 171 -11.21 13.32 9.52
C ASN A 171 -12.44 12.62 10.09
N HIS A 172 -12.52 12.56 11.42
CA HIS A 172 -13.66 11.92 12.07
C HIS A 172 -13.84 10.49 11.55
N GLY A 173 -12.83 9.99 10.85
CA GLY A 173 -12.87 8.65 10.31
C GLY A 173 -13.85 8.55 9.15
N PHE A 174 -13.96 9.63 8.38
CA PHE A 174 -14.86 9.64 7.24
C PHE A 174 -14.31 8.75 6.13
N LEU A 175 -15.21 8.09 5.40
CA LEU A 175 -14.79 7.21 4.31
C LEU A 175 -14.07 7.98 3.21
N ILE A 176 -12.94 7.45 2.77
CA ILE A 176 -12.15 8.08 1.72
C ILE A 176 -12.50 7.45 0.38
N TYR A 177 -12.46 6.13 0.34
CA TYR A 177 -12.78 5.38 -0.87
C TYR A 177 -13.18 3.96 -0.48
N LYS A 178 -13.91 3.28 -1.36
CA LYS A 178 -14.34 1.93 -1.06
C LYS A 178 -14.43 1.07 -2.32
N PHE A 179 -13.65 -0.01 -2.36
CA PHE A 179 -13.66 -0.91 -3.50
C PHE A 179 -14.81 -1.90 -3.38
N SER A 180 -15.69 -1.92 -4.37
CA SER A 180 -16.83 -2.83 -4.34
C SER A 180 -16.70 -3.91 -5.41
N GLN A 181 -17.36 -5.04 -5.16
CA GLN A 181 -17.32 -6.15 -6.10
C GLN A 181 -15.89 -6.53 -6.44
N CYS A 182 -15.07 -6.72 -5.41
CA CYS A 182 -13.67 -7.08 -5.62
C CYS A 182 -13.55 -8.57 -5.96
N SER A 183 -12.66 -8.88 -6.90
CA SER A 183 -12.45 -10.27 -7.30
C SER A 183 -11.62 -10.99 -6.26
N PHE A 184 -12.26 -11.40 -5.17
CA PHE A 184 -11.56 -12.10 -4.10
C PHE A 184 -11.56 -13.60 -4.36
N SER A 185 -10.87 -14.00 -5.43
CA SER A 185 -10.76 -15.41 -5.78
C SER A 185 -9.47 -15.99 -5.23
N LYS A 186 -8.61 -15.11 -4.73
CA LYS A 186 -7.33 -15.53 -4.18
C LYS A 186 -7.11 -14.87 -2.81
N PRO A 187 -6.15 -15.36 -2.07
CA PRO A 187 -5.85 -14.81 -0.72
C PRO A 187 -5.17 -13.45 -0.80
N VAL A 188 -5.74 -12.47 -0.11
CA VAL A 188 -5.19 -11.10 -0.13
C VAL A 188 -4.45 -10.80 1.17
N PHE A 189 -3.55 -9.82 1.09
CA PHE A 189 -2.78 -9.40 2.26
C PHE A 189 -2.73 -7.87 2.34
N PRO A 190 -2.47 -7.33 3.50
CA PRO A 190 -2.40 -5.86 3.68
C PRO A 190 -1.19 -5.29 2.95
N TYR A 191 -1.43 -4.34 2.05
CA TYR A 191 -0.35 -3.76 1.27
C TYR A 191 0.15 -2.44 1.86
N LEU A 192 1.47 -2.30 1.92
CA LEU A 192 2.09 -1.09 2.43
C LEU A 192 3.24 -0.69 1.52
N ASN A 193 3.45 0.61 1.33
CA ASN A 193 4.53 1.05 0.45
C ASN A 193 4.93 2.49 0.76
N PRO A 194 6.08 2.67 1.35
CA PRO A 194 6.62 4.02 1.69
C PRO A 194 6.61 4.93 0.47
N ARG A 195 6.93 4.36 -0.68
CA ARG A 195 6.98 5.12 -1.93
C ARG A 195 8.16 6.08 -1.91
N LYS A 196 9.36 5.53 -1.87
CA LYS A 196 10.58 6.33 -1.86
C LYS A 196 10.63 7.25 -0.64
N CYS A 197 9.48 7.52 -0.04
CA CYS A 197 9.43 8.39 1.13
C CYS A 197 10.23 7.76 2.28
N THR A 198 11.19 8.52 2.80
CA THR A 198 12.03 8.02 3.89
C THR A 198 11.26 7.97 5.22
N VAL A 199 10.16 8.72 5.29
CA VAL A 199 9.36 8.75 6.52
C VAL A 199 8.64 7.42 6.70
N PRO A 200 8.96 6.71 7.75
CA PRO A 200 8.36 5.38 8.05
C PRO A 200 6.86 5.40 8.32
N MET A 201 6.19 4.38 7.82
CA MET A 201 4.75 4.21 8.02
C MET A 201 4.48 3.07 8.99
N THR A 202 3.93 3.38 10.15
CA THR A 202 3.65 2.36 11.16
C THR A 202 2.20 1.88 11.14
N LEU A 203 1.93 0.87 12.00
CA LEU A 203 0.59 0.25 12.11
C LEU A 203 0.09 0.24 13.55
N CYS A 204 -0.38 1.37 14.06
CA CYS A 204 -0.88 1.37 15.42
C CYS A 204 -0.94 -0.07 15.96
N SER A 205 -2.15 -0.55 16.22
CA SER A 205 -2.32 -1.90 16.74
C SER A 205 -2.89 -1.79 18.17
N PRO A 206 -4.16 -2.03 18.26
CA PRO A 206 -4.95 -1.93 19.52
C PRO A 206 -4.72 -3.14 20.44
N THR A 2 -19.27 5.92 13.21
CA THR A 2 -20.23 4.79 13.08
C THR A 2 -19.64 3.73 12.16
N GLU A 3 -19.52 4.06 10.88
CA GLU A 3 -18.98 3.12 9.90
C GLU A 3 -17.56 2.71 10.28
N LEU A 4 -16.84 3.63 10.92
CA LEU A 4 -15.46 3.33 11.34
C LEU A 4 -15.47 2.57 12.66
N THR A 5 -16.43 2.88 13.50
CA THR A 5 -16.54 2.21 14.80
C THR A 5 -16.91 0.74 14.61
N ASP A 6 -17.76 0.46 13.63
CA ASP A 6 -18.18 -0.91 13.36
C ASP A 6 -17.04 -1.70 12.74
N ALA A 7 -16.23 -1.04 11.93
CA ALA A 7 -15.11 -1.70 11.27
C ALA A 7 -14.00 -1.98 12.28
N ARG A 8 -13.89 -1.13 13.30
CA ARG A 8 -12.86 -1.31 14.32
C ARG A 8 -13.16 -2.54 15.17
N ARG A 9 -14.36 -3.08 15.01
CA ARG A 9 -14.77 -4.27 15.76
C ARG A 9 -13.96 -5.47 15.31
N TYR A 10 -13.41 -5.39 14.10
CA TYR A 10 -12.61 -6.48 13.55
C TYR A 10 -11.14 -6.07 13.47
N TRP A 11 -10.68 -5.35 14.48
CA TRP A 11 -9.28 -4.90 14.51
C TRP A 11 -8.37 -6.11 14.69
N VAL A 12 -7.44 -6.28 13.76
CA VAL A 12 -6.52 -7.41 13.81
C VAL A 12 -5.07 -6.95 13.90
N ASP A 13 -4.25 -7.76 14.56
CA ASP A 13 -2.83 -7.45 14.71
C ASP A 13 -2.11 -7.83 13.42
N VAL A 14 -1.71 -6.82 12.65
CA VAL A 14 -1.03 -7.06 11.38
C VAL A 14 0.48 -6.85 11.50
N THR A 15 1.23 -7.83 10.98
CA THR A 15 2.69 -7.75 11.01
C THR A 15 3.24 -7.92 9.60
N LEU A 16 4.21 -7.08 9.25
CA LEU A 16 4.80 -7.14 7.92
C LEU A 16 5.67 -8.38 7.75
N ALA A 17 5.73 -8.89 6.52
CA ALA A 17 6.54 -10.07 6.23
C ALA A 17 7.72 -9.67 5.35
N THR A 18 8.92 -10.10 5.74
CA THR A 18 10.12 -9.77 4.99
C THR A 18 10.16 -10.50 3.65
N ASN A 19 10.23 -9.73 2.57
CA ASN A 19 10.29 -10.29 1.23
C ASN A 19 11.58 -9.87 0.54
N ASN A 20 12.00 -10.66 -0.45
CA ASN A 20 13.23 -10.37 -1.18
C ASN A 20 12.90 -9.88 -2.59
N ILE A 21 11.98 -8.93 -2.69
CA ILE A 21 11.59 -8.40 -4.00
C ILE A 21 11.37 -6.89 -3.91
N SER A 22 11.55 -6.33 -2.72
CA SER A 22 11.36 -4.91 -2.51
C SER A 22 12.58 -4.30 -1.82
N HIS A 23 12.81 -3.02 -2.06
CA HIS A 23 13.95 -2.33 -1.47
C HIS A 23 13.53 -1.68 -0.14
N ALA A 24 12.31 -1.98 0.30
CA ALA A 24 11.80 -1.44 1.56
C ALA A 24 12.59 -1.97 2.75
N VAL A 25 12.53 -1.24 3.86
CA VAL A 25 13.23 -1.63 5.08
C VAL A 25 12.24 -1.85 6.21
N ILE A 26 12.03 -3.11 6.59
CA ILE A 26 11.10 -3.43 7.65
C ILE A 26 11.78 -3.47 9.01
N ALA A 27 11.15 -2.85 10.00
CA ALA A 27 11.71 -2.81 11.35
C ALA A 27 11.89 -4.22 11.90
N GLU A 28 12.46 -4.32 13.09
CA GLU A 28 12.69 -5.61 13.71
C GLU A 28 11.37 -6.18 14.24
N ASP A 29 10.49 -5.30 14.70
CA ASP A 29 9.20 -5.72 15.24
C ASP A 29 8.22 -6.03 14.11
N LYS A 30 8.64 -5.78 12.88
CA LYS A 30 7.78 -6.03 11.73
C LYS A 30 6.51 -5.20 11.83
N ARG A 31 6.65 -3.99 12.39
CA ARG A 31 5.51 -3.11 12.56
C ARG A 31 5.81 -1.73 12.00
N GLN A 32 6.87 -1.64 11.18
CA GLN A 32 7.27 -0.37 10.59
C GLN A 32 8.06 -0.61 9.31
N VAL A 33 7.83 0.21 8.30
CA VAL A 33 8.55 0.07 7.03
C VAL A 33 8.85 1.44 6.42
N SER A 34 10.01 1.56 5.80
CA SER A 34 10.41 2.82 5.18
C SER A 34 11.19 2.56 3.90
N SER A 35 11.72 3.62 3.32
CA SER A 35 12.49 3.49 2.09
C SER A 35 13.92 4.01 2.28
N ARG A 36 14.77 3.78 1.31
CA ARG A 36 16.17 4.22 1.40
C ARG A 36 16.94 3.26 2.31
N ASN A 37 17.58 2.27 1.70
CA ASN A 37 18.32 1.26 2.46
C ASN A 37 19.50 1.88 3.23
N PRO A 38 19.94 1.23 4.28
CA PRO A 38 21.09 1.71 5.11
C PRO A 38 22.43 1.36 4.47
N GLN A 39 23.07 0.29 4.97
CA GLN A 39 24.35 -0.13 4.44
C GLN A 39 24.18 -0.59 3.00
N ILE A 40 23.20 -1.47 2.78
CA ILE A 40 22.90 -1.96 1.44
C ILE A 40 21.68 -2.85 1.47
N MET A 41 20.70 -2.48 2.25
CA MET A 41 19.51 -3.28 2.28
C MET A 41 19.86 -4.66 2.80
N TYR A 42 21.09 -4.78 3.27
CA TYR A 42 21.58 -6.03 3.78
C TYR A 42 21.28 -7.14 2.78
N GLN A 43 21.06 -6.72 1.54
CA GLN A 43 20.77 -7.66 0.46
C GLN A 43 22.03 -8.01 -0.32
N ALA A 44 22.85 -7.00 -0.53
CA ALA A 44 24.11 -7.16 -1.28
C ALA A 44 24.13 -8.45 -2.10
N PRO A 45 23.78 -8.37 -3.35
CA PRO A 45 23.79 -9.56 -4.26
C PRO A 45 25.22 -9.98 -4.58
N GLY A 46 26.08 -9.88 -3.57
CA GLY A 46 27.48 -10.24 -3.73
C GLY A 46 28.37 -9.05 -3.47
N THR A 47 28.30 -8.08 -4.36
CA THR A 47 29.07 -6.87 -4.21
C THR A 47 28.53 -6.08 -3.06
N LEU A 48 27.37 -5.50 -3.30
CA LEU A 48 26.70 -4.71 -2.31
C LEU A 48 25.58 -3.89 -2.92
N PHE A 49 25.92 -2.69 -3.32
CA PHE A 49 24.94 -1.83 -3.96
C PHE A 49 24.48 -2.54 -5.19
N THR A 50 25.49 -2.89 -5.96
CA THR A 50 25.29 -3.61 -7.18
C THR A 50 24.30 -2.93 -8.08
N PHE A 51 23.19 -3.58 -8.12
CA PHE A 51 22.06 -3.23 -8.96
C PHE A 51 21.05 -4.33 -8.74
N PRO A 52 20.51 -4.46 -7.55
CA PRO A 52 19.59 -5.56 -7.23
C PRO A 52 18.69 -5.93 -8.40
N SER A 53 19.22 -6.71 -9.33
CA SER A 53 18.45 -7.11 -10.49
C SER A 53 17.19 -7.85 -10.06
N LEU A 54 17.23 -8.40 -8.85
CA LEU A 54 16.09 -9.12 -8.31
C LEU A 54 14.83 -8.31 -8.56
N THR A 55 15.06 -7.05 -8.84
CA THR A 55 14.00 -6.10 -9.12
C THR A 55 14.64 -4.84 -9.69
N ASN A 56 15.79 -4.50 -9.11
CA ASN A 56 16.54 -3.33 -9.54
C ASN A 56 15.64 -2.17 -9.78
N PHE A 57 16.20 -1.15 -10.39
CA PHE A 57 15.42 -0.01 -10.76
C PHE A 57 14.57 0.46 -9.58
N ASN A 58 15.18 1.31 -8.75
CA ASN A 58 14.51 1.84 -7.56
C ASN A 58 13.10 2.35 -7.88
N TYR A 59 12.47 2.94 -6.87
CA TYR A 59 11.12 3.48 -7.02
C TYR A 59 10.08 2.36 -6.95
N CYS A 60 9.73 1.96 -5.73
CA CYS A 60 8.75 0.90 -5.53
C CYS A 60 8.65 0.52 -4.05
N THR A 61 9.46 -0.45 -3.65
CA THR A 61 9.47 -0.92 -2.27
C THR A 61 8.07 -1.31 -1.83
N GLY A 62 7.67 -2.55 -2.12
CA GLY A 62 6.34 -3.02 -1.75
C GLY A 62 6.42 -4.19 -0.78
N VAL A 63 5.57 -4.15 0.25
CA VAL A 63 5.57 -5.22 1.25
C VAL A 63 4.13 -5.67 1.53
N LEU A 64 4.00 -6.90 2.00
CA LEU A 64 2.68 -7.45 2.31
C LEU A 64 2.63 -7.87 3.78
N GLY A 65 1.49 -8.41 4.21
CA GLY A 65 1.35 -8.84 5.59
C GLY A 65 1.90 -10.24 5.78
N SER A 66 2.04 -10.65 7.04
CA SER A 66 2.55 -11.97 7.35
C SER A 66 1.42 -13.01 7.33
N GLN A 67 0.20 -12.51 7.38
CA GLN A 67 -0.97 -13.39 7.37
C GLN A 67 -1.90 -13.03 6.21
N SER A 68 -2.39 -14.06 5.51
CA SER A 68 -3.27 -13.84 4.38
C SER A 68 -4.73 -13.77 4.84
N ILE A 69 -5.58 -13.18 4.01
CA ILE A 69 -7.00 -13.05 4.34
C ILE A 69 -7.84 -13.81 3.32
N THR A 70 -8.61 -14.80 3.80
CA THR A 70 -9.44 -15.60 2.91
C THR A 70 -10.87 -15.74 3.45
N SER A 71 -11.24 -14.87 4.38
CA SER A 71 -12.59 -14.93 4.94
C SER A 71 -12.70 -14.03 6.17
N GLY A 72 -13.94 -13.71 6.54
CA GLY A 72 -14.18 -12.86 7.70
C GLY A 72 -13.77 -11.42 7.40
N LYS A 73 -13.98 -10.53 8.37
CA LYS A 73 -13.62 -9.13 8.19
C LYS A 73 -12.31 -8.81 8.91
N HIS A 74 -11.57 -7.85 8.36
CA HIS A 74 -10.30 -7.45 8.95
C HIS A 74 -10.14 -5.94 8.91
N TYR A 75 -9.55 -5.38 9.95
CA TYR A 75 -9.34 -3.94 10.02
C TYR A 75 -8.04 -3.60 10.73
N TRP A 76 -7.28 -2.69 10.12
CA TRP A 76 -6.01 -2.26 10.69
C TRP A 76 -5.72 -0.82 10.26
N GLU A 77 -5.00 -0.08 11.11
CA GLU A 77 -4.68 1.30 10.80
C GLU A 77 -3.20 1.45 10.43
N VAL A 78 -2.91 2.48 9.64
CA VAL A 78 -1.54 2.75 9.21
C VAL A 78 -1.21 4.22 9.45
N ASP A 79 -0.13 4.47 10.17
CA ASP A 79 0.27 5.85 10.47
C ASP A 79 1.20 6.40 9.39
N VAL A 80 0.71 7.42 8.68
CA VAL A 80 1.50 8.05 7.63
C VAL A 80 1.69 9.53 7.96
N SER A 81 2.16 9.79 9.18
CA SER A 81 2.37 11.16 9.63
C SER A 81 3.68 11.73 9.08
N LYS A 82 3.59 12.91 8.46
CA LYS A 82 4.77 13.56 7.90
C LYS A 82 5.22 12.90 6.61
N LYS A 83 4.49 11.88 6.16
CA LYS A 83 4.84 11.19 4.93
C LYS A 83 4.33 11.99 3.73
N SER A 84 5.19 12.14 2.72
CA SER A 84 4.81 12.90 1.53
C SER A 84 4.39 11.99 0.39
N ALA A 85 4.41 10.69 0.62
CA ALA A 85 4.03 9.73 -0.41
C ALA A 85 4.01 8.31 0.15
N TRP A 86 3.03 7.52 -0.28
CA TRP A 86 2.91 6.15 0.19
C TRP A 86 1.73 5.44 -0.47
N ILE A 87 1.79 4.12 -0.53
CA ILE A 87 0.72 3.34 -1.12
C ILE A 87 0.28 2.25 -0.16
N LEU A 88 -1.01 2.26 0.19
CA LEU A 88 -1.54 1.27 1.12
C LEU A 88 -2.92 0.80 0.70
N GLY A 89 -3.27 -0.42 1.09
CA GLY A 89 -4.57 -0.99 0.76
C GLY A 89 -4.53 -2.51 0.90
N VAL A 90 -4.88 -3.21 -0.18
CA VAL A 90 -4.88 -4.66 -0.15
C VAL A 90 -4.27 -5.23 -1.44
N CYS A 91 -3.48 -6.30 -1.29
CA CYS A 91 -2.84 -6.92 -2.44
C CYS A 91 -3.01 -8.43 -2.40
N ALA A 92 -2.97 -9.06 -3.56
CA ALA A 92 -3.12 -10.51 -3.65
C ALA A 92 -1.76 -11.18 -3.77
N GLY A 93 -0.70 -10.38 -3.79
CA GLY A 93 0.66 -10.91 -3.89
C GLY A 93 1.40 -10.28 -5.06
N PHE A 94 2.67 -10.66 -5.21
CA PHE A 94 3.49 -10.15 -6.30
C PHE A 94 3.63 -11.19 -7.40
N GLN A 95 2.64 -12.07 -7.50
CA GLN A 95 2.67 -13.12 -8.51
C GLN A 95 2.62 -12.52 -9.91
N SER A 96 1.79 -11.49 -10.08
CA SER A 96 1.65 -10.84 -11.37
C SER A 96 2.28 -9.45 -11.34
N ASP A 97 3.53 -9.39 -10.90
CA ASP A 97 4.24 -8.12 -10.82
C ASP A 97 5.25 -7.99 -11.96
N ALA A 98 5.65 -9.13 -12.51
CA ALA A 98 6.62 -9.15 -13.59
C ALA A 98 5.91 -8.96 -14.94
N MET A 99 4.85 -9.72 -15.14
CA MET A 99 4.09 -9.64 -16.38
C MET A 99 3.69 -8.20 -16.72
N TYR A 100 3.27 -7.45 -15.69
CA TYR A 100 2.86 -6.07 -15.91
C TYR A 100 3.75 -5.09 -15.14
N ASN A 101 5.03 -5.41 -15.02
CA ASN A 101 5.94 -4.53 -14.30
C ASN A 101 5.14 -3.60 -13.39
N ILE A 102 4.42 -4.18 -12.44
CA ILE A 102 3.60 -3.40 -11.52
C ILE A 102 4.47 -2.53 -10.60
N GLU A 103 5.13 -3.19 -9.65
CA GLU A 103 5.98 -2.49 -8.68
C GLU A 103 6.97 -1.56 -9.38
N GLN A 104 7.51 -2.00 -10.51
CA GLN A 104 8.48 -1.20 -11.23
C GLN A 104 7.86 0.08 -11.78
N ASN A 105 6.64 -0.03 -12.31
CA ASN A 105 5.96 1.13 -12.89
C ASN A 105 4.66 1.44 -12.13
N GLU A 106 4.67 1.18 -10.83
CA GLU A 106 3.49 1.45 -10.01
C GLU A 106 2.21 1.16 -10.79
N ASN A 107 2.19 0.02 -11.47
CA ASN A 107 1.02 -0.37 -12.26
C ASN A 107 0.02 -1.12 -11.39
N TYR A 108 -0.49 -0.45 -10.36
CA TYR A 108 -1.45 -1.08 -9.46
C TYR A 108 -2.85 -1.08 -10.08
N GLN A 109 -3.45 -2.25 -10.16
CA GLN A 109 -4.78 -2.37 -10.74
C GLN A 109 -5.54 -3.52 -10.09
N PRO A 110 -6.80 -3.33 -9.83
CA PRO A 110 -7.66 -4.36 -9.19
C PRO A 110 -7.71 -5.64 -10.03
N LYS A 111 -7.53 -5.49 -11.34
CA LYS A 111 -7.54 -6.64 -12.24
C LYS A 111 -6.25 -7.42 -12.09
N TYR A 112 -5.25 -6.79 -11.46
CA TYR A 112 -3.96 -7.42 -11.23
C TYR A 112 -3.85 -7.89 -9.78
N GLY A 113 -4.87 -7.56 -8.98
CA GLY A 113 -4.87 -7.93 -7.58
C GLY A 113 -4.35 -6.77 -6.74
N TYR A 114 -4.80 -5.56 -7.05
CA TYR A 114 -4.36 -4.38 -6.34
C TYR A 114 -5.50 -3.42 -6.05
N TRP A 115 -5.82 -3.30 -4.76
CA TRP A 115 -6.88 -2.41 -4.31
C TRP A 115 -6.28 -1.40 -3.33
N VAL A 116 -5.58 -0.40 -3.84
CA VAL A 116 -4.94 0.57 -2.96
C VAL A 116 -5.12 2.01 -3.42
N ILE A 117 -4.76 2.92 -2.53
CA ILE A 117 -4.80 4.34 -2.79
C ILE A 117 -3.41 4.91 -2.53
N GLY A 118 -3.09 6.06 -3.12
CA GLY A 118 -1.75 6.61 -2.92
C GLY A 118 -1.73 8.12 -2.75
N LEU A 119 -0.61 8.60 -2.22
CA LEU A 119 -0.39 10.02 -2.01
C LEU A 119 0.98 10.39 -2.55
N GLN A 120 1.05 11.48 -3.31
CA GLN A 120 2.33 11.87 -3.90
C GLN A 120 2.50 13.39 -3.92
N GLU A 121 3.74 13.84 -3.78
CA GLU A 121 4.05 15.25 -3.79
C GLU A 121 3.65 15.92 -2.47
N GLY A 122 2.98 15.15 -1.61
CA GLY A 122 2.57 15.68 -0.31
C GLY A 122 1.07 15.95 -0.23
N VAL A 123 0.47 16.41 -1.33
CA VAL A 123 -0.96 16.72 -1.31
C VAL A 123 -1.68 16.17 -2.54
N LYS A 124 -1.13 15.12 -3.13
CA LYS A 124 -1.76 14.54 -4.31
C LYS A 124 -2.23 13.11 -4.03
N TYR A 125 -3.47 12.99 -3.58
CA TYR A 125 -4.07 11.69 -3.29
C TYR A 125 -4.75 11.14 -4.54
N SER A 126 -4.78 9.82 -4.68
CA SER A 126 -5.41 9.21 -5.84
C SER A 126 -5.72 7.74 -5.59
N VAL A 127 -6.65 7.20 -6.35
CA VAL A 127 -7.03 5.80 -6.23
C VAL A 127 -6.73 5.05 -7.52
N PHE A 128 -5.99 3.95 -7.41
CA PHE A 128 -5.62 3.17 -8.58
C PHE A 128 -6.79 2.29 -9.04
N GLN A 129 -7.20 2.47 -10.30
CA GLN A 129 -8.29 1.69 -10.86
C GLN A 129 -7.82 0.95 -12.10
N ASP A 130 -8.69 0.11 -12.65
CA ASP A 130 -8.34 -0.66 -13.85
C ASP A 130 -8.14 0.27 -15.04
N GLY A 131 -7.13 0.00 -15.85
CA GLY A 131 -6.83 0.81 -17.02
C GLY A 131 -7.18 0.08 -18.30
N SER A 132 -7.23 0.82 -19.41
CA SER A 132 -7.54 0.22 -20.70
C SER A 132 -6.54 -0.87 -21.05
N SER A 133 -7.04 -1.98 -21.59
CA SER A 133 -6.18 -3.09 -21.97
C SER A 133 -5.21 -2.66 -23.07
N HIS A 134 -5.60 -1.64 -23.83
CA HIS A 134 -4.75 -1.15 -24.91
C HIS A 134 -3.44 -0.62 -24.33
N THR A 135 -3.48 -0.29 -23.04
CA THR A 135 -2.32 0.23 -22.35
C THR A 135 -2.21 -0.44 -20.98
N PRO A 136 -1.99 -1.73 -20.99
CA PRO A 136 -1.88 -2.54 -19.75
C PRO A 136 -0.74 -2.10 -18.82
N PHE A 137 0.28 -1.47 -19.36
CA PHE A 137 1.41 -1.03 -18.54
C PHE A 137 1.13 0.31 -17.88
N ALA A 138 -0.14 0.70 -17.81
CA ALA A 138 -0.50 1.97 -17.20
C ALA A 138 -1.88 1.91 -16.57
N PRO A 139 -1.98 2.17 -15.30
CA PRO A 139 -3.27 2.16 -14.56
C PRO A 139 -4.10 3.43 -14.82
N PHE A 140 -5.32 3.44 -14.31
CA PHE A 140 -6.21 4.58 -14.47
C PHE A 140 -6.32 5.37 -13.16
N ILE A 141 -5.26 6.10 -12.84
CA ILE A 141 -5.23 6.87 -11.60
C ILE A 141 -6.35 7.91 -11.54
N VAL A 142 -7.09 7.90 -10.45
CA VAL A 142 -8.17 8.85 -10.26
C VAL A 142 -7.87 9.70 -9.02
N PRO A 143 -7.93 10.99 -9.14
CA PRO A 143 -7.64 11.93 -8.02
C PRO A 143 -8.73 11.94 -6.96
N LEU A 144 -8.32 11.87 -5.70
CA LEU A 144 -9.26 11.88 -4.58
C LEU A 144 -9.38 13.29 -3.98
N SER A 145 -10.59 13.67 -3.60
CA SER A 145 -10.81 14.99 -3.00
C SER A 145 -10.57 14.95 -1.49
N VAL A 146 -9.34 15.18 -1.10
CA VAL A 146 -8.98 15.18 0.31
C VAL A 146 -8.82 16.59 0.84
N ILE A 147 -9.62 16.94 1.84
CA ILE A 147 -9.55 18.26 2.44
C ILE A 147 -8.69 18.23 3.69
N ILE A 148 -8.88 17.20 4.50
CA ILE A 148 -8.12 17.05 5.74
C ILE A 148 -7.05 15.98 5.59
N CYS A 149 -5.82 16.40 5.32
CA CYS A 149 -4.73 15.44 5.17
C CYS A 149 -4.79 14.41 6.29
N PRO A 150 -4.93 13.16 5.94
CA PRO A 150 -5.02 12.05 6.93
C PRO A 150 -3.66 11.73 7.56
N ASP A 151 -3.63 11.71 8.89
CA ASP A 151 -2.41 11.40 9.62
C ASP A 151 -2.39 9.91 9.95
N ARG A 152 -3.51 9.26 9.70
CA ARG A 152 -3.64 7.81 9.95
C ARG A 152 -4.80 7.27 9.13
N VAL A 153 -4.52 6.25 8.31
CA VAL A 153 -5.56 5.66 7.48
C VAL A 153 -5.99 4.29 7.98
N GLY A 154 -7.30 4.07 8.01
CA GLY A 154 -7.86 2.80 8.47
C GLY A 154 -8.33 1.96 7.29
N VAL A 155 -7.86 0.71 7.22
CA VAL A 155 -8.23 -0.17 6.13
C VAL A 155 -9.17 -1.28 6.63
N PHE A 156 -10.31 -1.42 5.96
CA PHE A 156 -11.29 -2.43 6.32
C PHE A 156 -11.55 -3.34 5.12
N VAL A 157 -11.45 -4.65 5.34
CA VAL A 157 -11.67 -5.60 4.27
C VAL A 157 -12.78 -6.59 4.61
N ASP A 158 -13.77 -6.69 3.73
CA ASP A 158 -14.90 -7.59 3.94
C ASP A 158 -14.89 -8.70 2.90
N TYR A 159 -13.94 -9.63 3.04
CA TYR A 159 -13.81 -10.74 2.11
C TYR A 159 -15.19 -11.21 1.62
N GLU A 160 -16.03 -11.63 2.55
CA GLU A 160 -17.37 -12.10 2.21
C GLU A 160 -18.08 -11.13 1.27
N ALA A 161 -18.10 -9.86 1.65
CA ALA A 161 -18.76 -8.84 0.84
C ALA A 161 -17.87 -8.40 -0.32
N CYS A 162 -16.59 -8.74 -0.25
CA CYS A 162 -15.66 -8.37 -1.30
C CYS A 162 -15.59 -6.84 -1.42
N THR A 163 -15.15 -6.19 -0.35
CA THR A 163 -15.05 -4.74 -0.34
C THR A 163 -13.84 -4.26 0.46
N VAL A 164 -13.24 -3.18 -0.01
CA VAL A 164 -12.07 -2.61 0.67
C VAL A 164 -12.32 -1.12 0.91
N SER A 165 -12.49 -0.75 2.19
CA SER A 165 -12.77 0.63 2.53
C SER A 165 -11.56 1.32 3.17
N PHE A 166 -11.46 2.63 2.96
CA PHE A 166 -10.39 3.43 3.52
C PHE A 166 -10.99 4.56 4.36
N PHE A 167 -10.63 4.61 5.63
CA PHE A 167 -11.17 5.64 6.52
C PHE A 167 -10.12 6.69 6.86
N ASN A 168 -10.58 7.94 7.00
CA ASN A 168 -9.69 9.04 7.34
C ASN A 168 -9.76 9.33 8.84
N ILE A 169 -9.04 8.51 9.61
CA ILE A 169 -9.02 8.66 11.07
C ILE A 169 -8.91 10.13 11.48
N THR A 170 -8.09 10.89 10.76
CA THR A 170 -7.90 12.30 11.09
C THR A 170 -9.15 13.12 10.77
N ASN A 171 -10.00 12.61 9.90
CA ASN A 171 -11.21 13.32 9.52
C ASN A 171 -12.44 12.62 10.09
N HIS A 172 -12.52 12.56 11.42
CA HIS A 172 -13.66 11.92 12.07
C HIS A 172 -13.84 10.49 11.55
N GLY A 173 -12.83 9.99 10.85
CA GLY A 173 -12.87 8.65 10.31
C GLY A 173 -13.85 8.55 9.15
N PHE A 174 -13.96 9.63 8.38
CA PHE A 174 -14.86 9.64 7.24
C PHE A 174 -14.31 8.75 6.13
N LEU A 175 -15.21 8.09 5.40
CA LEU A 175 -14.79 7.21 4.31
C LEU A 175 -14.07 7.98 3.21
N ILE A 176 -12.94 7.45 2.77
CA ILE A 176 -12.15 8.08 1.72
C ILE A 176 -12.50 7.45 0.38
N TYR A 177 -12.46 6.13 0.34
CA TYR A 177 -12.78 5.38 -0.87
C TYR A 177 -13.18 3.96 -0.48
N LYS A 178 -13.91 3.28 -1.36
CA LYS A 178 -14.34 1.93 -1.06
C LYS A 178 -14.43 1.07 -2.32
N PHE A 179 -13.65 -0.01 -2.36
CA PHE A 179 -13.66 -0.91 -3.50
C PHE A 179 -14.81 -1.90 -3.38
N SER A 180 -15.69 -1.92 -4.37
CA SER A 180 -16.83 -2.83 -4.34
C SER A 180 -16.70 -3.91 -5.41
N GLN A 181 -17.36 -5.04 -5.16
CA GLN A 181 -17.32 -6.15 -6.10
C GLN A 181 -15.89 -6.53 -6.44
N CYS A 182 -15.07 -6.72 -5.41
CA CYS A 182 -13.67 -7.08 -5.62
C CYS A 182 -13.55 -8.57 -5.96
N SER A 183 -12.66 -8.88 -6.90
CA SER A 183 -12.45 -10.27 -7.30
C SER A 183 -11.62 -10.99 -6.26
N PHE A 184 -12.26 -11.40 -5.17
CA PHE A 184 -11.56 -12.10 -4.10
C PHE A 184 -11.56 -13.60 -4.36
N SER A 185 -10.87 -14.00 -5.43
CA SER A 185 -10.76 -15.41 -5.78
C SER A 185 -9.47 -15.99 -5.23
N LYS A 186 -8.61 -15.11 -4.73
CA LYS A 186 -7.33 -15.53 -4.18
C LYS A 186 -7.11 -14.87 -2.81
N PRO A 187 -6.15 -15.36 -2.07
CA PRO A 187 -5.85 -14.81 -0.72
C PRO A 187 -5.17 -13.45 -0.80
N VAL A 188 -5.74 -12.47 -0.11
CA VAL A 188 -5.19 -11.10 -0.13
C VAL A 188 -4.45 -10.80 1.17
N PHE A 189 -3.55 -9.82 1.09
CA PHE A 189 -2.78 -9.40 2.26
C PHE A 189 -2.73 -7.87 2.34
N PRO A 190 -2.47 -7.33 3.50
CA PRO A 190 -2.40 -5.86 3.68
C PRO A 190 -1.19 -5.29 2.95
N TYR A 191 -1.43 -4.34 2.05
CA TYR A 191 -0.35 -3.76 1.27
C TYR A 191 0.15 -2.44 1.86
N LEU A 192 1.47 -2.30 1.92
CA LEU A 192 2.09 -1.09 2.43
C LEU A 192 3.24 -0.69 1.52
N ASN A 193 3.45 0.61 1.33
CA ASN A 193 4.53 1.05 0.45
C ASN A 193 4.93 2.49 0.76
N PRO A 194 6.08 2.67 1.35
CA PRO A 194 6.62 4.02 1.69
C PRO A 194 6.61 4.93 0.47
N ARG A 195 6.93 4.36 -0.68
CA ARG A 195 6.98 5.12 -1.93
C ARG A 195 8.16 6.08 -1.91
N LYS A 196 9.36 5.52 -1.87
CA LYS A 196 10.58 6.33 -1.86
C LYS A 196 10.64 7.24 -0.62
N CYS A 197 9.48 7.52 -0.04
CA CYS A 197 9.43 8.39 1.13
C CYS A 197 10.23 7.76 2.28
N THR A 198 11.19 8.51 2.81
CA THR A 198 12.02 8.01 3.89
C THR A 198 11.25 7.96 5.21
N VAL A 199 10.16 8.72 5.29
CA VAL A 199 9.36 8.75 6.52
C VAL A 199 8.64 7.42 6.70
N PRO A 200 8.96 6.71 7.75
CA PRO A 200 8.36 5.38 8.05
C PRO A 200 6.86 5.40 8.32
N MET A 201 6.19 4.38 7.82
CA MET A 201 4.75 4.21 8.02
C MET A 201 4.48 3.07 8.99
N THR A 202 3.93 3.38 10.15
CA THR A 202 3.65 2.36 11.16
C THR A 202 2.20 1.88 11.14
N LEU A 203 1.93 0.87 12.00
CA LEU A 203 0.59 0.25 12.11
C LEU A 203 0.09 0.24 13.55
N CYS A 204 -0.38 1.37 14.06
CA CYS A 204 -0.88 1.37 15.42
C CYS A 204 -0.94 -0.07 15.96
N SER A 205 -2.15 -0.55 16.22
CA SER A 205 -2.32 -1.90 16.74
C SER A 205 -2.89 -1.79 18.17
N PRO A 206 -4.16 -2.03 18.26
CA PRO A 206 -4.95 -1.93 19.52
C PRO A 206 -4.72 -3.14 20.44
N THR A 2 -19.27 5.92 13.21
CA THR A 2 -20.23 4.79 13.08
C THR A 2 -19.64 3.73 12.16
N GLU A 3 -19.52 4.06 10.88
CA GLU A 3 -18.98 3.12 9.90
C GLU A 3 -17.56 2.71 10.28
N LEU A 4 -16.84 3.63 10.92
CA LEU A 4 -15.46 3.33 11.34
C LEU A 4 -15.47 2.57 12.66
N THR A 5 -16.43 2.88 13.50
CA THR A 5 -16.54 2.21 14.80
C THR A 5 -16.91 0.74 14.61
N ASP A 6 -17.76 0.46 13.63
CA ASP A 6 -18.18 -0.91 13.36
C ASP A 6 -17.04 -1.70 12.74
N ALA A 7 -16.23 -1.04 11.93
CA ALA A 7 -15.11 -1.70 11.27
C ALA A 7 -14.00 -1.98 12.28
N ARG A 8 -13.89 -1.13 13.30
CA ARG A 8 -12.86 -1.31 14.32
C ARG A 8 -13.16 -2.54 15.17
N ARG A 9 -14.36 -3.08 15.01
CA ARG A 9 -14.77 -4.27 15.76
C ARG A 9 -13.96 -5.47 15.31
N TYR A 10 -13.41 -5.39 14.10
CA TYR A 10 -12.61 -6.48 13.55
C TYR A 10 -11.14 -6.07 13.47
N TRP A 11 -10.68 -5.35 14.48
CA TRP A 11 -9.28 -4.90 14.51
C TRP A 11 -8.37 -6.11 14.69
N VAL A 12 -7.44 -6.28 13.76
CA VAL A 12 -6.52 -7.41 13.81
C VAL A 12 -5.07 -6.95 13.90
N ASP A 13 -4.25 -7.76 14.56
CA ASP A 13 -2.83 -7.45 14.71
C ASP A 13 -2.11 -7.83 13.42
N VAL A 14 -1.71 -6.82 12.65
CA VAL A 14 -1.03 -7.06 11.38
C VAL A 14 0.48 -6.85 11.50
N THR A 15 1.23 -7.83 10.98
CA THR A 15 2.69 -7.75 11.01
C THR A 15 3.24 -7.92 9.60
N LEU A 16 4.21 -7.08 9.25
CA LEU A 16 4.80 -7.14 7.92
C LEU A 16 5.67 -8.38 7.75
N ALA A 17 5.73 -8.89 6.52
CA ALA A 17 6.54 -10.07 6.23
C ALA A 17 7.72 -9.67 5.35
N THR A 18 8.92 -10.10 5.74
CA THR A 18 10.12 -9.77 4.99
C THR A 18 10.16 -10.50 3.65
N ASN A 19 10.23 -9.73 2.57
CA ASN A 19 10.29 -10.29 1.23
C ASN A 19 11.58 -9.87 0.54
N ASN A 20 12.00 -10.66 -0.45
CA ASN A 20 13.23 -10.36 -1.17
C ASN A 20 12.91 -9.87 -2.59
N ILE A 21 11.98 -8.93 -2.69
CA ILE A 21 11.59 -8.40 -4.00
C ILE A 21 11.37 -6.89 -3.91
N SER A 22 11.55 -6.33 -2.72
CA SER A 22 11.36 -4.91 -2.51
C SER A 22 12.58 -4.30 -1.82
N HIS A 23 12.81 -3.01 -2.06
CA HIS A 23 13.95 -2.32 -1.45
C HIS A 23 13.53 -1.70 -0.12
N ALA A 24 12.31 -1.98 0.30
CA ALA A 24 11.80 -1.44 1.56
C ALA A 24 12.59 -1.97 2.75
N VAL A 25 12.53 -1.24 3.86
CA VAL A 25 13.24 -1.65 5.07
C VAL A 25 12.24 -1.86 6.22
N ILE A 26 12.03 -3.11 6.59
CA ILE A 26 11.10 -3.43 7.65
C ILE A 26 11.78 -3.47 9.01
N ALA A 27 11.15 -2.85 10.00
CA ALA A 27 11.71 -2.81 11.35
C ALA A 27 11.89 -4.22 11.90
N GLU A 28 12.46 -4.32 13.09
CA GLU A 28 12.69 -5.61 13.71
C GLU A 28 11.37 -6.18 14.24
N ASP A 29 10.49 -5.30 14.70
CA ASP A 29 9.20 -5.72 15.24
C ASP A 29 8.22 -6.03 14.11
N LYS A 30 8.64 -5.78 12.88
CA LYS A 30 7.78 -6.03 11.73
C LYS A 30 6.51 -5.20 11.83
N ARG A 31 6.65 -3.99 12.39
CA ARG A 31 5.51 -3.11 12.56
C ARG A 31 5.81 -1.73 12.00
N GLN A 32 6.87 -1.64 11.18
CA GLN A 32 7.27 -0.37 10.59
C GLN A 32 8.06 -0.61 9.31
N VAL A 33 7.83 0.21 8.30
CA VAL A 33 8.55 0.07 7.03
C VAL A 33 8.85 1.44 6.42
N SER A 34 10.01 1.56 5.80
CA SER A 34 10.41 2.82 5.18
C SER A 34 11.19 2.56 3.90
N SER A 35 11.72 3.62 3.32
CA SER A 35 12.49 3.49 2.09
C SER A 35 13.92 4.01 2.28
N ARG A 36 14.77 3.77 1.29
CA ARG A 36 16.18 4.22 1.36
C ARG A 36 17.10 3.18 0.75
N ASN A 37 18.39 3.42 0.89
CA ASN A 37 19.42 2.51 0.39
C ASN A 37 20.40 2.20 1.51
N PRO A 38 21.20 1.16 1.37
CA PRO A 38 22.21 0.76 2.40
C PRO A 38 22.91 1.96 3.02
N GLN A 39 24.18 1.80 3.36
CA GLN A 39 24.92 2.90 3.93
C GLN A 39 25.17 3.88 2.81
N ILE A 40 25.44 3.29 1.65
CA ILE A 40 25.68 4.05 0.44
C ILE A 40 25.84 3.11 -0.74
N MET A 41 25.61 1.81 -0.53
CA MET A 41 25.68 0.87 -1.61
C MET A 41 27.12 0.64 -2.05
N TYR A 42 28.05 1.18 -1.29
CA TYR A 42 29.45 1.02 -1.63
C TYR A 42 29.62 1.24 -3.13
N GLN A 43 28.72 2.06 -3.70
CA GLN A 43 28.73 2.34 -5.12
C GLN A 43 28.61 3.84 -5.41
N ALA A 44 28.08 4.60 -4.45
CA ALA A 44 27.86 6.04 -4.62
C ALA A 44 28.12 6.47 -6.05
N PRO A 45 27.08 6.60 -6.83
CA PRO A 45 27.22 7.05 -8.24
C PRO A 45 27.73 8.48 -8.30
N GLY A 46 28.34 8.91 -7.20
CA GLY A 46 28.89 10.25 -7.10
C GLY A 46 28.34 10.99 -5.89
N THR A 47 27.02 11.09 -5.80
CA THR A 47 26.39 11.77 -4.68
C THR A 47 25.85 10.81 -3.67
N LEU A 48 26.47 9.66 -3.58
CA LEU A 48 26.05 8.70 -2.61
C LEU A 48 24.63 8.27 -2.86
N PHE A 49 23.73 8.79 -2.05
CA PHE A 49 22.33 8.48 -2.21
C PHE A 49 22.03 8.61 -3.66
N THR A 50 22.54 9.71 -4.14
CA THR A 50 22.42 10.06 -5.52
C THR A 50 21.00 9.98 -6.00
N PHE A 51 20.81 8.90 -6.69
CA PHE A 51 19.58 8.55 -7.35
C PHE A 51 19.90 7.33 -8.19
N PRO A 52 20.17 6.21 -7.57
CA PRO A 52 20.59 5.01 -8.32
C PRO A 52 19.87 4.87 -9.65
N SER A 53 20.40 5.54 -10.65
CA SER A 53 19.80 5.48 -11.96
C SER A 53 20.01 4.11 -12.56
N LEU A 54 20.92 3.35 -11.95
CA LEU A 54 21.19 2.00 -12.38
C LEU A 54 19.88 1.27 -12.59
N THR A 55 18.83 1.87 -12.06
CA THR A 55 17.49 1.35 -12.14
C THR A 55 16.53 2.36 -11.54
N ASN A 56 17.00 3.05 -10.50
CA ASN A 56 16.19 4.06 -9.84
C ASN A 56 14.75 3.65 -9.82
N PHE A 57 13.91 4.66 -9.79
CA PHE A 57 12.47 4.49 -9.89
C PHE A 57 12.03 3.07 -9.57
N ASN A 58 12.37 2.13 -10.45
CA ASN A 58 12.00 0.73 -10.26
C ASN A 58 12.02 0.34 -8.79
N TYR A 59 11.38 -0.79 -8.48
CA TYR A 59 11.32 -1.27 -7.10
C TYR A 59 10.69 -0.22 -6.19
N CYS A 60 9.37 -0.09 -6.31
CA CYS A 60 8.63 0.89 -5.51
C CYS A 60 8.56 0.45 -4.05
N THR A 61 9.46 -0.45 -3.65
CA THR A 61 9.47 -0.92 -2.27
C THR A 61 8.07 -1.31 -1.83
N GLY A 62 7.67 -2.55 -2.12
CA GLY A 62 6.34 -3.02 -1.75
C GLY A 62 6.42 -4.19 -0.78
N VAL A 63 5.57 -4.15 0.25
CA VAL A 63 5.57 -5.22 1.25
C VAL A 63 4.13 -5.67 1.53
N LEU A 64 4.00 -6.90 2.00
CA LEU A 64 2.68 -7.45 2.31
C LEU A 64 2.63 -7.87 3.78
N GLY A 65 1.49 -8.41 4.21
CA GLY A 65 1.35 -8.84 5.59
C GLY A 65 1.90 -10.24 5.78
N SER A 66 2.04 -10.65 7.04
CA SER A 66 2.55 -11.97 7.35
C SER A 66 1.42 -13.01 7.33
N GLN A 67 0.20 -12.51 7.38
CA GLN A 67 -0.97 -13.39 7.37
C GLN A 67 -1.90 -13.03 6.21
N SER A 68 -2.39 -14.06 5.51
CA SER A 68 -3.27 -13.84 4.38
C SER A 68 -4.73 -13.77 4.84
N ILE A 69 -5.58 -13.18 4.01
CA ILE A 69 -7.00 -13.05 4.34
C ILE A 69 -7.84 -13.81 3.32
N THR A 70 -8.61 -14.80 3.80
CA THR A 70 -9.44 -15.60 2.91
C THR A 70 -10.87 -15.74 3.45
N SER A 71 -11.24 -14.87 4.38
CA SER A 71 -12.59 -14.93 4.94
C SER A 71 -12.70 -14.03 6.17
N GLY A 72 -13.94 -13.71 6.54
CA GLY A 72 -14.18 -12.86 7.70
C GLY A 72 -13.77 -11.42 7.40
N LYS A 73 -13.98 -10.53 8.37
CA LYS A 73 -13.62 -9.13 8.19
C LYS A 73 -12.31 -8.81 8.91
N HIS A 74 -11.57 -7.85 8.36
CA HIS A 74 -10.30 -7.45 8.95
C HIS A 74 -10.14 -5.94 8.91
N TYR A 75 -9.55 -5.38 9.95
CA TYR A 75 -9.34 -3.94 10.02
C TYR A 75 -8.04 -3.60 10.73
N TRP A 76 -7.28 -2.69 10.12
CA TRP A 76 -6.01 -2.26 10.69
C TRP A 76 -5.72 -0.82 10.26
N GLU A 77 -5.00 -0.08 11.11
CA GLU A 77 -4.68 1.30 10.80
C GLU A 77 -3.20 1.45 10.43
N VAL A 78 -2.91 2.48 9.64
CA VAL A 78 -1.54 2.75 9.21
C VAL A 78 -1.21 4.22 9.45
N ASP A 79 -0.13 4.47 10.17
CA ASP A 79 0.27 5.85 10.47
C ASP A 79 1.20 6.40 9.39
N VAL A 80 0.71 7.42 8.68
CA VAL A 80 1.50 8.05 7.63
C VAL A 80 1.69 9.53 7.96
N SER A 81 2.16 9.79 9.18
CA SER A 81 2.37 11.16 9.63
C SER A 81 3.68 11.73 9.08
N LYS A 82 3.59 12.91 8.46
CA LYS A 82 4.77 13.56 7.90
C LYS A 82 5.22 12.90 6.61
N LYS A 83 4.49 11.88 6.16
CA LYS A 83 4.84 11.19 4.93
C LYS A 83 4.33 11.99 3.73
N SER A 84 5.19 12.14 2.72
CA SER A 84 4.81 12.90 1.53
C SER A 84 4.39 11.99 0.39
N ALA A 85 4.41 10.69 0.62
CA ALA A 85 4.03 9.73 -0.41
C ALA A 85 4.01 8.31 0.15
N TRP A 86 3.03 7.52 -0.28
CA TRP A 86 2.91 6.15 0.19
C TRP A 86 1.73 5.44 -0.47
N ILE A 87 1.79 4.12 -0.53
CA ILE A 87 0.72 3.34 -1.12
C ILE A 87 0.28 2.25 -0.16
N LEU A 88 -1.01 2.26 0.19
CA LEU A 88 -1.54 1.27 1.12
C LEU A 88 -2.92 0.80 0.70
N GLY A 89 -3.27 -0.42 1.09
CA GLY A 89 -4.57 -0.99 0.76
C GLY A 89 -4.53 -2.51 0.90
N VAL A 90 -4.88 -3.21 -0.18
CA VAL A 90 -4.88 -4.66 -0.15
C VAL A 90 -4.27 -5.23 -1.44
N CYS A 91 -3.48 -6.30 -1.29
CA CYS A 91 -2.84 -6.92 -2.44
C CYS A 91 -3.01 -8.43 -2.40
N ALA A 92 -2.97 -9.06 -3.56
CA ALA A 92 -3.12 -10.51 -3.65
C ALA A 92 -1.76 -11.18 -3.77
N GLY A 93 -0.70 -10.38 -3.79
CA GLY A 93 0.66 -10.91 -3.89
C GLY A 93 1.40 -10.28 -5.06
N PHE A 94 2.67 -10.66 -5.21
CA PHE A 94 3.49 -10.15 -6.30
C PHE A 94 3.63 -11.19 -7.40
N GLN A 95 2.64 -12.07 -7.50
CA GLN A 95 2.67 -13.12 -8.51
C GLN A 95 2.62 -12.52 -9.91
N SER A 96 1.79 -11.49 -10.08
CA SER A 96 1.65 -10.84 -11.37
C SER A 96 2.28 -9.45 -11.34
N ASP A 97 3.53 -9.39 -10.90
CA ASP A 97 4.24 -8.12 -10.82
C ASP A 97 5.25 -7.99 -11.96
N ALA A 98 5.65 -9.13 -12.51
CA ALA A 98 6.62 -9.15 -13.59
C ALA A 98 5.91 -8.96 -14.94
N MET A 99 4.85 -9.72 -15.14
CA MET A 99 4.09 -9.64 -16.38
C MET A 99 3.69 -8.20 -16.72
N TYR A 100 3.27 -7.45 -15.69
CA TYR A 100 2.86 -6.07 -15.91
C TYR A 100 3.75 -5.09 -15.14
N ASN A 101 5.03 -5.41 -15.02
CA ASN A 101 5.94 -4.53 -14.30
C ASN A 101 5.14 -3.60 -13.39
N ILE A 102 4.42 -4.18 -12.44
CA ILE A 102 3.60 -3.40 -11.52
C ILE A 102 4.47 -2.53 -10.60
N GLU A 103 5.13 -3.19 -9.65
CA GLU A 103 5.98 -2.49 -8.68
C GLU A 103 6.97 -1.56 -9.38
N GLN A 104 7.51 -2.00 -10.51
CA GLN A 104 8.48 -1.20 -11.24
C GLN A 104 7.86 0.07 -11.80
N ASN A 105 6.64 -0.03 -12.31
CA ASN A 105 5.96 1.13 -12.89
C ASN A 105 4.66 1.44 -12.13
N GLU A 106 4.67 1.18 -10.83
CA GLU A 106 3.49 1.45 -10.01
C GLU A 106 2.21 1.16 -10.79
N ASN A 107 2.19 0.02 -11.47
CA ASN A 107 1.02 -0.37 -12.26
C ASN A 107 0.02 -1.12 -11.39
N TYR A 108 -0.49 -0.45 -10.36
CA TYR A 108 -1.45 -1.08 -9.46
C TYR A 108 -2.85 -1.08 -10.08
N GLN A 109 -3.45 -2.25 -10.16
CA GLN A 109 -4.78 -2.37 -10.74
C GLN A 109 -5.54 -3.52 -10.09
N PRO A 110 -6.80 -3.33 -9.83
CA PRO A 110 -7.66 -4.36 -9.19
C PRO A 110 -7.71 -5.64 -10.03
N LYS A 111 -7.53 -5.49 -11.34
CA LYS A 111 -7.54 -6.64 -12.24
C LYS A 111 -6.25 -7.42 -12.09
N TYR A 112 -5.25 -6.79 -11.46
CA TYR A 112 -3.96 -7.42 -11.23
C TYR A 112 -3.85 -7.89 -9.78
N GLY A 113 -4.87 -7.56 -8.98
CA GLY A 113 -4.87 -7.93 -7.58
C GLY A 113 -4.35 -6.77 -6.74
N TYR A 114 -4.80 -5.56 -7.05
CA TYR A 114 -4.36 -4.38 -6.34
C TYR A 114 -5.50 -3.42 -6.05
N TRP A 115 -5.82 -3.30 -4.76
CA TRP A 115 -6.88 -2.41 -4.31
C TRP A 115 -6.28 -1.40 -3.33
N VAL A 116 -5.58 -0.40 -3.84
CA VAL A 116 -4.94 0.57 -2.96
C VAL A 116 -5.12 2.01 -3.42
N ILE A 117 -4.76 2.92 -2.53
CA ILE A 117 -4.80 4.34 -2.79
C ILE A 117 -3.41 4.91 -2.53
N GLY A 118 -3.09 6.06 -3.12
CA GLY A 118 -1.75 6.61 -2.92
C GLY A 118 -1.73 8.12 -2.75
N LEU A 119 -0.61 8.60 -2.22
CA LEU A 119 -0.39 10.02 -2.01
C LEU A 119 0.98 10.39 -2.55
N GLN A 120 1.05 11.48 -3.31
CA GLN A 120 2.33 11.87 -3.90
C GLN A 120 2.50 13.39 -3.92
N GLU A 121 3.74 13.84 -3.78
CA GLU A 121 4.05 15.25 -3.79
C GLU A 121 3.65 15.92 -2.47
N GLY A 122 2.98 15.15 -1.61
CA GLY A 122 2.57 15.68 -0.31
C GLY A 122 1.07 15.95 -0.23
N VAL A 123 0.47 16.41 -1.33
CA VAL A 123 -0.96 16.72 -1.31
C VAL A 123 -1.68 16.17 -2.54
N LYS A 124 -1.13 15.12 -3.13
CA LYS A 124 -1.76 14.54 -4.31
C LYS A 124 -2.23 13.11 -4.03
N TYR A 125 -3.47 12.99 -3.58
CA TYR A 125 -4.07 11.69 -3.29
C TYR A 125 -4.75 11.14 -4.54
N SER A 126 -4.78 9.82 -4.68
CA SER A 126 -5.41 9.21 -5.84
C SER A 126 -5.72 7.74 -5.59
N VAL A 127 -6.65 7.20 -6.35
CA VAL A 127 -7.03 5.80 -6.23
C VAL A 127 -6.73 5.05 -7.52
N PHE A 128 -5.99 3.95 -7.41
CA PHE A 128 -5.62 3.17 -8.58
C PHE A 128 -6.79 2.29 -9.04
N GLN A 129 -7.20 2.47 -10.30
CA GLN A 129 -8.29 1.69 -10.86
C GLN A 129 -7.82 0.95 -12.10
N ASP A 130 -8.69 0.11 -12.65
CA ASP A 130 -8.34 -0.66 -13.85
C ASP A 130 -8.14 0.27 -15.04
N GLY A 131 -7.13 0.00 -15.85
CA GLY A 131 -6.83 0.81 -17.02
C GLY A 131 -7.18 0.08 -18.30
N SER A 132 -7.23 0.82 -19.41
CA SER A 132 -7.54 0.22 -20.70
C SER A 132 -6.54 -0.87 -21.05
N SER A 133 -7.04 -1.98 -21.59
CA SER A 133 -6.18 -3.09 -21.97
C SER A 133 -5.21 -2.66 -23.07
N HIS A 134 -5.60 -1.64 -23.83
CA HIS A 134 -4.75 -1.15 -24.91
C HIS A 134 -3.44 -0.62 -24.33
N THR A 135 -3.48 -0.29 -23.04
CA THR A 135 -2.32 0.23 -22.35
C THR A 135 -2.21 -0.44 -20.98
N PRO A 136 -1.99 -1.73 -20.99
CA PRO A 136 -1.88 -2.54 -19.75
C PRO A 136 -0.74 -2.10 -18.82
N PHE A 137 0.28 -1.47 -19.36
CA PHE A 137 1.41 -1.03 -18.54
C PHE A 137 1.13 0.31 -17.88
N ALA A 138 -0.14 0.70 -17.81
CA ALA A 138 -0.50 1.97 -17.20
C ALA A 138 -1.88 1.91 -16.57
N PRO A 139 -1.98 2.17 -15.30
CA PRO A 139 -3.27 2.16 -14.56
C PRO A 139 -4.10 3.43 -14.82
N PHE A 140 -5.32 3.44 -14.31
CA PHE A 140 -6.21 4.58 -14.47
C PHE A 140 -6.32 5.37 -13.16
N ILE A 141 -5.26 6.10 -12.84
CA ILE A 141 -5.23 6.87 -11.60
C ILE A 141 -6.35 7.91 -11.54
N VAL A 142 -7.09 7.90 -10.45
CA VAL A 142 -8.17 8.85 -10.26
C VAL A 142 -7.87 9.70 -9.02
N PRO A 143 -7.93 10.99 -9.14
CA PRO A 143 -7.64 11.93 -8.02
C PRO A 143 -8.73 11.94 -6.96
N LEU A 144 -8.32 11.87 -5.70
CA LEU A 144 -9.26 11.88 -4.58
C LEU A 144 -9.38 13.29 -3.98
N SER A 145 -10.59 13.67 -3.60
CA SER A 145 -10.81 14.99 -3.00
C SER A 145 -10.57 14.95 -1.49
N VAL A 146 -9.34 15.18 -1.10
CA VAL A 146 -8.98 15.18 0.31
C VAL A 146 -8.82 16.59 0.84
N ILE A 147 -9.62 16.94 1.84
CA ILE A 147 -9.55 18.26 2.44
C ILE A 147 -8.69 18.23 3.69
N ILE A 148 -8.88 17.20 4.50
CA ILE A 148 -8.12 17.05 5.74
C ILE A 148 -7.05 15.98 5.59
N CYS A 149 -5.82 16.40 5.32
CA CYS A 149 -4.73 15.44 5.17
C CYS A 149 -4.79 14.41 6.29
N PRO A 150 -4.93 13.16 5.94
CA PRO A 150 -5.02 12.05 6.93
C PRO A 150 -3.66 11.73 7.56
N ASP A 151 -3.63 11.71 8.89
CA ASP A 151 -2.41 11.40 9.62
C ASP A 151 -2.39 9.91 9.95
N ARG A 152 -3.51 9.26 9.70
CA ARG A 152 -3.64 7.81 9.95
C ARG A 152 -4.80 7.27 9.13
N VAL A 153 -4.52 6.25 8.31
CA VAL A 153 -5.56 5.66 7.48
C VAL A 153 -5.99 4.29 7.98
N GLY A 154 -7.30 4.07 8.01
CA GLY A 154 -7.86 2.80 8.47
C GLY A 154 -8.33 1.96 7.29
N VAL A 155 -7.86 0.71 7.22
CA VAL A 155 -8.23 -0.17 6.13
C VAL A 155 -9.17 -1.28 6.63
N PHE A 156 -10.31 -1.42 5.96
CA PHE A 156 -11.29 -2.43 6.32
C PHE A 156 -11.55 -3.34 5.12
N VAL A 157 -11.45 -4.65 5.34
CA VAL A 157 -11.67 -5.60 4.27
C VAL A 157 -12.78 -6.59 4.61
N ASP A 158 -13.77 -6.69 3.73
CA ASP A 158 -14.90 -7.59 3.94
C ASP A 158 -14.89 -8.70 2.90
N TYR A 159 -13.94 -9.63 3.04
CA TYR A 159 -13.81 -10.74 2.11
C TYR A 159 -15.19 -11.21 1.62
N GLU A 160 -16.03 -11.63 2.55
CA GLU A 160 -17.37 -12.10 2.21
C GLU A 160 -18.08 -11.13 1.27
N ALA A 161 -18.10 -9.86 1.65
CA ALA A 161 -18.76 -8.84 0.84
C ALA A 161 -17.87 -8.40 -0.32
N CYS A 162 -16.59 -8.74 -0.25
CA CYS A 162 -15.66 -8.37 -1.30
C CYS A 162 -15.59 -6.84 -1.42
N THR A 163 -15.15 -6.19 -0.35
CA THR A 163 -15.05 -4.74 -0.34
C THR A 163 -13.84 -4.26 0.46
N VAL A 164 -13.24 -3.18 -0.01
CA VAL A 164 -12.07 -2.61 0.67
C VAL A 164 -12.32 -1.12 0.91
N SER A 165 -12.49 -0.75 2.19
CA SER A 165 -12.77 0.63 2.53
C SER A 165 -11.56 1.32 3.17
N PHE A 166 -11.46 2.63 2.96
CA PHE A 166 -10.39 3.43 3.52
C PHE A 166 -10.99 4.56 4.36
N PHE A 167 -10.63 4.61 5.63
CA PHE A 167 -11.17 5.64 6.52
C PHE A 167 -10.12 6.69 6.86
N ASN A 168 -10.58 7.94 7.00
CA ASN A 168 -9.69 9.04 7.34
C ASN A 168 -9.76 9.33 8.84
N ILE A 169 -9.04 8.51 9.61
CA ILE A 169 -9.02 8.66 11.07
C ILE A 169 -8.91 10.13 11.48
N THR A 170 -8.09 10.89 10.76
CA THR A 170 -7.90 12.30 11.09
C THR A 170 -9.15 13.12 10.77
N ASN A 171 -10.00 12.61 9.90
CA ASN A 171 -11.21 13.32 9.52
C ASN A 171 -12.44 12.62 10.09
N HIS A 172 -12.52 12.56 11.42
CA HIS A 172 -13.66 11.92 12.07
C HIS A 172 -13.84 10.49 11.55
N GLY A 173 -12.83 9.99 10.85
CA GLY A 173 -12.87 8.65 10.31
C GLY A 173 -13.85 8.55 9.15
N PHE A 174 -13.96 9.63 8.38
CA PHE A 174 -14.86 9.64 7.24
C PHE A 174 -14.31 8.75 6.13
N LEU A 175 -15.21 8.09 5.40
CA LEU A 175 -14.79 7.21 4.31
C LEU A 175 -14.07 7.98 3.21
N ILE A 176 -12.94 7.45 2.77
CA ILE A 176 -12.15 8.08 1.72
C ILE A 176 -12.50 7.45 0.38
N TYR A 177 -12.46 6.13 0.34
CA TYR A 177 -12.78 5.38 -0.87
C TYR A 177 -13.18 3.96 -0.48
N LYS A 178 -13.91 3.28 -1.36
CA LYS A 178 -14.34 1.93 -1.06
C LYS A 178 -14.43 1.07 -2.32
N PHE A 179 -13.65 -0.01 -2.36
CA PHE A 179 -13.66 -0.91 -3.50
C PHE A 179 -14.81 -1.90 -3.38
N SER A 180 -15.69 -1.92 -4.37
CA SER A 180 -16.83 -2.83 -4.34
C SER A 180 -16.70 -3.91 -5.41
N GLN A 181 -17.36 -5.04 -5.16
CA GLN A 181 -17.32 -6.15 -6.10
C GLN A 181 -15.89 -6.53 -6.44
N CYS A 182 -15.07 -6.72 -5.41
CA CYS A 182 -13.67 -7.08 -5.62
C CYS A 182 -13.55 -8.57 -5.96
N SER A 183 -12.66 -8.88 -6.90
CA SER A 183 -12.45 -10.27 -7.30
C SER A 183 -11.62 -10.99 -6.26
N PHE A 184 -12.26 -11.40 -5.17
CA PHE A 184 -11.56 -12.10 -4.10
C PHE A 184 -11.56 -13.60 -4.36
N SER A 185 -10.87 -14.00 -5.43
CA SER A 185 -10.76 -15.41 -5.78
C SER A 185 -9.47 -15.99 -5.23
N LYS A 186 -8.61 -15.11 -4.73
CA LYS A 186 -7.33 -15.53 -4.18
C LYS A 186 -7.11 -14.87 -2.81
N PRO A 187 -6.15 -15.36 -2.07
CA PRO A 187 -5.85 -14.81 -0.72
C PRO A 187 -5.17 -13.45 -0.80
N VAL A 188 -5.74 -12.47 -0.11
CA VAL A 188 -5.19 -11.10 -0.13
C VAL A 188 -4.45 -10.80 1.17
N PHE A 189 -3.55 -9.82 1.09
CA PHE A 189 -2.78 -9.40 2.26
C PHE A 189 -2.73 -7.87 2.34
N PRO A 190 -2.47 -7.33 3.50
CA PRO A 190 -2.40 -5.86 3.68
C PRO A 190 -1.19 -5.29 2.95
N TYR A 191 -1.43 -4.34 2.05
CA TYR A 191 -0.35 -3.76 1.27
C TYR A 191 0.15 -2.44 1.86
N LEU A 192 1.47 -2.30 1.92
CA LEU A 192 2.09 -1.09 2.43
C LEU A 192 3.24 -0.69 1.52
N ASN A 193 3.45 0.61 1.33
CA ASN A 193 4.53 1.05 0.45
C ASN A 193 4.93 2.49 0.76
N PRO A 194 6.08 2.67 1.35
CA PRO A 194 6.62 4.02 1.69
C PRO A 194 6.61 4.93 0.47
N ARG A 195 6.93 4.36 -0.68
CA ARG A 195 6.98 5.12 -1.93
C ARG A 195 8.16 6.08 -1.91
N LYS A 196 9.36 5.53 -1.87
CA LYS A 196 10.58 6.34 -1.87
C LYS A 196 10.63 7.25 -0.64
N CYS A 197 9.48 7.52 -0.04
CA CYS A 197 9.43 8.39 1.13
C CYS A 197 10.23 7.76 2.28
N THR A 198 11.19 8.52 2.80
CA THR A 198 12.03 8.04 3.89
C THR A 198 11.26 7.97 5.22
N VAL A 199 10.16 8.72 5.29
CA VAL A 199 9.36 8.75 6.52
C VAL A 199 8.64 7.42 6.70
N PRO A 200 8.96 6.71 7.75
CA PRO A 200 8.36 5.38 8.05
C PRO A 200 6.86 5.40 8.32
N MET A 201 6.19 4.38 7.82
CA MET A 201 4.75 4.21 8.02
C MET A 201 4.48 3.07 8.99
N THR A 202 3.93 3.38 10.15
CA THR A 202 3.65 2.36 11.16
C THR A 202 2.20 1.88 11.14
N LEU A 203 1.93 0.87 12.00
CA LEU A 203 0.59 0.25 12.11
C LEU A 203 0.09 0.24 13.55
N CYS A 204 -0.38 1.37 14.06
CA CYS A 204 -0.88 1.37 15.42
C CYS A 204 -0.94 -0.07 15.96
N SER A 205 -2.15 -0.55 16.22
CA SER A 205 -2.32 -1.90 16.74
C SER A 205 -2.89 -1.79 18.17
N PRO A 206 -4.16 -2.03 18.26
CA PRO A 206 -4.95 -1.93 19.52
C PRO A 206 -4.72 -3.14 20.44
N THR A 2 -19.27 5.92 13.21
CA THR A 2 -20.23 4.79 13.08
C THR A 2 -19.64 3.73 12.16
N GLU A 3 -19.52 4.06 10.88
CA GLU A 3 -18.98 3.12 9.90
C GLU A 3 -17.56 2.71 10.28
N LEU A 4 -16.84 3.63 10.92
CA LEU A 4 -15.46 3.33 11.34
C LEU A 4 -15.47 2.57 12.66
N THR A 5 -16.43 2.88 13.50
CA THR A 5 -16.54 2.21 14.80
C THR A 5 -16.91 0.74 14.61
N ASP A 6 -17.76 0.46 13.63
CA ASP A 6 -18.18 -0.91 13.36
C ASP A 6 -17.04 -1.70 12.74
N ALA A 7 -16.23 -1.04 11.93
CA ALA A 7 -15.11 -1.70 11.27
C ALA A 7 -14.00 -1.98 12.28
N ARG A 8 -13.89 -1.13 13.30
CA ARG A 8 -12.86 -1.31 14.32
C ARG A 8 -13.16 -2.54 15.17
N ARG A 9 -14.36 -3.08 15.01
CA ARG A 9 -14.77 -4.27 15.76
C ARG A 9 -13.96 -5.47 15.31
N TYR A 10 -13.41 -5.39 14.10
CA TYR A 10 -12.61 -6.48 13.55
C TYR A 10 -11.14 -6.07 13.47
N TRP A 11 -10.68 -5.35 14.48
CA TRP A 11 -9.28 -4.90 14.51
C TRP A 11 -8.37 -6.11 14.69
N VAL A 12 -7.44 -6.28 13.76
CA VAL A 12 -6.52 -7.41 13.81
C VAL A 12 -5.07 -6.95 13.90
N ASP A 13 -4.25 -7.76 14.56
CA ASP A 13 -2.83 -7.45 14.71
C ASP A 13 -2.11 -7.83 13.42
N VAL A 14 -1.71 -6.82 12.65
CA VAL A 14 -1.03 -7.06 11.38
C VAL A 14 0.48 -6.85 11.50
N THR A 15 1.23 -7.83 10.98
CA THR A 15 2.69 -7.75 11.01
C THR A 15 3.24 -7.92 9.60
N LEU A 16 4.21 -7.08 9.25
CA LEU A 16 4.80 -7.14 7.92
C LEU A 16 5.67 -8.38 7.75
N ALA A 17 5.73 -8.89 6.52
CA ALA A 17 6.54 -10.07 6.23
C ALA A 17 7.72 -9.67 5.35
N THR A 18 8.92 -10.10 5.74
CA THR A 18 10.12 -9.77 4.99
C THR A 18 10.16 -10.50 3.65
N ASN A 19 10.23 -9.73 2.57
CA ASN A 19 10.29 -10.29 1.23
C ASN A 19 11.58 -9.87 0.54
N ASN A 20 12.00 -10.66 -0.45
CA ASN A 20 13.23 -10.37 -1.18
C ASN A 20 12.90 -9.88 -2.59
N ILE A 21 11.98 -8.93 -2.69
CA ILE A 21 11.59 -8.40 -4.00
C ILE A 21 11.37 -6.89 -3.91
N SER A 22 11.55 -6.33 -2.72
CA SER A 22 11.36 -4.91 -2.51
C SER A 22 12.58 -4.30 -1.82
N HIS A 23 12.83 -3.02 -2.05
CA HIS A 23 13.97 -2.35 -1.44
C HIS A 23 13.55 -1.71 -0.11
N ALA A 24 12.31 -1.98 0.30
CA ALA A 24 11.80 -1.44 1.56
C ALA A 24 12.59 -1.97 2.75
N VAL A 25 12.53 -1.24 3.86
CA VAL A 25 13.25 -1.65 5.08
C VAL A 25 12.25 -1.86 6.21
N ILE A 26 12.03 -3.11 6.59
CA ILE A 26 11.10 -3.43 7.65
C ILE A 26 11.78 -3.47 9.01
N ALA A 27 11.15 -2.85 10.00
CA ALA A 27 11.71 -2.81 11.35
C ALA A 27 11.89 -4.22 11.90
N GLU A 28 12.46 -4.32 13.09
CA GLU A 28 12.69 -5.61 13.71
C GLU A 28 11.37 -6.18 14.24
N ASP A 29 10.49 -5.30 14.70
CA ASP A 29 9.20 -5.72 15.24
C ASP A 29 8.22 -6.03 14.11
N LYS A 30 8.64 -5.78 12.88
CA LYS A 30 7.78 -6.03 11.73
C LYS A 30 6.51 -5.20 11.83
N ARG A 31 6.65 -3.99 12.39
CA ARG A 31 5.51 -3.11 12.56
C ARG A 31 5.81 -1.73 12.00
N GLN A 32 6.87 -1.64 11.18
CA GLN A 32 7.27 -0.37 10.59
C GLN A 32 8.06 -0.61 9.31
N VAL A 33 7.83 0.21 8.30
CA VAL A 33 8.55 0.07 7.03
C VAL A 33 8.85 1.44 6.42
N SER A 34 10.01 1.56 5.80
CA SER A 34 10.41 2.82 5.18
C SER A 34 11.19 2.56 3.90
N SER A 35 11.72 3.62 3.32
CA SER A 35 12.49 3.49 2.09
C SER A 35 13.92 4.01 2.28
N ARG A 36 14.78 3.77 1.30
CA ARG A 36 16.17 4.23 1.41
C ARG A 36 16.80 4.47 0.04
N ASN A 37 17.45 5.62 -0.10
CA ASN A 37 18.14 5.98 -1.33
C ASN A 37 19.01 7.22 -1.10
N PRO A 38 20.00 7.09 -0.26
CA PRO A 38 20.92 8.22 0.08
C PRO A 38 21.93 8.49 -1.02
N GLN A 39 23.10 8.98 -0.64
CA GLN A 39 24.15 9.26 -1.59
C GLN A 39 24.70 7.94 -2.07
N ILE A 40 24.68 6.99 -1.15
CA ILE A 40 25.17 5.65 -1.43
C ILE A 40 24.99 4.71 -0.25
N MET A 41 24.56 5.22 0.90
CA MET A 41 24.33 4.36 2.05
C MET A 41 25.59 4.20 2.88
N TYR A 42 26.58 5.04 2.61
CA TYR A 42 27.81 4.96 3.36
C TYR A 42 28.29 3.51 3.39
N GLN A 43 27.65 2.67 2.58
CA GLN A 43 27.98 1.25 2.51
C GLN A 43 28.84 0.93 1.30
N ALA A 44 28.51 1.56 0.17
CA ALA A 44 29.24 1.34 -1.08
C ALA A 44 29.80 -0.07 -1.18
N PRO A 45 29.07 -0.97 -1.77
CA PRO A 45 29.55 -2.37 -1.95
C PRO A 45 30.72 -2.42 -2.91
N GLY A 46 31.49 -1.33 -2.96
CA GLY A 46 32.66 -1.26 -3.83
C GLY A 46 32.59 -0.07 -4.78
N THR A 47 31.58 -0.07 -5.63
CA THR A 47 31.41 1.01 -6.59
C THR A 47 30.86 2.24 -5.94
N LEU A 48 29.82 2.01 -5.13
CA LEU A 48 29.10 3.05 -4.42
C LEU A 48 27.64 2.71 -4.48
N PHE A 49 27.05 3.07 -5.60
CA PHE A 49 25.68 2.75 -5.85
C PHE A 49 25.69 1.33 -6.29
N THR A 50 26.81 1.02 -6.89
CA THR A 50 27.08 -0.29 -7.38
C THR A 50 25.96 -0.82 -8.23
N PHE A 51 25.28 -1.71 -7.58
CA PHE A 51 24.17 -2.45 -8.12
C PHE A 51 23.81 -3.47 -7.05
N PRO A 52 23.31 -3.03 -5.92
CA PRO A 52 23.01 -3.93 -4.79
C PRO A 52 22.50 -5.28 -5.26
N SER A 53 23.43 -6.18 -5.59
CA SER A 53 23.07 -7.50 -6.08
C SER A 53 22.13 -8.22 -5.11
N LEU A 54 22.15 -7.79 -3.85
CA LEU A 54 21.29 -8.37 -2.83
C LEU A 54 19.86 -8.42 -3.34
N THR A 55 19.61 -7.63 -4.35
CA THR A 55 18.31 -7.53 -4.99
C THR A 55 18.48 -6.85 -6.33
N ASN A 56 19.39 -5.88 -6.34
CA ASN A 56 19.73 -5.14 -7.55
C ASN A 56 18.51 -4.84 -8.36
N PHE A 57 18.77 -4.32 -9.54
CA PHE A 57 17.73 -4.12 -10.48
C PHE A 57 16.51 -3.43 -9.85
N ASN A 58 15.60 -4.22 -9.28
CA ASN A 58 14.41 -3.67 -8.64
C ASN A 58 14.74 -2.39 -7.90
N TYR A 59 13.76 -1.49 -7.80
CA TYR A 59 13.96 -0.21 -7.11
C TYR A 59 12.74 0.12 -6.25
N CYS A 60 11.58 -0.39 -6.64
CA CYS A 60 10.35 -0.13 -5.89
C CYS A 60 10.48 -0.68 -4.47
N THR A 61 9.46 -0.45 -3.65
CA THR A 61 9.47 -0.92 -2.27
C THR A 61 8.07 -1.31 -1.83
N GLY A 62 7.67 -2.55 -2.12
CA GLY A 62 6.34 -3.02 -1.75
C GLY A 62 6.42 -4.19 -0.78
N VAL A 63 5.57 -4.15 0.25
CA VAL A 63 5.57 -5.22 1.25
C VAL A 63 4.13 -5.67 1.53
N LEU A 64 4.00 -6.90 2.00
CA LEU A 64 2.68 -7.45 2.31
C LEU A 64 2.63 -7.87 3.78
N GLY A 65 1.49 -8.41 4.21
CA GLY A 65 1.35 -8.84 5.59
C GLY A 65 1.90 -10.24 5.78
N SER A 66 2.04 -10.65 7.04
CA SER A 66 2.55 -11.97 7.35
C SER A 66 1.42 -13.01 7.33
N GLN A 67 0.20 -12.51 7.38
CA GLN A 67 -0.97 -13.39 7.37
C GLN A 67 -1.90 -13.03 6.21
N SER A 68 -2.39 -14.06 5.51
CA SER A 68 -3.27 -13.84 4.38
C SER A 68 -4.73 -13.77 4.84
N ILE A 69 -5.58 -13.18 4.01
CA ILE A 69 -7.00 -13.05 4.34
C ILE A 69 -7.84 -13.81 3.32
N THR A 70 -8.61 -14.80 3.80
CA THR A 70 -9.44 -15.60 2.91
C THR A 70 -10.87 -15.74 3.45
N SER A 71 -11.24 -14.87 4.38
CA SER A 71 -12.59 -14.93 4.94
C SER A 71 -12.70 -14.03 6.17
N GLY A 72 -13.94 -13.71 6.54
CA GLY A 72 -14.18 -12.86 7.70
C GLY A 72 -13.77 -11.42 7.40
N LYS A 73 -13.98 -10.53 8.37
CA LYS A 73 -13.62 -9.13 8.19
C LYS A 73 -12.31 -8.81 8.91
N HIS A 74 -11.57 -7.85 8.36
CA HIS A 74 -10.30 -7.45 8.95
C HIS A 74 -10.14 -5.94 8.91
N TYR A 75 -9.55 -5.38 9.95
CA TYR A 75 -9.34 -3.94 10.02
C TYR A 75 -8.04 -3.60 10.73
N TRP A 76 -7.28 -2.69 10.12
CA TRP A 76 -6.01 -2.26 10.69
C TRP A 76 -5.72 -0.82 10.26
N GLU A 77 -5.00 -0.08 11.11
CA GLU A 77 -4.68 1.30 10.80
C GLU A 77 -3.20 1.45 10.43
N VAL A 78 -2.91 2.48 9.64
CA VAL A 78 -1.54 2.75 9.21
C VAL A 78 -1.21 4.22 9.45
N ASP A 79 -0.13 4.47 10.17
CA ASP A 79 0.27 5.85 10.47
C ASP A 79 1.20 6.40 9.39
N VAL A 80 0.71 7.42 8.68
CA VAL A 80 1.50 8.05 7.63
C VAL A 80 1.69 9.53 7.96
N SER A 81 2.16 9.79 9.18
CA SER A 81 2.37 11.16 9.63
C SER A 81 3.68 11.73 9.08
N LYS A 82 3.59 12.91 8.46
CA LYS A 82 4.77 13.56 7.90
C LYS A 82 5.22 12.90 6.61
N LYS A 83 4.49 11.88 6.16
CA LYS A 83 4.84 11.19 4.93
C LYS A 83 4.33 11.99 3.73
N SER A 84 5.19 12.14 2.72
CA SER A 84 4.81 12.90 1.53
C SER A 84 4.39 11.99 0.39
N ALA A 85 4.41 10.69 0.62
CA ALA A 85 4.03 9.73 -0.41
C ALA A 85 4.01 8.31 0.15
N TRP A 86 3.03 7.52 -0.28
CA TRP A 86 2.91 6.15 0.19
C TRP A 86 1.73 5.44 -0.47
N ILE A 87 1.79 4.12 -0.53
CA ILE A 87 0.72 3.34 -1.12
C ILE A 87 0.28 2.25 -0.16
N LEU A 88 -1.01 2.26 0.19
CA LEU A 88 -1.54 1.27 1.12
C LEU A 88 -2.92 0.80 0.70
N GLY A 89 -3.27 -0.42 1.09
CA GLY A 89 -4.57 -0.99 0.76
C GLY A 89 -4.53 -2.51 0.90
N VAL A 90 -4.88 -3.21 -0.18
CA VAL A 90 -4.88 -4.66 -0.15
C VAL A 90 -4.27 -5.23 -1.44
N CYS A 91 -3.48 -6.30 -1.29
CA CYS A 91 -2.84 -6.92 -2.44
C CYS A 91 -3.01 -8.43 -2.40
N ALA A 92 -2.97 -9.06 -3.56
CA ALA A 92 -3.12 -10.51 -3.65
C ALA A 92 -1.76 -11.18 -3.77
N GLY A 93 -0.70 -10.38 -3.79
CA GLY A 93 0.66 -10.91 -3.89
C GLY A 93 1.40 -10.28 -5.06
N PHE A 94 2.67 -10.66 -5.21
CA PHE A 94 3.49 -10.15 -6.30
C PHE A 94 3.63 -11.19 -7.40
N GLN A 95 2.64 -12.07 -7.50
CA GLN A 95 2.67 -13.12 -8.51
C GLN A 95 2.62 -12.52 -9.91
N SER A 96 1.79 -11.49 -10.08
CA SER A 96 1.65 -10.84 -11.37
C SER A 96 2.28 -9.45 -11.34
N ASP A 97 3.53 -9.39 -10.90
CA ASP A 97 4.24 -8.12 -10.82
C ASP A 97 5.25 -7.99 -11.96
N ALA A 98 5.65 -9.13 -12.51
CA ALA A 98 6.62 -9.15 -13.59
C ALA A 98 5.91 -8.96 -14.94
N MET A 99 4.85 -9.72 -15.14
CA MET A 99 4.09 -9.64 -16.38
C MET A 99 3.69 -8.20 -16.72
N TYR A 100 3.27 -7.45 -15.69
CA TYR A 100 2.86 -6.07 -15.91
C TYR A 100 3.75 -5.09 -15.14
N ASN A 101 5.03 -5.41 -15.02
CA ASN A 101 5.94 -4.53 -14.30
C ASN A 101 5.14 -3.60 -13.39
N ILE A 102 4.42 -4.18 -12.44
CA ILE A 102 3.60 -3.40 -11.52
C ILE A 102 4.47 -2.53 -10.60
N GLU A 103 5.13 -3.19 -9.65
CA GLU A 103 5.98 -2.49 -8.68
C GLU A 103 6.97 -1.56 -9.38
N GLN A 104 7.51 -2.00 -10.51
CA GLN A 104 8.49 -1.19 -11.23
C GLN A 104 7.86 0.08 -11.81
N ASN A 105 6.64 -0.03 -12.31
CA ASN A 105 5.96 1.13 -12.89
C ASN A 105 4.66 1.44 -12.13
N GLU A 106 4.67 1.18 -10.83
CA GLU A 106 3.49 1.45 -10.01
C GLU A 106 2.21 1.16 -10.79
N ASN A 107 2.19 0.02 -11.47
CA ASN A 107 1.02 -0.37 -12.26
C ASN A 107 0.02 -1.12 -11.39
N TYR A 108 -0.49 -0.45 -10.36
CA TYR A 108 -1.45 -1.08 -9.46
C TYR A 108 -2.85 -1.08 -10.08
N GLN A 109 -3.45 -2.25 -10.16
CA GLN A 109 -4.78 -2.37 -10.74
C GLN A 109 -5.54 -3.52 -10.09
N PRO A 110 -6.80 -3.33 -9.83
CA PRO A 110 -7.66 -4.36 -9.19
C PRO A 110 -7.71 -5.64 -10.03
N LYS A 111 -7.53 -5.49 -11.34
CA LYS A 111 -7.54 -6.64 -12.24
C LYS A 111 -6.25 -7.42 -12.09
N TYR A 112 -5.25 -6.79 -11.46
CA TYR A 112 -3.96 -7.42 -11.23
C TYR A 112 -3.85 -7.89 -9.78
N GLY A 113 -4.87 -7.56 -8.98
CA GLY A 113 -4.87 -7.93 -7.58
C GLY A 113 -4.35 -6.77 -6.74
N TYR A 114 -4.80 -5.56 -7.05
CA TYR A 114 -4.36 -4.38 -6.34
C TYR A 114 -5.50 -3.42 -6.05
N TRP A 115 -5.82 -3.30 -4.76
CA TRP A 115 -6.88 -2.41 -4.31
C TRP A 115 -6.28 -1.40 -3.33
N VAL A 116 -5.58 -0.40 -3.84
CA VAL A 116 -4.94 0.57 -2.96
C VAL A 116 -5.12 2.01 -3.42
N ILE A 117 -4.76 2.92 -2.53
CA ILE A 117 -4.80 4.34 -2.79
C ILE A 117 -3.41 4.91 -2.53
N GLY A 118 -3.09 6.06 -3.12
CA GLY A 118 -1.75 6.61 -2.92
C GLY A 118 -1.73 8.12 -2.75
N LEU A 119 -0.61 8.60 -2.22
CA LEU A 119 -0.39 10.02 -2.01
C LEU A 119 0.98 10.39 -2.55
N GLN A 120 1.05 11.48 -3.31
CA GLN A 120 2.33 11.87 -3.90
C GLN A 120 2.50 13.39 -3.92
N GLU A 121 3.74 13.84 -3.78
CA GLU A 121 4.05 15.25 -3.79
C GLU A 121 3.65 15.92 -2.47
N GLY A 122 2.98 15.15 -1.61
CA GLY A 122 2.57 15.68 -0.31
C GLY A 122 1.07 15.95 -0.23
N VAL A 123 0.47 16.41 -1.33
CA VAL A 123 -0.96 16.72 -1.31
C VAL A 123 -1.68 16.17 -2.54
N LYS A 124 -1.13 15.12 -3.13
CA LYS A 124 -1.76 14.54 -4.31
C LYS A 124 -2.23 13.11 -4.03
N TYR A 125 -3.47 12.99 -3.58
CA TYR A 125 -4.07 11.69 -3.29
C TYR A 125 -4.75 11.14 -4.54
N SER A 126 -4.78 9.82 -4.68
CA SER A 126 -5.41 9.21 -5.84
C SER A 126 -5.72 7.74 -5.59
N VAL A 127 -6.65 7.20 -6.35
CA VAL A 127 -7.03 5.80 -6.23
C VAL A 127 -6.73 5.05 -7.52
N PHE A 128 -5.99 3.95 -7.41
CA PHE A 128 -5.62 3.17 -8.58
C PHE A 128 -6.79 2.29 -9.04
N GLN A 129 -7.20 2.47 -10.30
CA GLN A 129 -8.29 1.69 -10.86
C GLN A 129 -7.82 0.95 -12.10
N ASP A 130 -8.69 0.11 -12.65
CA ASP A 130 -8.34 -0.66 -13.85
C ASP A 130 -8.14 0.27 -15.04
N GLY A 131 -7.13 0.00 -15.85
CA GLY A 131 -6.83 0.81 -17.02
C GLY A 131 -7.18 0.08 -18.30
N SER A 132 -7.23 0.82 -19.41
CA SER A 132 -7.54 0.22 -20.70
C SER A 132 -6.54 -0.87 -21.05
N SER A 133 -7.04 -1.98 -21.59
CA SER A 133 -6.18 -3.09 -21.97
C SER A 133 -5.21 -2.66 -23.07
N HIS A 134 -5.60 -1.64 -23.83
CA HIS A 134 -4.75 -1.15 -24.91
C HIS A 134 -3.44 -0.62 -24.33
N THR A 135 -3.48 -0.29 -23.04
CA THR A 135 -2.32 0.23 -22.35
C THR A 135 -2.21 -0.44 -20.98
N PRO A 136 -1.99 -1.73 -20.99
CA PRO A 136 -1.88 -2.54 -19.75
C PRO A 136 -0.74 -2.10 -18.82
N PHE A 137 0.28 -1.47 -19.36
CA PHE A 137 1.41 -1.03 -18.54
C PHE A 137 1.13 0.31 -17.88
N ALA A 138 -0.14 0.70 -17.81
CA ALA A 138 -0.50 1.97 -17.20
C ALA A 138 -1.88 1.91 -16.57
N PRO A 139 -1.98 2.17 -15.30
CA PRO A 139 -3.27 2.16 -14.56
C PRO A 139 -4.10 3.43 -14.82
N PHE A 140 -5.32 3.44 -14.31
CA PHE A 140 -6.21 4.58 -14.47
C PHE A 140 -6.32 5.37 -13.16
N ILE A 141 -5.26 6.10 -12.84
CA ILE A 141 -5.23 6.87 -11.60
C ILE A 141 -6.35 7.91 -11.54
N VAL A 142 -7.09 7.90 -10.45
CA VAL A 142 -8.17 8.85 -10.26
C VAL A 142 -7.87 9.70 -9.02
N PRO A 143 -7.93 10.99 -9.14
CA PRO A 143 -7.64 11.93 -8.02
C PRO A 143 -8.73 11.94 -6.96
N LEU A 144 -8.32 11.87 -5.70
CA LEU A 144 -9.26 11.88 -4.58
C LEU A 144 -9.38 13.29 -3.98
N SER A 145 -10.59 13.67 -3.60
CA SER A 145 -10.81 14.99 -3.00
C SER A 145 -10.57 14.95 -1.49
N VAL A 146 -9.34 15.18 -1.10
CA VAL A 146 -8.98 15.18 0.31
C VAL A 146 -8.82 16.59 0.84
N ILE A 147 -9.62 16.94 1.84
CA ILE A 147 -9.55 18.26 2.44
C ILE A 147 -8.69 18.23 3.69
N ILE A 148 -8.88 17.20 4.50
CA ILE A 148 -8.12 17.05 5.74
C ILE A 148 -7.05 15.98 5.59
N CYS A 149 -5.82 16.40 5.32
CA CYS A 149 -4.73 15.44 5.17
C CYS A 149 -4.79 14.41 6.29
N PRO A 150 -4.93 13.16 5.94
CA PRO A 150 -5.02 12.05 6.93
C PRO A 150 -3.66 11.73 7.56
N ASP A 151 -3.63 11.71 8.89
CA ASP A 151 -2.41 11.40 9.62
C ASP A 151 -2.39 9.91 9.95
N ARG A 152 -3.51 9.26 9.70
CA ARG A 152 -3.64 7.81 9.95
C ARG A 152 -4.80 7.27 9.13
N VAL A 153 -4.52 6.25 8.31
CA VAL A 153 -5.56 5.66 7.48
C VAL A 153 -5.99 4.29 7.98
N GLY A 154 -7.30 4.07 8.01
CA GLY A 154 -7.86 2.80 8.47
C GLY A 154 -8.33 1.96 7.29
N VAL A 155 -7.86 0.71 7.22
CA VAL A 155 -8.23 -0.17 6.13
C VAL A 155 -9.17 -1.28 6.63
N PHE A 156 -10.31 -1.42 5.96
CA PHE A 156 -11.29 -2.43 6.32
C PHE A 156 -11.55 -3.34 5.12
N VAL A 157 -11.45 -4.65 5.34
CA VAL A 157 -11.67 -5.60 4.27
C VAL A 157 -12.78 -6.59 4.61
N ASP A 158 -13.77 -6.69 3.73
CA ASP A 158 -14.90 -7.59 3.94
C ASP A 158 -14.89 -8.70 2.90
N TYR A 159 -13.94 -9.63 3.04
CA TYR A 159 -13.81 -10.74 2.11
C TYR A 159 -15.19 -11.21 1.62
N GLU A 160 -16.03 -11.63 2.55
CA GLU A 160 -17.37 -12.10 2.21
C GLU A 160 -18.08 -11.13 1.27
N ALA A 161 -18.10 -9.86 1.65
CA ALA A 161 -18.76 -8.84 0.84
C ALA A 161 -17.87 -8.40 -0.32
N CYS A 162 -16.59 -8.74 -0.25
CA CYS A 162 -15.66 -8.37 -1.30
C CYS A 162 -15.59 -6.84 -1.42
N THR A 163 -15.15 -6.19 -0.35
CA THR A 163 -15.05 -4.74 -0.34
C THR A 163 -13.84 -4.26 0.46
N VAL A 164 -13.24 -3.18 -0.01
CA VAL A 164 -12.07 -2.61 0.67
C VAL A 164 -12.32 -1.12 0.91
N SER A 165 -12.49 -0.75 2.19
CA SER A 165 -12.77 0.63 2.53
C SER A 165 -11.56 1.32 3.17
N PHE A 166 -11.46 2.63 2.96
CA PHE A 166 -10.39 3.43 3.52
C PHE A 166 -10.99 4.56 4.36
N PHE A 167 -10.63 4.61 5.63
CA PHE A 167 -11.17 5.64 6.52
C PHE A 167 -10.12 6.69 6.86
N ASN A 168 -10.58 7.94 7.00
CA ASN A 168 -9.69 9.04 7.34
C ASN A 168 -9.76 9.33 8.84
N ILE A 169 -9.04 8.51 9.61
CA ILE A 169 -9.02 8.66 11.07
C ILE A 169 -8.91 10.13 11.48
N THR A 170 -8.09 10.89 10.76
CA THR A 170 -7.90 12.30 11.09
C THR A 170 -9.15 13.12 10.77
N ASN A 171 -10.00 12.61 9.90
CA ASN A 171 -11.21 13.32 9.52
C ASN A 171 -12.44 12.62 10.09
N HIS A 172 -12.52 12.56 11.42
CA HIS A 172 -13.66 11.92 12.07
C HIS A 172 -13.84 10.49 11.55
N GLY A 173 -12.83 9.99 10.85
CA GLY A 173 -12.87 8.65 10.31
C GLY A 173 -13.85 8.55 9.15
N PHE A 174 -13.96 9.63 8.38
CA PHE A 174 -14.86 9.64 7.24
C PHE A 174 -14.31 8.75 6.13
N LEU A 175 -15.21 8.09 5.40
CA LEU A 175 -14.79 7.21 4.31
C LEU A 175 -14.07 7.98 3.21
N ILE A 176 -12.94 7.45 2.77
CA ILE A 176 -12.15 8.08 1.72
C ILE A 176 -12.50 7.45 0.38
N TYR A 177 -12.46 6.13 0.34
CA TYR A 177 -12.78 5.38 -0.87
C TYR A 177 -13.18 3.96 -0.48
N LYS A 178 -13.91 3.28 -1.36
CA LYS A 178 -14.34 1.93 -1.06
C LYS A 178 -14.43 1.07 -2.32
N PHE A 179 -13.65 -0.01 -2.36
CA PHE A 179 -13.66 -0.91 -3.50
C PHE A 179 -14.81 -1.90 -3.38
N SER A 180 -15.69 -1.92 -4.37
CA SER A 180 -16.83 -2.83 -4.34
C SER A 180 -16.70 -3.91 -5.41
N GLN A 181 -17.36 -5.04 -5.16
CA GLN A 181 -17.32 -6.15 -6.10
C GLN A 181 -15.89 -6.53 -6.44
N CYS A 182 -15.07 -6.72 -5.41
CA CYS A 182 -13.67 -7.08 -5.62
C CYS A 182 -13.55 -8.57 -5.96
N SER A 183 -12.66 -8.88 -6.90
CA SER A 183 -12.45 -10.27 -7.30
C SER A 183 -11.62 -10.99 -6.26
N PHE A 184 -12.26 -11.40 -5.17
CA PHE A 184 -11.56 -12.10 -4.10
C PHE A 184 -11.56 -13.60 -4.36
N SER A 185 -10.87 -14.00 -5.43
CA SER A 185 -10.76 -15.41 -5.78
C SER A 185 -9.47 -15.99 -5.23
N LYS A 186 -8.61 -15.11 -4.73
CA LYS A 186 -7.33 -15.53 -4.18
C LYS A 186 -7.11 -14.87 -2.81
N PRO A 187 -6.15 -15.36 -2.07
CA PRO A 187 -5.85 -14.81 -0.72
C PRO A 187 -5.17 -13.45 -0.80
N VAL A 188 -5.74 -12.47 -0.11
CA VAL A 188 -5.19 -11.10 -0.13
C VAL A 188 -4.45 -10.80 1.17
N PHE A 189 -3.55 -9.82 1.09
CA PHE A 189 -2.78 -9.40 2.26
C PHE A 189 -2.73 -7.87 2.34
N PRO A 190 -2.47 -7.33 3.50
CA PRO A 190 -2.40 -5.86 3.68
C PRO A 190 -1.19 -5.29 2.95
N TYR A 191 -1.43 -4.34 2.05
CA TYR A 191 -0.35 -3.76 1.27
C TYR A 191 0.15 -2.44 1.86
N LEU A 192 1.47 -2.30 1.92
CA LEU A 192 2.09 -1.09 2.43
C LEU A 192 3.24 -0.69 1.52
N ASN A 193 3.45 0.61 1.33
CA ASN A 193 4.53 1.05 0.45
C ASN A 193 4.93 2.49 0.76
N PRO A 194 6.08 2.67 1.35
CA PRO A 194 6.62 4.02 1.69
C PRO A 194 6.61 4.93 0.47
N ARG A 195 6.93 4.36 -0.68
CA ARG A 195 6.98 5.12 -1.93
C ARG A 195 8.16 6.08 -1.91
N LYS A 196 9.37 5.53 -1.88
CA LYS A 196 10.57 6.35 -1.87
C LYS A 196 10.63 7.26 -0.65
N CYS A 197 9.48 7.52 -0.04
CA CYS A 197 9.43 8.39 1.13
C CYS A 197 10.23 7.76 2.28
N THR A 198 11.19 8.51 2.81
CA THR A 198 12.02 8.01 3.89
C THR A 198 11.25 7.96 5.21
N VAL A 199 10.16 8.72 5.29
CA VAL A 199 9.36 8.75 6.52
C VAL A 199 8.64 7.42 6.70
N PRO A 200 8.96 6.71 7.75
CA PRO A 200 8.36 5.38 8.05
C PRO A 200 6.86 5.40 8.32
N MET A 201 6.19 4.38 7.82
CA MET A 201 4.75 4.21 8.02
C MET A 201 4.48 3.07 8.99
N THR A 202 3.93 3.38 10.15
CA THR A 202 3.65 2.36 11.16
C THR A 202 2.20 1.88 11.14
N LEU A 203 1.93 0.87 12.00
CA LEU A 203 0.59 0.25 12.11
C LEU A 203 0.09 0.24 13.55
N CYS A 204 -0.38 1.37 14.06
CA CYS A 204 -0.88 1.37 15.42
C CYS A 204 -0.94 -0.07 15.96
N SER A 205 -2.15 -0.55 16.22
CA SER A 205 -2.32 -1.90 16.74
C SER A 205 -2.89 -1.79 18.17
N PRO A 206 -4.16 -2.03 18.26
CA PRO A 206 -4.95 -1.93 19.52
C PRO A 206 -4.72 -3.14 20.44
N THR A 2 -19.27 5.92 13.21
CA THR A 2 -20.23 4.79 13.08
C THR A 2 -19.64 3.73 12.16
N GLU A 3 -19.52 4.06 10.88
CA GLU A 3 -18.98 3.12 9.90
C GLU A 3 -17.56 2.71 10.28
N LEU A 4 -16.84 3.63 10.92
CA LEU A 4 -15.46 3.33 11.34
C LEU A 4 -15.47 2.57 12.66
N THR A 5 -16.43 2.88 13.50
CA THR A 5 -16.54 2.21 14.80
C THR A 5 -16.91 0.74 14.61
N ASP A 6 -17.76 0.46 13.63
CA ASP A 6 -18.18 -0.91 13.36
C ASP A 6 -17.04 -1.70 12.74
N ALA A 7 -16.23 -1.04 11.93
CA ALA A 7 -15.11 -1.70 11.27
C ALA A 7 -14.00 -1.98 12.28
N ARG A 8 -13.89 -1.13 13.30
CA ARG A 8 -12.86 -1.31 14.32
C ARG A 8 -13.16 -2.54 15.17
N ARG A 9 -14.36 -3.08 15.01
CA ARG A 9 -14.77 -4.27 15.76
C ARG A 9 -13.96 -5.47 15.31
N TYR A 10 -13.41 -5.39 14.10
CA TYR A 10 -12.61 -6.48 13.55
C TYR A 10 -11.14 -6.07 13.47
N TRP A 11 -10.68 -5.35 14.48
CA TRP A 11 -9.28 -4.90 14.51
C TRP A 11 -8.37 -6.11 14.69
N VAL A 12 -7.44 -6.28 13.76
CA VAL A 12 -6.52 -7.41 13.81
C VAL A 12 -5.07 -6.95 13.90
N ASP A 13 -4.25 -7.76 14.56
CA ASP A 13 -2.83 -7.45 14.71
C ASP A 13 -2.11 -7.83 13.42
N VAL A 14 -1.71 -6.82 12.65
CA VAL A 14 -1.03 -7.06 11.38
C VAL A 14 0.48 -6.85 11.50
N THR A 15 1.23 -7.83 10.98
CA THR A 15 2.69 -7.75 11.01
C THR A 15 3.24 -7.92 9.60
N LEU A 16 4.21 -7.08 9.25
CA LEU A 16 4.80 -7.14 7.92
C LEU A 16 5.67 -8.38 7.75
N ALA A 17 5.73 -8.89 6.52
CA ALA A 17 6.54 -10.07 6.23
C ALA A 17 7.72 -9.67 5.35
N THR A 18 8.92 -10.10 5.74
CA THR A 18 10.12 -9.77 4.99
C THR A 18 10.16 -10.50 3.65
N ASN A 19 10.23 -9.73 2.57
CA ASN A 19 10.29 -10.29 1.23
C ASN A 19 11.58 -9.87 0.54
N ASN A 20 12.00 -10.67 -0.45
CA ASN A 20 13.22 -10.38 -1.19
C ASN A 20 12.91 -9.88 -2.59
N ILE A 21 11.98 -8.93 -2.69
CA ILE A 21 11.59 -8.40 -4.00
C ILE A 21 11.37 -6.89 -3.91
N SER A 22 11.55 -6.33 -2.72
CA SER A 22 11.36 -4.91 -2.51
C SER A 22 12.58 -4.30 -1.82
N HIS A 23 12.83 -3.02 -2.05
CA HIS A 23 13.97 -2.35 -1.43
C HIS A 23 13.56 -1.74 -0.09
N ALA A 24 12.31 -1.98 0.30
CA ALA A 24 11.80 -1.44 1.56
C ALA A 24 12.59 -1.97 2.75
N VAL A 25 12.53 -1.24 3.86
CA VAL A 25 13.24 -1.65 5.07
C VAL A 25 12.24 -1.86 6.22
N ILE A 26 12.03 -3.11 6.59
CA ILE A 26 11.10 -3.43 7.65
C ILE A 26 11.78 -3.47 9.01
N ALA A 27 11.15 -2.85 10.00
CA ALA A 27 11.71 -2.81 11.35
C ALA A 27 11.89 -4.22 11.90
N GLU A 28 12.46 -4.32 13.09
CA GLU A 28 12.69 -5.61 13.71
C GLU A 28 11.37 -6.18 14.24
N ASP A 29 10.49 -5.30 14.70
CA ASP A 29 9.20 -5.72 15.24
C ASP A 29 8.22 -6.03 14.11
N LYS A 30 8.64 -5.78 12.88
CA LYS A 30 7.78 -6.03 11.73
C LYS A 30 6.51 -5.20 11.83
N ARG A 31 6.65 -3.99 12.39
CA ARG A 31 5.51 -3.11 12.56
C ARG A 31 5.81 -1.73 12.00
N GLN A 32 6.87 -1.64 11.18
CA GLN A 32 7.27 -0.37 10.59
C GLN A 32 8.06 -0.61 9.31
N VAL A 33 7.83 0.21 8.30
CA VAL A 33 8.55 0.07 7.03
C VAL A 33 8.85 1.44 6.42
N SER A 34 10.01 1.56 5.80
CA SER A 34 10.41 2.82 5.18
C SER A 34 11.19 2.56 3.90
N SER A 35 11.72 3.62 3.32
CA SER A 35 12.49 3.49 2.09
C SER A 35 13.92 4.01 2.28
N ARG A 36 14.76 3.81 1.28
CA ARG A 36 16.14 4.29 1.34
C ARG A 36 16.65 4.61 -0.07
N ASN A 37 16.18 5.72 -0.62
CA ASN A 37 16.61 6.14 -1.95
C ASN A 37 17.09 7.59 -1.92
N PRO A 38 18.34 7.79 -1.62
CA PRO A 38 18.93 9.16 -1.53
C PRO A 38 18.88 9.90 -2.87
N GLN A 39 19.79 10.87 -3.03
CA GLN A 39 19.83 11.66 -4.25
C GLN A 39 19.57 10.77 -5.45
N ILE A 40 20.37 9.72 -5.57
CA ILE A 40 20.23 8.79 -6.67
C ILE A 40 20.76 7.43 -6.29
N MET A 41 20.96 7.23 -4.99
CA MET A 41 21.41 5.94 -4.53
C MET A 41 22.89 5.74 -4.75
N TYR A 42 23.60 6.84 -4.99
CA TYR A 42 25.04 6.73 -5.22
C TYR A 42 25.31 5.54 -6.15
N GLN A 43 24.25 5.12 -6.87
CA GLN A 43 24.36 3.99 -7.78
C GLN A 43 24.31 4.44 -9.24
N ALA A 44 23.46 5.42 -9.53
CA ALA A 44 23.29 5.95 -10.88
C ALA A 44 24.17 5.24 -11.91
N PRO A 45 23.62 4.32 -12.67
CA PRO A 45 24.40 3.61 -13.72
C PRO A 45 24.75 4.57 -14.85
N GLY A 46 24.90 5.85 -14.52
CA GLY A 46 25.24 6.87 -15.50
C GLY A 46 24.21 7.98 -15.47
N THR A 47 23.00 7.64 -15.84
CA THR A 47 21.90 8.60 -15.84
C THR A 47 21.53 8.89 -14.41
N LEU A 48 20.90 7.91 -13.81
CA LEU A 48 20.47 7.99 -12.46
C LEU A 48 19.49 6.90 -12.11
N PHE A 49 18.24 7.18 -12.33
CA PHE A 49 17.20 6.20 -12.08
C PHE A 49 17.41 5.07 -13.04
N THR A 50 17.59 5.48 -14.27
CA THR A 50 17.88 4.57 -15.34
C THR A 50 16.90 3.42 -15.40
N PHE A 51 17.44 2.35 -14.93
CA PHE A 51 16.82 1.06 -14.91
C PHE A 51 17.90 0.11 -14.40
N PRO A 52 18.31 0.23 -13.18
CA PRO A 52 19.42 -0.57 -12.65
C PRO A 52 19.44 -1.97 -13.21
N SER A 53 20.09 -2.13 -14.37
CA SER A 53 20.16 -3.43 -14.98
C SER A 53 21.03 -4.34 -14.11
N LEU A 54 21.86 -3.72 -13.28
CA LEU A 54 22.71 -4.48 -12.37
C LEU A 54 21.91 -5.60 -11.74
N THR A 55 20.61 -5.39 -11.73
CA THR A 55 19.66 -6.35 -11.18
C THR A 55 18.29 -6.05 -11.75
N ASN A 56 18.00 -4.75 -11.88
CA ASN A 56 16.75 -4.29 -12.44
C ASN A 56 15.62 -5.17 -11.99
N PHE A 57 14.56 -5.16 -12.78
CA PHE A 57 13.45 -6.02 -12.54
C PHE A 57 12.95 -5.88 -11.11
N ASN A 58 11.96 -5.01 -10.93
CA ASN A 58 11.39 -4.77 -9.62
C ASN A 58 12.44 -4.17 -8.68
N TYR A 59 12.27 -2.89 -8.35
CA TYR A 59 13.23 -2.21 -7.47
C TYR A 59 12.50 -1.26 -6.53
N CYS A 60 11.20 -1.08 -6.73
CA CYS A 60 10.42 -0.20 -5.88
C CYS A 60 10.49 -0.70 -4.44
N THR A 61 9.46 -0.45 -3.65
CA THR A 61 9.47 -0.92 -2.27
C THR A 61 8.07 -1.31 -1.83
N GLY A 62 7.67 -2.55 -2.12
CA GLY A 62 6.34 -3.02 -1.75
C GLY A 62 6.42 -4.19 -0.78
N VAL A 63 5.57 -4.15 0.25
CA VAL A 63 5.57 -5.22 1.25
C VAL A 63 4.13 -5.67 1.53
N LEU A 64 4.00 -6.90 2.00
CA LEU A 64 2.68 -7.45 2.31
C LEU A 64 2.63 -7.87 3.78
N GLY A 65 1.49 -8.41 4.21
CA GLY A 65 1.35 -8.84 5.59
C GLY A 65 1.90 -10.24 5.78
N SER A 66 2.04 -10.65 7.04
CA SER A 66 2.55 -11.97 7.35
C SER A 66 1.42 -13.01 7.33
N GLN A 67 0.20 -12.51 7.38
CA GLN A 67 -0.97 -13.39 7.37
C GLN A 67 -1.90 -13.03 6.21
N SER A 68 -2.39 -14.06 5.51
CA SER A 68 -3.27 -13.84 4.38
C SER A 68 -4.73 -13.77 4.84
N ILE A 69 -5.58 -13.18 4.01
CA ILE A 69 -7.00 -13.05 4.34
C ILE A 69 -7.84 -13.81 3.32
N THR A 70 -8.61 -14.80 3.80
CA THR A 70 -9.44 -15.60 2.91
C THR A 70 -10.87 -15.74 3.45
N SER A 71 -11.24 -14.87 4.38
CA SER A 71 -12.59 -14.93 4.94
C SER A 71 -12.70 -14.03 6.17
N GLY A 72 -13.94 -13.71 6.54
CA GLY A 72 -14.18 -12.86 7.70
C GLY A 72 -13.77 -11.42 7.40
N LYS A 73 -13.98 -10.53 8.37
CA LYS A 73 -13.62 -9.13 8.19
C LYS A 73 -12.31 -8.81 8.91
N HIS A 74 -11.57 -7.85 8.36
CA HIS A 74 -10.30 -7.45 8.95
C HIS A 74 -10.14 -5.94 8.91
N TYR A 75 -9.55 -5.38 9.95
CA TYR A 75 -9.34 -3.94 10.02
C TYR A 75 -8.04 -3.60 10.73
N TRP A 76 -7.28 -2.69 10.12
CA TRP A 76 -6.01 -2.26 10.69
C TRP A 76 -5.72 -0.82 10.26
N GLU A 77 -5.00 -0.08 11.11
CA GLU A 77 -4.68 1.30 10.80
C GLU A 77 -3.20 1.45 10.43
N VAL A 78 -2.91 2.48 9.64
CA VAL A 78 -1.54 2.75 9.21
C VAL A 78 -1.21 4.22 9.45
N ASP A 79 -0.13 4.47 10.17
CA ASP A 79 0.27 5.85 10.47
C ASP A 79 1.20 6.40 9.39
N VAL A 80 0.71 7.42 8.68
CA VAL A 80 1.50 8.05 7.63
C VAL A 80 1.69 9.53 7.96
N SER A 81 2.16 9.79 9.18
CA SER A 81 2.37 11.16 9.63
C SER A 81 3.68 11.73 9.08
N LYS A 82 3.59 12.91 8.46
CA LYS A 82 4.77 13.56 7.90
C LYS A 82 5.22 12.90 6.61
N LYS A 83 4.49 11.88 6.16
CA LYS A 83 4.84 11.19 4.93
C LYS A 83 4.33 11.99 3.73
N SER A 84 5.19 12.14 2.72
CA SER A 84 4.81 12.90 1.53
C SER A 84 4.39 11.99 0.39
N ALA A 85 4.41 10.69 0.62
CA ALA A 85 4.03 9.73 -0.41
C ALA A 85 4.01 8.31 0.15
N TRP A 86 3.03 7.52 -0.28
CA TRP A 86 2.91 6.15 0.19
C TRP A 86 1.73 5.44 -0.47
N ILE A 87 1.79 4.12 -0.53
CA ILE A 87 0.72 3.34 -1.12
C ILE A 87 0.28 2.25 -0.16
N LEU A 88 -1.01 2.26 0.19
CA LEU A 88 -1.54 1.27 1.12
C LEU A 88 -2.92 0.80 0.70
N GLY A 89 -3.27 -0.42 1.09
CA GLY A 89 -4.57 -0.99 0.76
C GLY A 89 -4.53 -2.51 0.90
N VAL A 90 -4.88 -3.21 -0.18
CA VAL A 90 -4.88 -4.66 -0.15
C VAL A 90 -4.27 -5.23 -1.44
N CYS A 91 -3.48 -6.30 -1.29
CA CYS A 91 -2.84 -6.92 -2.44
C CYS A 91 -3.01 -8.43 -2.40
N ALA A 92 -2.97 -9.06 -3.56
CA ALA A 92 -3.12 -10.51 -3.65
C ALA A 92 -1.76 -11.18 -3.77
N GLY A 93 -0.70 -10.38 -3.79
CA GLY A 93 0.66 -10.91 -3.89
C GLY A 93 1.40 -10.28 -5.06
N PHE A 94 2.67 -10.66 -5.21
CA PHE A 94 3.49 -10.15 -6.30
C PHE A 94 3.63 -11.19 -7.40
N GLN A 95 2.64 -12.07 -7.50
CA GLN A 95 2.67 -13.12 -8.51
C GLN A 95 2.62 -12.52 -9.91
N SER A 96 1.79 -11.49 -10.08
CA SER A 96 1.65 -10.84 -11.37
C SER A 96 2.28 -9.45 -11.34
N ASP A 97 3.53 -9.39 -10.90
CA ASP A 97 4.24 -8.12 -10.82
C ASP A 97 5.25 -7.99 -11.96
N ALA A 98 5.65 -9.13 -12.51
CA ALA A 98 6.62 -9.15 -13.59
C ALA A 98 5.91 -8.96 -14.94
N MET A 99 4.85 -9.72 -15.14
CA MET A 99 4.09 -9.64 -16.38
C MET A 99 3.69 -8.20 -16.72
N TYR A 100 3.27 -7.45 -15.69
CA TYR A 100 2.86 -6.07 -15.91
C TYR A 100 3.75 -5.09 -15.14
N ASN A 101 5.03 -5.41 -15.02
CA ASN A 101 5.94 -4.53 -14.30
C ASN A 101 5.14 -3.60 -13.39
N ILE A 102 4.42 -4.18 -12.44
CA ILE A 102 3.60 -3.40 -11.52
C ILE A 102 4.47 -2.53 -10.60
N GLU A 103 5.13 -3.19 -9.65
CA GLU A 103 5.98 -2.49 -8.68
C GLU A 103 6.97 -1.56 -9.38
N GLN A 104 7.51 -2.00 -10.51
CA GLN A 104 8.49 -1.19 -11.23
C GLN A 104 7.85 0.08 -11.79
N ASN A 105 6.64 -0.03 -12.31
CA ASN A 105 5.96 1.13 -12.89
C ASN A 105 4.66 1.44 -12.13
N GLU A 106 4.67 1.18 -10.83
CA GLU A 106 3.49 1.45 -10.01
C GLU A 106 2.21 1.16 -10.79
N ASN A 107 2.19 0.02 -11.47
CA ASN A 107 1.02 -0.37 -12.26
C ASN A 107 0.02 -1.12 -11.39
N TYR A 108 -0.49 -0.45 -10.36
CA TYR A 108 -1.45 -1.08 -9.46
C TYR A 108 -2.85 -1.08 -10.08
N GLN A 109 -3.45 -2.25 -10.16
CA GLN A 109 -4.78 -2.37 -10.74
C GLN A 109 -5.54 -3.52 -10.09
N PRO A 110 -6.80 -3.33 -9.83
CA PRO A 110 -7.66 -4.36 -9.19
C PRO A 110 -7.71 -5.64 -10.03
N LYS A 111 -7.53 -5.49 -11.34
CA LYS A 111 -7.54 -6.64 -12.24
C LYS A 111 -6.25 -7.42 -12.09
N TYR A 112 -5.25 -6.79 -11.46
CA TYR A 112 -3.96 -7.42 -11.23
C TYR A 112 -3.85 -7.89 -9.78
N GLY A 113 -4.87 -7.56 -8.98
CA GLY A 113 -4.87 -7.93 -7.58
C GLY A 113 -4.35 -6.77 -6.74
N TYR A 114 -4.80 -5.56 -7.05
CA TYR A 114 -4.36 -4.38 -6.34
C TYR A 114 -5.50 -3.42 -6.05
N TRP A 115 -5.82 -3.30 -4.76
CA TRP A 115 -6.88 -2.41 -4.31
C TRP A 115 -6.28 -1.40 -3.33
N VAL A 116 -5.58 -0.40 -3.84
CA VAL A 116 -4.94 0.57 -2.96
C VAL A 116 -5.12 2.01 -3.42
N ILE A 117 -4.76 2.92 -2.53
CA ILE A 117 -4.80 4.34 -2.79
C ILE A 117 -3.41 4.91 -2.53
N GLY A 118 -3.09 6.06 -3.12
CA GLY A 118 -1.75 6.61 -2.92
C GLY A 118 -1.73 8.12 -2.75
N LEU A 119 -0.61 8.60 -2.22
CA LEU A 119 -0.39 10.02 -2.01
C LEU A 119 0.98 10.39 -2.55
N GLN A 120 1.05 11.48 -3.31
CA GLN A 120 2.33 11.87 -3.90
C GLN A 120 2.50 13.39 -3.92
N GLU A 121 3.74 13.84 -3.78
CA GLU A 121 4.05 15.25 -3.79
C GLU A 121 3.65 15.92 -2.47
N GLY A 122 2.98 15.15 -1.61
CA GLY A 122 2.57 15.68 -0.31
C GLY A 122 1.07 15.95 -0.23
N VAL A 123 0.47 16.41 -1.33
CA VAL A 123 -0.96 16.72 -1.31
C VAL A 123 -1.68 16.17 -2.54
N LYS A 124 -1.13 15.12 -3.13
CA LYS A 124 -1.76 14.54 -4.31
C LYS A 124 -2.23 13.11 -4.03
N TYR A 125 -3.47 12.99 -3.58
CA TYR A 125 -4.07 11.69 -3.29
C TYR A 125 -4.75 11.14 -4.54
N SER A 126 -4.78 9.82 -4.68
CA SER A 126 -5.41 9.21 -5.84
C SER A 126 -5.72 7.74 -5.59
N VAL A 127 -6.65 7.20 -6.35
CA VAL A 127 -7.03 5.80 -6.23
C VAL A 127 -6.73 5.05 -7.52
N PHE A 128 -5.99 3.95 -7.41
CA PHE A 128 -5.62 3.17 -8.58
C PHE A 128 -6.79 2.29 -9.04
N GLN A 129 -7.20 2.47 -10.30
CA GLN A 129 -8.29 1.69 -10.86
C GLN A 129 -7.82 0.95 -12.10
N ASP A 130 -8.69 0.11 -12.65
CA ASP A 130 -8.34 -0.66 -13.85
C ASP A 130 -8.14 0.27 -15.04
N GLY A 131 -7.13 0.00 -15.85
CA GLY A 131 -6.83 0.81 -17.02
C GLY A 131 -7.18 0.08 -18.30
N SER A 132 -7.23 0.82 -19.41
CA SER A 132 -7.54 0.22 -20.70
C SER A 132 -6.54 -0.87 -21.05
N SER A 133 -7.04 -1.98 -21.59
CA SER A 133 -6.18 -3.09 -21.97
C SER A 133 -5.21 -2.66 -23.07
N HIS A 134 -5.60 -1.64 -23.83
CA HIS A 134 -4.75 -1.15 -24.91
C HIS A 134 -3.44 -0.62 -24.33
N THR A 135 -3.48 -0.29 -23.04
CA THR A 135 -2.32 0.23 -22.35
C THR A 135 -2.21 -0.44 -20.98
N PRO A 136 -1.99 -1.73 -20.99
CA PRO A 136 -1.88 -2.54 -19.75
C PRO A 136 -0.74 -2.10 -18.82
N PHE A 137 0.28 -1.47 -19.36
CA PHE A 137 1.41 -1.03 -18.54
C PHE A 137 1.13 0.31 -17.88
N ALA A 138 -0.14 0.70 -17.81
CA ALA A 138 -0.50 1.97 -17.20
C ALA A 138 -1.88 1.91 -16.57
N PRO A 139 -1.98 2.17 -15.30
CA PRO A 139 -3.27 2.16 -14.56
C PRO A 139 -4.10 3.43 -14.82
N PHE A 140 -5.32 3.44 -14.31
CA PHE A 140 -6.21 4.58 -14.47
C PHE A 140 -6.32 5.37 -13.16
N ILE A 141 -5.26 6.10 -12.84
CA ILE A 141 -5.23 6.87 -11.60
C ILE A 141 -6.35 7.91 -11.54
N VAL A 142 -7.09 7.90 -10.45
CA VAL A 142 -8.17 8.85 -10.26
C VAL A 142 -7.87 9.70 -9.02
N PRO A 143 -7.93 10.99 -9.14
CA PRO A 143 -7.64 11.93 -8.02
C PRO A 143 -8.73 11.94 -6.96
N LEU A 144 -8.32 11.87 -5.70
CA LEU A 144 -9.26 11.88 -4.58
C LEU A 144 -9.38 13.29 -3.98
N SER A 145 -10.59 13.67 -3.60
CA SER A 145 -10.81 14.99 -3.00
C SER A 145 -10.57 14.95 -1.49
N VAL A 146 -9.34 15.18 -1.10
CA VAL A 146 -8.98 15.18 0.31
C VAL A 146 -8.82 16.59 0.84
N ILE A 147 -9.62 16.94 1.84
CA ILE A 147 -9.55 18.26 2.44
C ILE A 147 -8.69 18.23 3.69
N ILE A 148 -8.88 17.20 4.50
CA ILE A 148 -8.12 17.05 5.74
C ILE A 148 -7.05 15.98 5.59
N CYS A 149 -5.82 16.40 5.32
CA CYS A 149 -4.73 15.44 5.17
C CYS A 149 -4.79 14.41 6.29
N PRO A 150 -4.93 13.16 5.94
CA PRO A 150 -5.02 12.05 6.93
C PRO A 150 -3.66 11.73 7.56
N ASP A 151 -3.63 11.71 8.89
CA ASP A 151 -2.41 11.40 9.62
C ASP A 151 -2.39 9.91 9.95
N ARG A 152 -3.51 9.26 9.70
CA ARG A 152 -3.64 7.81 9.95
C ARG A 152 -4.80 7.27 9.13
N VAL A 153 -4.52 6.25 8.31
CA VAL A 153 -5.56 5.66 7.48
C VAL A 153 -5.99 4.29 7.98
N GLY A 154 -7.30 4.07 8.01
CA GLY A 154 -7.86 2.80 8.47
C GLY A 154 -8.33 1.96 7.29
N VAL A 155 -7.86 0.71 7.22
CA VAL A 155 -8.23 -0.17 6.13
C VAL A 155 -9.17 -1.28 6.63
N PHE A 156 -10.31 -1.42 5.96
CA PHE A 156 -11.29 -2.43 6.32
C PHE A 156 -11.55 -3.34 5.12
N VAL A 157 -11.45 -4.65 5.34
CA VAL A 157 -11.67 -5.60 4.27
C VAL A 157 -12.78 -6.59 4.61
N ASP A 158 -13.77 -6.69 3.73
CA ASP A 158 -14.90 -7.59 3.94
C ASP A 158 -14.89 -8.70 2.90
N TYR A 159 -13.94 -9.63 3.04
CA TYR A 159 -13.81 -10.74 2.11
C TYR A 159 -15.19 -11.21 1.62
N GLU A 160 -16.03 -11.63 2.55
CA GLU A 160 -17.37 -12.10 2.21
C GLU A 160 -18.08 -11.13 1.27
N ALA A 161 -18.10 -9.86 1.65
CA ALA A 161 -18.76 -8.84 0.84
C ALA A 161 -17.87 -8.40 -0.32
N CYS A 162 -16.59 -8.74 -0.25
CA CYS A 162 -15.66 -8.37 -1.30
C CYS A 162 -15.59 -6.84 -1.42
N THR A 163 -15.15 -6.19 -0.35
CA THR A 163 -15.05 -4.74 -0.34
C THR A 163 -13.84 -4.26 0.46
N VAL A 164 -13.24 -3.18 -0.01
CA VAL A 164 -12.07 -2.61 0.67
C VAL A 164 -12.32 -1.12 0.91
N SER A 165 -12.49 -0.75 2.19
CA SER A 165 -12.77 0.63 2.53
C SER A 165 -11.56 1.32 3.17
N PHE A 166 -11.46 2.63 2.96
CA PHE A 166 -10.39 3.43 3.52
C PHE A 166 -10.99 4.56 4.36
N PHE A 167 -10.63 4.61 5.63
CA PHE A 167 -11.17 5.64 6.52
C PHE A 167 -10.12 6.69 6.86
N ASN A 168 -10.58 7.94 7.00
CA ASN A 168 -9.69 9.04 7.34
C ASN A 168 -9.76 9.33 8.84
N ILE A 169 -9.04 8.51 9.61
CA ILE A 169 -9.02 8.66 11.07
C ILE A 169 -8.91 10.13 11.48
N THR A 170 -8.09 10.89 10.76
CA THR A 170 -7.90 12.30 11.09
C THR A 170 -9.15 13.12 10.77
N ASN A 171 -10.00 12.61 9.90
CA ASN A 171 -11.21 13.32 9.52
C ASN A 171 -12.44 12.62 10.09
N HIS A 172 -12.52 12.56 11.42
CA HIS A 172 -13.66 11.92 12.07
C HIS A 172 -13.84 10.49 11.55
N GLY A 173 -12.83 9.99 10.85
CA GLY A 173 -12.87 8.65 10.31
C GLY A 173 -13.85 8.55 9.15
N PHE A 174 -13.96 9.63 8.38
CA PHE A 174 -14.86 9.64 7.24
C PHE A 174 -14.31 8.75 6.13
N LEU A 175 -15.21 8.09 5.40
CA LEU A 175 -14.79 7.21 4.31
C LEU A 175 -14.07 7.98 3.21
N ILE A 176 -12.94 7.45 2.77
CA ILE A 176 -12.15 8.08 1.72
C ILE A 176 -12.50 7.45 0.38
N TYR A 177 -12.46 6.13 0.34
CA TYR A 177 -12.78 5.38 -0.87
C TYR A 177 -13.18 3.96 -0.48
N LYS A 178 -13.91 3.28 -1.36
CA LYS A 178 -14.34 1.93 -1.06
C LYS A 178 -14.43 1.07 -2.32
N PHE A 179 -13.65 -0.01 -2.36
CA PHE A 179 -13.66 -0.91 -3.50
C PHE A 179 -14.81 -1.90 -3.38
N SER A 180 -15.69 -1.92 -4.37
CA SER A 180 -16.83 -2.83 -4.34
C SER A 180 -16.70 -3.91 -5.41
N GLN A 181 -17.36 -5.04 -5.16
CA GLN A 181 -17.32 -6.15 -6.10
C GLN A 181 -15.89 -6.53 -6.44
N CYS A 182 -15.07 -6.72 -5.41
CA CYS A 182 -13.67 -7.08 -5.62
C CYS A 182 -13.55 -8.57 -5.96
N SER A 183 -12.66 -8.88 -6.90
CA SER A 183 -12.45 -10.27 -7.30
C SER A 183 -11.62 -10.99 -6.26
N PHE A 184 -12.26 -11.40 -5.17
CA PHE A 184 -11.56 -12.10 -4.10
C PHE A 184 -11.56 -13.60 -4.36
N SER A 185 -10.87 -14.00 -5.43
CA SER A 185 -10.76 -15.41 -5.78
C SER A 185 -9.47 -15.99 -5.23
N LYS A 186 -8.61 -15.11 -4.73
CA LYS A 186 -7.33 -15.53 -4.18
C LYS A 186 -7.11 -14.87 -2.81
N PRO A 187 -6.15 -15.36 -2.07
CA PRO A 187 -5.85 -14.81 -0.72
C PRO A 187 -5.17 -13.45 -0.80
N VAL A 188 -5.74 -12.47 -0.11
CA VAL A 188 -5.19 -11.10 -0.13
C VAL A 188 -4.45 -10.80 1.17
N PHE A 189 -3.55 -9.82 1.09
CA PHE A 189 -2.78 -9.40 2.26
C PHE A 189 -2.73 -7.87 2.34
N PRO A 190 -2.47 -7.33 3.50
CA PRO A 190 -2.40 -5.86 3.68
C PRO A 190 -1.19 -5.29 2.95
N TYR A 191 -1.43 -4.34 2.05
CA TYR A 191 -0.35 -3.76 1.27
C TYR A 191 0.15 -2.44 1.86
N LEU A 192 1.47 -2.30 1.92
CA LEU A 192 2.09 -1.09 2.43
C LEU A 192 3.24 -0.69 1.52
N ASN A 193 3.45 0.61 1.33
CA ASN A 193 4.53 1.05 0.45
C ASN A 193 4.93 2.49 0.76
N PRO A 194 6.08 2.67 1.35
CA PRO A 194 6.62 4.02 1.69
C PRO A 194 6.61 4.93 0.47
N ARG A 195 6.93 4.36 -0.68
CA ARG A 195 6.98 5.12 -1.93
C ARG A 195 8.16 6.08 -1.91
N LYS A 196 9.37 5.53 -1.88
CA LYS A 196 10.57 6.35 -1.88
C LYS A 196 10.63 7.26 -0.65
N CYS A 197 9.48 7.52 -0.04
CA CYS A 197 9.43 8.39 1.13
C CYS A 197 10.23 7.76 2.28
N THR A 198 11.19 8.51 2.80
CA THR A 198 12.02 8.00 3.89
C THR A 198 11.25 7.94 5.21
N VAL A 199 10.16 8.72 5.29
CA VAL A 199 9.36 8.75 6.52
C VAL A 199 8.64 7.42 6.70
N PRO A 200 8.96 6.71 7.75
CA PRO A 200 8.36 5.38 8.05
C PRO A 200 6.86 5.40 8.32
N MET A 201 6.19 4.38 7.82
CA MET A 201 4.75 4.21 8.02
C MET A 201 4.48 3.07 8.99
N THR A 202 3.93 3.38 10.15
CA THR A 202 3.65 2.36 11.16
C THR A 202 2.20 1.88 11.14
N LEU A 203 1.93 0.87 12.00
CA LEU A 203 0.59 0.25 12.11
C LEU A 203 0.09 0.24 13.55
N CYS A 204 -0.38 1.37 14.06
CA CYS A 204 -0.88 1.37 15.42
C CYS A 204 -0.94 -0.07 15.96
N SER A 205 -2.15 -0.55 16.22
CA SER A 205 -2.32 -1.90 16.74
C SER A 205 -2.89 -1.79 18.17
N PRO A 206 -4.16 -2.03 18.26
CA PRO A 206 -4.95 -1.93 19.52
C PRO A 206 -4.72 -3.14 20.44
N THR A 2 -19.27 5.92 13.21
CA THR A 2 -20.23 4.79 13.08
C THR A 2 -19.64 3.73 12.16
N GLU A 3 -19.52 4.06 10.88
CA GLU A 3 -18.98 3.12 9.90
C GLU A 3 -17.56 2.71 10.28
N LEU A 4 -16.84 3.63 10.92
CA LEU A 4 -15.46 3.33 11.34
C LEU A 4 -15.47 2.57 12.66
N THR A 5 -16.43 2.88 13.50
CA THR A 5 -16.54 2.21 14.80
C THR A 5 -16.91 0.74 14.61
N ASP A 6 -17.76 0.46 13.63
CA ASP A 6 -18.18 -0.91 13.36
C ASP A 6 -17.04 -1.70 12.74
N ALA A 7 -16.23 -1.04 11.93
CA ALA A 7 -15.11 -1.70 11.27
C ALA A 7 -14.00 -1.98 12.28
N ARG A 8 -13.89 -1.13 13.30
CA ARG A 8 -12.86 -1.31 14.32
C ARG A 8 -13.16 -2.54 15.17
N ARG A 9 -14.36 -3.08 15.01
CA ARG A 9 -14.77 -4.27 15.76
C ARG A 9 -13.96 -5.47 15.31
N TYR A 10 -13.41 -5.39 14.10
CA TYR A 10 -12.61 -6.48 13.55
C TYR A 10 -11.14 -6.07 13.47
N TRP A 11 -10.68 -5.35 14.48
CA TRP A 11 -9.28 -4.90 14.51
C TRP A 11 -8.37 -6.11 14.69
N VAL A 12 -7.44 -6.28 13.76
CA VAL A 12 -6.52 -7.41 13.81
C VAL A 12 -5.07 -6.95 13.90
N ASP A 13 -4.25 -7.76 14.56
CA ASP A 13 -2.83 -7.45 14.71
C ASP A 13 -2.11 -7.83 13.42
N VAL A 14 -1.71 -6.82 12.65
CA VAL A 14 -1.03 -7.06 11.38
C VAL A 14 0.48 -6.85 11.50
N THR A 15 1.23 -7.83 10.98
CA THR A 15 2.69 -7.75 11.01
C THR A 15 3.24 -7.92 9.60
N LEU A 16 4.21 -7.08 9.25
CA LEU A 16 4.80 -7.14 7.92
C LEU A 16 5.67 -8.38 7.75
N ALA A 17 5.73 -8.89 6.52
CA ALA A 17 6.54 -10.07 6.23
C ALA A 17 7.72 -9.67 5.35
N THR A 18 8.92 -10.10 5.74
CA THR A 18 10.12 -9.77 4.99
C THR A 18 10.16 -10.50 3.65
N ASN A 19 10.23 -9.73 2.57
CA ASN A 19 10.29 -10.29 1.23
C ASN A 19 11.58 -9.87 0.54
N ASN A 20 12.00 -10.67 -0.45
CA ASN A 20 13.23 -10.37 -1.18
C ASN A 20 12.90 -9.88 -2.58
N ILE A 21 11.98 -8.93 -2.69
CA ILE A 21 11.59 -8.40 -4.00
C ILE A 21 11.37 -6.89 -3.91
N SER A 22 11.55 -6.33 -2.72
CA SER A 22 11.36 -4.91 -2.51
C SER A 22 12.58 -4.30 -1.82
N HIS A 23 12.82 -3.02 -2.05
CA HIS A 23 13.96 -2.34 -1.44
C HIS A 23 13.55 -1.72 -0.10
N ALA A 24 12.31 -1.98 0.30
CA ALA A 24 11.80 -1.44 1.56
C ALA A 24 12.59 -1.97 2.75
N VAL A 25 12.53 -1.24 3.86
CA VAL A 25 13.24 -1.65 5.07
C VAL A 25 12.24 -1.86 6.20
N ILE A 26 12.03 -3.11 6.59
CA ILE A 26 11.10 -3.43 7.65
C ILE A 26 11.78 -3.47 9.01
N ALA A 27 11.15 -2.85 10.00
CA ALA A 27 11.71 -2.81 11.35
C ALA A 27 11.89 -4.22 11.90
N GLU A 28 12.46 -4.32 13.09
CA GLU A 28 12.69 -5.61 13.71
C GLU A 28 11.37 -6.18 14.24
N ASP A 29 10.49 -5.30 14.70
CA ASP A 29 9.20 -5.72 15.24
C ASP A 29 8.22 -6.03 14.11
N LYS A 30 8.64 -5.78 12.88
CA LYS A 30 7.78 -6.03 11.73
C LYS A 30 6.51 -5.20 11.83
N ARG A 31 6.65 -3.99 12.39
CA ARG A 31 5.51 -3.11 12.56
C ARG A 31 5.81 -1.73 12.00
N GLN A 32 6.87 -1.64 11.18
CA GLN A 32 7.27 -0.37 10.59
C GLN A 32 8.06 -0.61 9.31
N VAL A 33 7.83 0.21 8.30
CA VAL A 33 8.55 0.07 7.03
C VAL A 33 8.85 1.44 6.42
N SER A 34 10.01 1.56 5.80
CA SER A 34 10.41 2.82 5.18
C SER A 34 11.19 2.56 3.90
N SER A 35 11.72 3.62 3.32
CA SER A 35 12.49 3.49 2.09
C SER A 35 13.92 4.01 2.28
N ARG A 36 14.74 3.84 1.25
CA ARG A 36 16.12 4.35 1.25
C ARG A 36 17.10 3.43 1.98
N ASN A 37 16.65 2.28 2.46
CA ASN A 37 17.56 1.37 3.16
C ASN A 37 18.32 2.14 4.25
N PRO A 38 19.11 1.47 5.07
CA PRO A 38 19.86 2.16 6.16
C PRO A 38 20.57 3.42 5.70
N GLN A 39 21.51 3.89 6.52
CA GLN A 39 22.28 5.09 6.22
C GLN A 39 22.31 5.33 4.71
N ILE A 40 23.10 4.52 4.02
CA ILE A 40 23.19 4.64 2.57
C ILE A 40 23.69 3.37 1.95
N MET A 41 23.06 2.27 2.29
CA MET A 41 23.50 1.05 1.70
C MET A 41 24.95 0.83 2.09
N TYR A 42 25.36 1.58 3.11
CA TYR A 42 26.73 1.52 3.58
C TYR A 42 27.68 1.36 2.40
N GLN A 43 27.28 1.95 1.27
CA GLN A 43 28.07 1.87 0.05
C GLN A 43 28.58 3.24 -0.37
N ALA A 44 27.76 4.25 -0.09
CA ALA A 44 28.12 5.63 -0.44
C ALA A 44 28.95 5.69 -1.71
N PRO A 45 28.29 5.75 -2.84
CA PRO A 45 28.99 5.85 -4.15
C PRO A 45 29.69 7.20 -4.31
N GLY A 46 30.18 7.73 -3.20
CA GLY A 46 30.89 9.01 -3.21
C GLY A 46 30.20 10.02 -2.31
N THR A 47 28.99 10.42 -2.70
CA THR A 47 28.22 11.38 -1.92
C THR A 47 27.77 10.79 -0.62
N LEU A 48 27.16 9.62 -0.76
CA LEU A 48 26.57 8.87 0.35
C LEU A 48 25.27 8.31 -0.15
N PHE A 49 24.27 9.16 -0.12
CA PHE A 49 22.98 8.80 -0.64
C PHE A 49 23.17 8.81 -2.10
N THR A 50 24.00 9.76 -2.46
CA THR A 50 24.37 9.98 -3.81
C THR A 50 23.18 10.16 -4.70
N PHE A 51 22.89 9.04 -5.27
CA PHE A 51 21.84 8.87 -6.26
C PHE A 51 22.08 7.49 -6.86
N PRO A 52 21.85 6.43 -6.14
CA PRO A 52 22.14 5.08 -6.64
C PRO A 52 21.80 4.92 -8.11
N SER A 53 22.75 5.25 -8.97
CA SER A 53 22.52 5.14 -10.40
C SER A 53 22.40 3.67 -10.80
N LEU A 54 22.91 2.80 -9.93
CA LEU A 54 22.84 1.35 -10.18
C LEU A 54 21.45 0.98 -10.66
N THR A 55 20.54 1.88 -10.37
CA THR A 55 19.14 1.70 -10.74
C THR A 55 18.43 3.04 -10.54
N ASN A 56 18.83 3.74 -9.48
CA ASN A 56 18.27 5.04 -9.15
C ASN A 56 16.78 5.07 -9.43
N PHE A 57 16.51 5.39 -10.68
CA PHE A 57 15.19 5.53 -11.21
C PHE A 57 14.43 4.20 -11.22
N ASN A 58 14.01 3.76 -10.04
CA ASN A 58 13.28 2.52 -9.91
C ASN A 58 12.85 2.32 -8.45
N TYR A 59 12.31 3.37 -7.85
CA TYR A 59 11.87 3.31 -6.47
C TYR A 59 10.81 2.22 -6.28
N CYS A 60 11.27 0.99 -6.07
CA CYS A 60 10.36 -0.14 -5.88
C CYS A 60 10.48 -0.67 -4.46
N THR A 61 9.46 -0.45 -3.65
CA THR A 61 9.47 -0.92 -2.27
C THR A 61 8.07 -1.31 -1.83
N GLY A 62 7.67 -2.55 -2.12
CA GLY A 62 6.34 -3.02 -1.75
C GLY A 62 6.42 -4.19 -0.78
N VAL A 63 5.57 -4.15 0.25
CA VAL A 63 5.57 -5.22 1.25
C VAL A 63 4.13 -5.67 1.53
N LEU A 64 4.00 -6.90 2.00
CA LEU A 64 2.68 -7.45 2.31
C LEU A 64 2.63 -7.87 3.78
N GLY A 65 1.49 -8.41 4.21
CA GLY A 65 1.35 -8.84 5.59
C GLY A 65 1.90 -10.24 5.78
N SER A 66 2.04 -10.65 7.04
CA SER A 66 2.55 -11.97 7.35
C SER A 66 1.42 -13.01 7.33
N GLN A 67 0.20 -12.51 7.38
CA GLN A 67 -0.97 -13.39 7.37
C GLN A 67 -1.90 -13.03 6.21
N SER A 68 -2.39 -14.06 5.51
CA SER A 68 -3.27 -13.84 4.38
C SER A 68 -4.73 -13.77 4.84
N ILE A 69 -5.58 -13.18 4.01
CA ILE A 69 -7.00 -13.05 4.34
C ILE A 69 -7.84 -13.81 3.32
N THR A 70 -8.61 -14.80 3.80
CA THR A 70 -9.44 -15.60 2.91
C THR A 70 -10.87 -15.74 3.45
N SER A 71 -11.24 -14.87 4.38
CA SER A 71 -12.59 -14.93 4.94
C SER A 71 -12.70 -14.03 6.17
N GLY A 72 -13.94 -13.71 6.54
CA GLY A 72 -14.18 -12.86 7.70
C GLY A 72 -13.77 -11.42 7.40
N LYS A 73 -13.98 -10.53 8.37
CA LYS A 73 -13.62 -9.13 8.19
C LYS A 73 -12.31 -8.81 8.91
N HIS A 74 -11.57 -7.85 8.36
CA HIS A 74 -10.30 -7.45 8.95
C HIS A 74 -10.14 -5.94 8.91
N TYR A 75 -9.55 -5.38 9.95
CA TYR A 75 -9.34 -3.94 10.02
C TYR A 75 -8.04 -3.60 10.73
N TRP A 76 -7.28 -2.69 10.12
CA TRP A 76 -6.01 -2.26 10.69
C TRP A 76 -5.72 -0.82 10.26
N GLU A 77 -5.00 -0.08 11.11
CA GLU A 77 -4.68 1.30 10.80
C GLU A 77 -3.20 1.45 10.43
N VAL A 78 -2.91 2.48 9.64
CA VAL A 78 -1.54 2.75 9.21
C VAL A 78 -1.21 4.22 9.45
N ASP A 79 -0.13 4.47 10.17
CA ASP A 79 0.27 5.85 10.47
C ASP A 79 1.20 6.40 9.39
N VAL A 80 0.71 7.42 8.68
CA VAL A 80 1.50 8.05 7.63
C VAL A 80 1.69 9.53 7.96
N SER A 81 2.16 9.79 9.18
CA SER A 81 2.37 11.16 9.63
C SER A 81 3.68 11.73 9.08
N LYS A 82 3.59 12.91 8.46
CA LYS A 82 4.77 13.56 7.90
C LYS A 82 5.22 12.90 6.61
N LYS A 83 4.49 11.88 6.16
CA LYS A 83 4.84 11.19 4.93
C LYS A 83 4.33 11.99 3.73
N SER A 84 5.19 12.14 2.72
CA SER A 84 4.81 12.90 1.53
C SER A 84 4.39 11.99 0.39
N ALA A 85 4.41 10.69 0.62
CA ALA A 85 4.03 9.73 -0.41
C ALA A 85 4.01 8.31 0.15
N TRP A 86 3.03 7.52 -0.28
CA TRP A 86 2.91 6.15 0.19
C TRP A 86 1.73 5.44 -0.47
N ILE A 87 1.79 4.12 -0.53
CA ILE A 87 0.72 3.34 -1.12
C ILE A 87 0.28 2.25 -0.16
N LEU A 88 -1.01 2.26 0.19
CA LEU A 88 -1.54 1.27 1.12
C LEU A 88 -2.92 0.80 0.70
N GLY A 89 -3.27 -0.42 1.09
CA GLY A 89 -4.57 -0.99 0.76
C GLY A 89 -4.53 -2.51 0.90
N VAL A 90 -4.88 -3.21 -0.18
CA VAL A 90 -4.88 -4.66 -0.15
C VAL A 90 -4.27 -5.23 -1.44
N CYS A 91 -3.48 -6.30 -1.29
CA CYS A 91 -2.84 -6.92 -2.44
C CYS A 91 -3.01 -8.43 -2.40
N ALA A 92 -2.97 -9.06 -3.56
CA ALA A 92 -3.12 -10.51 -3.65
C ALA A 92 -1.76 -11.18 -3.77
N GLY A 93 -0.70 -10.38 -3.79
CA GLY A 93 0.66 -10.91 -3.89
C GLY A 93 1.40 -10.28 -5.06
N PHE A 94 2.67 -10.66 -5.21
CA PHE A 94 3.49 -10.15 -6.30
C PHE A 94 3.63 -11.19 -7.40
N GLN A 95 2.64 -12.07 -7.50
CA GLN A 95 2.67 -13.12 -8.51
C GLN A 95 2.62 -12.52 -9.91
N SER A 96 1.79 -11.49 -10.08
CA SER A 96 1.65 -10.84 -11.37
C SER A 96 2.28 -9.45 -11.34
N ASP A 97 3.53 -9.39 -10.90
CA ASP A 97 4.24 -8.12 -10.82
C ASP A 97 5.25 -7.99 -11.96
N ALA A 98 5.65 -9.13 -12.51
CA ALA A 98 6.62 -9.15 -13.59
C ALA A 98 5.91 -8.96 -14.94
N MET A 99 4.85 -9.72 -15.14
CA MET A 99 4.09 -9.64 -16.38
C MET A 99 3.69 -8.20 -16.72
N TYR A 100 3.27 -7.45 -15.69
CA TYR A 100 2.86 -6.07 -15.91
C TYR A 100 3.75 -5.09 -15.14
N ASN A 101 5.03 -5.41 -15.02
CA ASN A 101 5.94 -4.53 -14.30
C ASN A 101 5.14 -3.60 -13.39
N ILE A 102 4.42 -4.18 -12.44
CA ILE A 102 3.60 -3.40 -11.52
C ILE A 102 4.47 -2.53 -10.60
N GLU A 103 5.13 -3.19 -9.65
CA GLU A 103 5.98 -2.49 -8.68
C GLU A 103 6.97 -1.56 -9.38
N GLN A 104 7.50 -2.01 -10.52
CA GLN A 104 8.48 -1.20 -11.24
C GLN A 104 7.86 0.07 -11.80
N ASN A 105 6.64 -0.03 -12.31
CA ASN A 105 5.96 1.13 -12.89
C ASN A 105 4.66 1.44 -12.13
N GLU A 106 4.67 1.18 -10.83
CA GLU A 106 3.49 1.45 -10.01
C GLU A 106 2.21 1.16 -10.79
N ASN A 107 2.19 0.02 -11.47
CA ASN A 107 1.02 -0.37 -12.26
C ASN A 107 0.02 -1.12 -11.39
N TYR A 108 -0.49 -0.45 -10.36
CA TYR A 108 -1.45 -1.08 -9.46
C TYR A 108 -2.85 -1.08 -10.08
N GLN A 109 -3.45 -2.25 -10.16
CA GLN A 109 -4.78 -2.37 -10.74
C GLN A 109 -5.54 -3.52 -10.09
N PRO A 110 -6.80 -3.33 -9.83
CA PRO A 110 -7.66 -4.36 -9.19
C PRO A 110 -7.71 -5.64 -10.03
N LYS A 111 -7.53 -5.49 -11.34
CA LYS A 111 -7.54 -6.64 -12.24
C LYS A 111 -6.25 -7.42 -12.09
N TYR A 112 -5.25 -6.79 -11.46
CA TYR A 112 -3.96 -7.42 -11.23
C TYR A 112 -3.85 -7.89 -9.78
N GLY A 113 -4.87 -7.56 -8.98
CA GLY A 113 -4.87 -7.93 -7.58
C GLY A 113 -4.35 -6.77 -6.74
N TYR A 114 -4.80 -5.56 -7.05
CA TYR A 114 -4.36 -4.38 -6.34
C TYR A 114 -5.50 -3.42 -6.05
N TRP A 115 -5.82 -3.30 -4.76
CA TRP A 115 -6.88 -2.41 -4.31
C TRP A 115 -6.28 -1.40 -3.33
N VAL A 116 -5.58 -0.40 -3.84
CA VAL A 116 -4.94 0.57 -2.96
C VAL A 116 -5.12 2.01 -3.42
N ILE A 117 -4.76 2.92 -2.53
CA ILE A 117 -4.80 4.34 -2.79
C ILE A 117 -3.41 4.91 -2.53
N GLY A 118 -3.09 6.06 -3.12
CA GLY A 118 -1.75 6.61 -2.92
C GLY A 118 -1.73 8.12 -2.75
N LEU A 119 -0.61 8.60 -2.22
CA LEU A 119 -0.39 10.02 -2.01
C LEU A 119 0.98 10.39 -2.55
N GLN A 120 1.05 11.48 -3.31
CA GLN A 120 2.33 11.87 -3.90
C GLN A 120 2.50 13.39 -3.92
N GLU A 121 3.74 13.84 -3.78
CA GLU A 121 4.05 15.25 -3.79
C GLU A 121 3.65 15.92 -2.47
N GLY A 122 2.98 15.15 -1.61
CA GLY A 122 2.57 15.68 -0.31
C GLY A 122 1.07 15.95 -0.23
N VAL A 123 0.47 16.41 -1.33
CA VAL A 123 -0.96 16.72 -1.31
C VAL A 123 -1.68 16.17 -2.54
N LYS A 124 -1.13 15.12 -3.13
CA LYS A 124 -1.76 14.54 -4.31
C LYS A 124 -2.23 13.11 -4.03
N TYR A 125 -3.47 12.99 -3.58
CA TYR A 125 -4.07 11.69 -3.29
C TYR A 125 -4.75 11.14 -4.54
N SER A 126 -4.78 9.82 -4.68
CA SER A 126 -5.41 9.21 -5.84
C SER A 126 -5.72 7.74 -5.59
N VAL A 127 -6.65 7.20 -6.35
CA VAL A 127 -7.03 5.80 -6.23
C VAL A 127 -6.73 5.05 -7.52
N PHE A 128 -5.99 3.95 -7.41
CA PHE A 128 -5.62 3.17 -8.58
C PHE A 128 -6.79 2.29 -9.04
N GLN A 129 -7.20 2.47 -10.30
CA GLN A 129 -8.29 1.69 -10.86
C GLN A 129 -7.82 0.95 -12.10
N ASP A 130 -8.69 0.11 -12.65
CA ASP A 130 -8.34 -0.66 -13.85
C ASP A 130 -8.14 0.27 -15.04
N GLY A 131 -7.13 0.00 -15.85
CA GLY A 131 -6.83 0.81 -17.02
C GLY A 131 -7.18 0.08 -18.30
N SER A 132 -7.23 0.82 -19.41
CA SER A 132 -7.54 0.22 -20.70
C SER A 132 -6.54 -0.87 -21.05
N SER A 133 -7.04 -1.98 -21.59
CA SER A 133 -6.18 -3.09 -21.97
C SER A 133 -5.21 -2.66 -23.07
N HIS A 134 -5.60 -1.64 -23.83
CA HIS A 134 -4.75 -1.15 -24.91
C HIS A 134 -3.44 -0.62 -24.33
N THR A 135 -3.48 -0.29 -23.04
CA THR A 135 -2.32 0.23 -22.35
C THR A 135 -2.21 -0.44 -20.98
N PRO A 136 -1.99 -1.73 -20.99
CA PRO A 136 -1.88 -2.54 -19.75
C PRO A 136 -0.74 -2.10 -18.82
N PHE A 137 0.28 -1.47 -19.36
CA PHE A 137 1.41 -1.03 -18.54
C PHE A 137 1.13 0.31 -17.88
N ALA A 138 -0.14 0.70 -17.81
CA ALA A 138 -0.50 1.97 -17.20
C ALA A 138 -1.88 1.91 -16.57
N PRO A 139 -1.98 2.17 -15.30
CA PRO A 139 -3.27 2.16 -14.56
C PRO A 139 -4.10 3.43 -14.82
N PHE A 140 -5.32 3.44 -14.31
CA PHE A 140 -6.21 4.58 -14.47
C PHE A 140 -6.32 5.37 -13.16
N ILE A 141 -5.26 6.10 -12.84
CA ILE A 141 -5.23 6.87 -11.60
C ILE A 141 -6.35 7.91 -11.54
N VAL A 142 -7.09 7.90 -10.45
CA VAL A 142 -8.17 8.85 -10.26
C VAL A 142 -7.87 9.70 -9.02
N PRO A 143 -7.93 10.99 -9.14
CA PRO A 143 -7.64 11.93 -8.02
C PRO A 143 -8.73 11.94 -6.96
N LEU A 144 -8.32 11.87 -5.70
CA LEU A 144 -9.26 11.88 -4.58
C LEU A 144 -9.38 13.29 -3.98
N SER A 145 -10.59 13.67 -3.60
CA SER A 145 -10.81 14.99 -3.00
C SER A 145 -10.57 14.95 -1.49
N VAL A 146 -9.34 15.18 -1.10
CA VAL A 146 -8.98 15.18 0.31
C VAL A 146 -8.82 16.59 0.84
N ILE A 147 -9.62 16.94 1.84
CA ILE A 147 -9.55 18.26 2.44
C ILE A 147 -8.69 18.23 3.69
N ILE A 148 -8.88 17.20 4.50
CA ILE A 148 -8.12 17.05 5.74
C ILE A 148 -7.05 15.98 5.59
N CYS A 149 -5.82 16.40 5.32
CA CYS A 149 -4.73 15.44 5.17
C CYS A 149 -4.79 14.41 6.29
N PRO A 150 -4.93 13.16 5.94
CA PRO A 150 -5.02 12.05 6.93
C PRO A 150 -3.66 11.73 7.56
N ASP A 151 -3.63 11.71 8.89
CA ASP A 151 -2.41 11.40 9.62
C ASP A 151 -2.39 9.91 9.95
N ARG A 152 -3.51 9.26 9.70
CA ARG A 152 -3.64 7.81 9.95
C ARG A 152 -4.80 7.27 9.13
N VAL A 153 -4.52 6.25 8.31
CA VAL A 153 -5.56 5.66 7.48
C VAL A 153 -5.99 4.29 7.98
N GLY A 154 -7.30 4.07 8.01
CA GLY A 154 -7.86 2.80 8.47
C GLY A 154 -8.33 1.96 7.29
N VAL A 155 -7.86 0.71 7.22
CA VAL A 155 -8.23 -0.17 6.13
C VAL A 155 -9.17 -1.28 6.63
N PHE A 156 -10.31 -1.42 5.96
CA PHE A 156 -11.29 -2.43 6.32
C PHE A 156 -11.55 -3.34 5.12
N VAL A 157 -11.45 -4.65 5.34
CA VAL A 157 -11.67 -5.60 4.27
C VAL A 157 -12.78 -6.59 4.61
N ASP A 158 -13.77 -6.69 3.73
CA ASP A 158 -14.90 -7.59 3.94
C ASP A 158 -14.89 -8.70 2.90
N TYR A 159 -13.94 -9.63 3.04
CA TYR A 159 -13.81 -10.74 2.11
C TYR A 159 -15.19 -11.21 1.62
N GLU A 160 -16.03 -11.63 2.55
CA GLU A 160 -17.37 -12.10 2.21
C GLU A 160 -18.08 -11.13 1.27
N ALA A 161 -18.10 -9.86 1.65
CA ALA A 161 -18.76 -8.84 0.84
C ALA A 161 -17.87 -8.40 -0.32
N CYS A 162 -16.59 -8.74 -0.25
CA CYS A 162 -15.66 -8.37 -1.30
C CYS A 162 -15.59 -6.84 -1.42
N THR A 163 -15.15 -6.19 -0.35
CA THR A 163 -15.05 -4.74 -0.34
C THR A 163 -13.84 -4.26 0.46
N VAL A 164 -13.24 -3.18 -0.01
CA VAL A 164 -12.07 -2.61 0.67
C VAL A 164 -12.32 -1.12 0.91
N SER A 165 -12.49 -0.75 2.19
CA SER A 165 -12.77 0.63 2.53
C SER A 165 -11.56 1.32 3.17
N PHE A 166 -11.46 2.63 2.96
CA PHE A 166 -10.39 3.43 3.52
C PHE A 166 -10.99 4.56 4.36
N PHE A 167 -10.63 4.61 5.63
CA PHE A 167 -11.17 5.64 6.52
C PHE A 167 -10.12 6.69 6.86
N ASN A 168 -10.58 7.94 7.00
CA ASN A 168 -9.69 9.04 7.34
C ASN A 168 -9.76 9.33 8.84
N ILE A 169 -9.04 8.51 9.61
CA ILE A 169 -9.02 8.66 11.07
C ILE A 169 -8.91 10.13 11.48
N THR A 170 -8.09 10.89 10.76
CA THR A 170 -7.90 12.30 11.09
C THR A 170 -9.15 13.12 10.77
N ASN A 171 -10.00 12.61 9.90
CA ASN A 171 -11.21 13.32 9.52
C ASN A 171 -12.44 12.62 10.09
N HIS A 172 -12.52 12.56 11.42
CA HIS A 172 -13.66 11.92 12.07
C HIS A 172 -13.84 10.49 11.55
N GLY A 173 -12.83 9.99 10.85
CA GLY A 173 -12.87 8.65 10.31
C GLY A 173 -13.85 8.55 9.15
N PHE A 174 -13.96 9.63 8.38
CA PHE A 174 -14.86 9.64 7.24
C PHE A 174 -14.31 8.75 6.13
N LEU A 175 -15.21 8.09 5.40
CA LEU A 175 -14.79 7.21 4.31
C LEU A 175 -14.07 7.98 3.21
N ILE A 176 -12.94 7.45 2.77
CA ILE A 176 -12.15 8.08 1.72
C ILE A 176 -12.50 7.45 0.38
N TYR A 177 -12.46 6.13 0.34
CA TYR A 177 -12.78 5.38 -0.87
C TYR A 177 -13.18 3.96 -0.48
N LYS A 178 -13.91 3.28 -1.36
CA LYS A 178 -14.34 1.93 -1.06
C LYS A 178 -14.43 1.07 -2.32
N PHE A 179 -13.65 -0.01 -2.36
CA PHE A 179 -13.66 -0.91 -3.50
C PHE A 179 -14.81 -1.90 -3.38
N SER A 180 -15.69 -1.92 -4.37
CA SER A 180 -16.83 -2.83 -4.34
C SER A 180 -16.70 -3.91 -5.41
N GLN A 181 -17.36 -5.04 -5.16
CA GLN A 181 -17.32 -6.15 -6.10
C GLN A 181 -15.89 -6.53 -6.44
N CYS A 182 -15.07 -6.72 -5.41
CA CYS A 182 -13.67 -7.08 -5.62
C CYS A 182 -13.55 -8.57 -5.96
N SER A 183 -12.66 -8.88 -6.90
CA SER A 183 -12.45 -10.27 -7.30
C SER A 183 -11.62 -10.99 -6.26
N PHE A 184 -12.26 -11.40 -5.17
CA PHE A 184 -11.56 -12.10 -4.10
C PHE A 184 -11.56 -13.60 -4.36
N SER A 185 -10.87 -14.00 -5.43
CA SER A 185 -10.76 -15.41 -5.78
C SER A 185 -9.47 -15.99 -5.23
N LYS A 186 -8.61 -15.11 -4.73
CA LYS A 186 -7.33 -15.53 -4.18
C LYS A 186 -7.11 -14.87 -2.81
N PRO A 187 -6.15 -15.36 -2.07
CA PRO A 187 -5.85 -14.81 -0.72
C PRO A 187 -5.17 -13.45 -0.80
N VAL A 188 -5.74 -12.47 -0.11
CA VAL A 188 -5.19 -11.10 -0.13
C VAL A 188 -4.45 -10.80 1.17
N PHE A 189 -3.55 -9.82 1.09
CA PHE A 189 -2.78 -9.40 2.26
C PHE A 189 -2.73 -7.87 2.34
N PRO A 190 -2.47 -7.33 3.50
CA PRO A 190 -2.40 -5.86 3.68
C PRO A 190 -1.19 -5.29 2.95
N TYR A 191 -1.43 -4.34 2.05
CA TYR A 191 -0.35 -3.76 1.27
C TYR A 191 0.15 -2.44 1.86
N LEU A 192 1.47 -2.30 1.92
CA LEU A 192 2.09 -1.09 2.43
C LEU A 192 3.24 -0.69 1.52
N ASN A 193 3.45 0.61 1.33
CA ASN A 193 4.53 1.05 0.45
C ASN A 193 4.93 2.49 0.76
N PRO A 194 6.08 2.67 1.35
CA PRO A 194 6.62 4.02 1.69
C PRO A 194 6.61 4.93 0.47
N ARG A 195 6.93 4.36 -0.68
CA ARG A 195 6.98 5.12 -1.93
C ARG A 195 8.16 6.08 -1.91
N LYS A 196 9.37 5.53 -1.88
CA LYS A 196 10.58 6.35 -1.87
C LYS A 196 10.63 7.26 -0.65
N CYS A 197 9.48 7.52 -0.04
CA CYS A 197 9.43 8.39 1.13
C CYS A 197 10.23 7.76 2.28
N THR A 198 11.19 8.51 2.81
CA THR A 198 12.02 8.01 3.89
C THR A 198 11.26 7.97 5.21
N VAL A 199 10.16 8.72 5.29
CA VAL A 199 9.36 8.75 6.52
C VAL A 199 8.64 7.42 6.70
N PRO A 200 8.96 6.71 7.75
CA PRO A 200 8.36 5.38 8.05
C PRO A 200 6.86 5.40 8.32
N MET A 201 6.19 4.38 7.82
CA MET A 201 4.75 4.21 8.02
C MET A 201 4.48 3.07 8.99
N THR A 202 3.93 3.38 10.15
CA THR A 202 3.65 2.36 11.16
C THR A 202 2.20 1.88 11.14
N LEU A 203 1.93 0.87 12.00
CA LEU A 203 0.59 0.25 12.11
C LEU A 203 0.09 0.24 13.55
N CYS A 204 -0.38 1.37 14.06
CA CYS A 204 -0.88 1.37 15.42
C CYS A 204 -0.94 -0.07 15.96
N SER A 205 -2.15 -0.55 16.22
CA SER A 205 -2.32 -1.90 16.74
C SER A 205 -2.89 -1.79 18.17
N PRO A 206 -4.16 -2.03 18.26
CA PRO A 206 -4.95 -1.93 19.52
C PRO A 206 -4.72 -3.14 20.44
N THR A 2 -19.27 5.92 13.21
CA THR A 2 -20.23 4.79 13.08
C THR A 2 -19.64 3.73 12.16
N GLU A 3 -19.52 4.06 10.88
CA GLU A 3 -18.98 3.12 9.90
C GLU A 3 -17.56 2.71 10.28
N LEU A 4 -16.84 3.63 10.92
CA LEU A 4 -15.46 3.33 11.34
C LEU A 4 -15.47 2.57 12.66
N THR A 5 -16.43 2.88 13.50
CA THR A 5 -16.54 2.21 14.80
C THR A 5 -16.91 0.74 14.61
N ASP A 6 -17.76 0.46 13.63
CA ASP A 6 -18.18 -0.91 13.36
C ASP A 6 -17.04 -1.70 12.74
N ALA A 7 -16.23 -1.04 11.93
CA ALA A 7 -15.11 -1.70 11.27
C ALA A 7 -14.00 -1.98 12.28
N ARG A 8 -13.89 -1.13 13.30
CA ARG A 8 -12.86 -1.31 14.32
C ARG A 8 -13.16 -2.54 15.17
N ARG A 9 -14.36 -3.08 15.01
CA ARG A 9 -14.77 -4.27 15.76
C ARG A 9 -13.96 -5.47 15.31
N TYR A 10 -13.41 -5.39 14.10
CA TYR A 10 -12.61 -6.48 13.55
C TYR A 10 -11.14 -6.07 13.47
N TRP A 11 -10.68 -5.35 14.48
CA TRP A 11 -9.28 -4.90 14.51
C TRP A 11 -8.37 -6.11 14.69
N VAL A 12 -7.44 -6.28 13.76
CA VAL A 12 -6.52 -7.41 13.81
C VAL A 12 -5.07 -6.95 13.90
N ASP A 13 -4.25 -7.76 14.56
CA ASP A 13 -2.83 -7.45 14.71
C ASP A 13 -2.11 -7.83 13.42
N VAL A 14 -1.71 -6.82 12.65
CA VAL A 14 -1.03 -7.06 11.38
C VAL A 14 0.48 -6.85 11.50
N THR A 15 1.23 -7.83 10.98
CA THR A 15 2.69 -7.75 11.01
C THR A 15 3.24 -7.92 9.60
N LEU A 16 4.21 -7.08 9.25
CA LEU A 16 4.80 -7.14 7.92
C LEU A 16 5.67 -8.38 7.75
N ALA A 17 5.73 -8.89 6.52
CA ALA A 17 6.54 -10.07 6.23
C ALA A 17 7.72 -9.67 5.35
N THR A 18 8.92 -10.10 5.74
CA THR A 18 10.12 -9.77 4.99
C THR A 18 10.16 -10.50 3.65
N ASN A 19 10.23 -9.73 2.57
CA ASN A 19 10.29 -10.29 1.23
C ASN A 19 11.58 -9.87 0.54
N ASN A 20 12.00 -10.67 -0.45
CA ASN A 20 13.22 -10.38 -1.19
C ASN A 20 12.90 -9.89 -2.59
N ILE A 21 11.98 -8.93 -2.69
CA ILE A 21 11.59 -8.40 -4.00
C ILE A 21 11.37 -6.89 -3.91
N SER A 22 11.55 -6.33 -2.72
CA SER A 22 11.36 -4.91 -2.51
C SER A 22 12.58 -4.30 -1.82
N HIS A 23 12.81 -3.01 -2.06
CA HIS A 23 13.96 -2.33 -1.44
C HIS A 23 13.55 -1.70 -0.11
N ALA A 24 12.31 -1.98 0.30
CA ALA A 24 11.80 -1.44 1.56
C ALA A 24 12.59 -1.97 2.75
N VAL A 25 12.53 -1.26 3.86
CA VAL A 25 13.24 -1.67 5.07
C VAL A 25 12.26 -1.86 6.22
N ILE A 26 12.03 -3.11 6.59
CA ILE A 26 11.10 -3.43 7.65
C ILE A 26 11.78 -3.47 9.01
N ALA A 27 11.15 -2.85 10.00
CA ALA A 27 11.71 -2.81 11.35
C ALA A 27 11.89 -4.22 11.90
N GLU A 28 12.46 -4.32 13.09
CA GLU A 28 12.69 -5.61 13.71
C GLU A 28 11.37 -6.18 14.24
N ASP A 29 10.49 -5.30 14.70
CA ASP A 29 9.20 -5.72 15.24
C ASP A 29 8.22 -6.03 14.11
N LYS A 30 8.64 -5.78 12.88
CA LYS A 30 7.78 -6.03 11.73
C LYS A 30 6.51 -5.20 11.83
N ARG A 31 6.65 -3.99 12.39
CA ARG A 31 5.51 -3.11 12.56
C ARG A 31 5.81 -1.73 12.00
N GLN A 32 6.87 -1.64 11.18
CA GLN A 32 7.27 -0.37 10.59
C GLN A 32 8.06 -0.61 9.31
N VAL A 33 7.83 0.21 8.30
CA VAL A 33 8.55 0.07 7.03
C VAL A 33 8.85 1.44 6.42
N SER A 34 10.01 1.56 5.80
CA SER A 34 10.41 2.82 5.18
C SER A 34 11.19 2.56 3.90
N SER A 35 11.72 3.62 3.32
CA SER A 35 12.49 3.49 2.09
C SER A 35 13.92 4.01 2.28
N ARG A 36 14.74 3.83 1.26
CA ARG A 36 16.12 4.32 1.30
C ARG A 36 17.03 3.37 2.07
N ASN A 37 18.17 3.92 2.50
CA ASN A 37 19.15 3.14 3.25
C ASN A 37 19.96 4.06 4.16
N PRO A 38 20.68 3.51 5.10
CA PRO A 38 21.52 4.29 6.06
C PRO A 38 22.27 5.44 5.38
N GLN A 39 23.46 5.77 5.89
CA GLN A 39 24.25 6.86 5.31
C GLN A 39 24.06 6.88 3.80
N ILE A 40 24.55 5.84 3.15
CA ILE A 40 24.40 5.69 1.70
C ILE A 40 24.46 4.24 1.35
N MET A 41 24.15 3.42 2.34
CA MET A 41 24.10 2.00 2.12
C MET A 41 25.50 1.41 2.06
N TYR A 42 26.48 2.16 2.53
CA TYR A 42 27.86 1.70 2.46
C TYR A 42 28.05 0.98 1.13
N GLN A 43 27.35 1.49 0.11
CA GLN A 43 27.40 0.89 -1.22
C GLN A 43 27.91 1.87 -2.25
N ALA A 44 27.32 3.06 -2.26
CA ALA A 44 27.70 4.10 -3.21
C ALA A 44 28.45 3.55 -4.41
N PRO A 45 27.92 3.70 -5.61
CA PRO A 45 28.64 3.26 -6.82
C PRO A 45 29.74 4.27 -7.07
N GLY A 46 30.29 4.74 -5.95
CA GLY A 46 31.29 5.77 -5.96
C GLY A 46 30.55 7.08 -6.05
N THR A 47 29.25 6.93 -6.31
CA THR A 47 28.36 8.06 -6.40
C THR A 47 27.28 7.94 -5.36
N LEU A 48 27.69 8.09 -4.14
CA LEU A 48 26.81 8.04 -3.03
C LEU A 48 25.74 6.96 -3.18
N PHE A 49 24.76 7.27 -4.01
CA PHE A 49 23.64 6.41 -4.28
C PHE A 49 23.25 6.61 -5.70
N THR A 50 22.93 7.85 -5.95
CA THR A 50 22.55 8.29 -7.25
C THR A 50 21.32 7.57 -7.75
N PHE A 51 21.67 6.63 -8.58
CA PHE A 51 20.74 5.79 -9.29
C PHE A 51 21.59 4.98 -10.25
N PRO A 52 22.39 4.09 -9.74
CA PRO A 52 23.32 3.31 -10.59
C PRO A 52 22.71 2.97 -11.94
N SER A 53 23.33 3.46 -13.00
CA SER A 53 22.81 3.21 -14.33
C SER A 53 23.03 1.77 -14.76
N LEU A 54 24.02 1.12 -14.16
CA LEU A 54 24.29 -0.27 -14.50
C LEU A 54 22.97 -1.04 -14.55
N THR A 55 21.95 -0.43 -13.97
CA THR A 55 20.62 -1.02 -13.90
C THR A 55 19.68 -0.07 -13.18
N ASN A 56 19.96 1.22 -13.28
CA ASN A 56 19.14 2.21 -12.62
C ASN A 56 17.68 1.89 -12.77
N PHE A 57 16.87 2.79 -12.26
CA PHE A 57 15.44 2.67 -12.42
C PHE A 57 14.90 1.33 -11.91
N ASN A 58 14.45 1.35 -10.66
CA ASN A 58 13.88 0.16 -10.03
C ASN A 58 13.45 0.48 -8.60
N TYR A 59 12.58 1.48 -8.47
CA TYR A 59 12.12 1.90 -7.15
C TYR A 59 10.60 1.70 -6.98
N CYS A 60 10.23 1.23 -5.80
CA CYS A 60 8.82 1.01 -5.47
C CYS A 60 8.70 0.58 -4.01
N THR A 61 9.46 -0.45 -3.65
CA THR A 61 9.47 -0.92 -2.27
C THR A 61 8.07 -1.31 -1.83
N GLY A 62 7.67 -2.55 -2.12
CA GLY A 62 6.34 -3.02 -1.75
C GLY A 62 6.42 -4.19 -0.78
N VAL A 63 5.57 -4.15 0.25
CA VAL A 63 5.57 -5.22 1.25
C VAL A 63 4.13 -5.67 1.53
N LEU A 64 4.00 -6.90 2.00
CA LEU A 64 2.68 -7.45 2.31
C LEU A 64 2.63 -7.87 3.78
N GLY A 65 1.49 -8.41 4.21
CA GLY A 65 1.35 -8.84 5.59
C GLY A 65 1.90 -10.24 5.78
N SER A 66 2.04 -10.65 7.04
CA SER A 66 2.55 -11.97 7.35
C SER A 66 1.42 -13.01 7.33
N GLN A 67 0.20 -12.51 7.38
CA GLN A 67 -0.97 -13.39 7.37
C GLN A 67 -1.90 -13.03 6.21
N SER A 68 -2.39 -14.06 5.51
CA SER A 68 -3.27 -13.84 4.38
C SER A 68 -4.73 -13.77 4.84
N ILE A 69 -5.58 -13.18 4.01
CA ILE A 69 -7.00 -13.05 4.34
C ILE A 69 -7.84 -13.81 3.32
N THR A 70 -8.61 -14.80 3.80
CA THR A 70 -9.44 -15.60 2.91
C THR A 70 -10.87 -15.74 3.45
N SER A 71 -11.24 -14.87 4.38
CA SER A 71 -12.59 -14.93 4.94
C SER A 71 -12.70 -14.03 6.17
N GLY A 72 -13.94 -13.71 6.54
CA GLY A 72 -14.18 -12.86 7.70
C GLY A 72 -13.77 -11.42 7.40
N LYS A 73 -13.98 -10.53 8.37
CA LYS A 73 -13.62 -9.13 8.19
C LYS A 73 -12.31 -8.81 8.91
N HIS A 74 -11.57 -7.85 8.36
CA HIS A 74 -10.30 -7.45 8.95
C HIS A 74 -10.14 -5.94 8.91
N TYR A 75 -9.55 -5.38 9.95
CA TYR A 75 -9.34 -3.94 10.02
C TYR A 75 -8.04 -3.60 10.73
N TRP A 76 -7.28 -2.69 10.12
CA TRP A 76 -6.01 -2.26 10.69
C TRP A 76 -5.72 -0.82 10.26
N GLU A 77 -5.00 -0.08 11.11
CA GLU A 77 -4.68 1.30 10.80
C GLU A 77 -3.20 1.45 10.43
N VAL A 78 -2.91 2.48 9.64
CA VAL A 78 -1.54 2.75 9.21
C VAL A 78 -1.21 4.22 9.45
N ASP A 79 -0.13 4.47 10.17
CA ASP A 79 0.27 5.85 10.47
C ASP A 79 1.20 6.40 9.39
N VAL A 80 0.71 7.42 8.68
CA VAL A 80 1.50 8.05 7.63
C VAL A 80 1.69 9.53 7.96
N SER A 81 2.16 9.79 9.18
CA SER A 81 2.37 11.16 9.63
C SER A 81 3.68 11.73 9.08
N LYS A 82 3.59 12.91 8.46
CA LYS A 82 4.77 13.56 7.90
C LYS A 82 5.22 12.90 6.61
N LYS A 83 4.49 11.88 6.16
CA LYS A 83 4.84 11.19 4.93
C LYS A 83 4.33 11.99 3.73
N SER A 84 5.19 12.14 2.72
CA SER A 84 4.81 12.90 1.53
C SER A 84 4.39 11.99 0.39
N ALA A 85 4.41 10.69 0.62
CA ALA A 85 4.03 9.73 -0.41
C ALA A 85 4.01 8.31 0.15
N TRP A 86 3.03 7.52 -0.28
CA TRP A 86 2.91 6.15 0.19
C TRP A 86 1.73 5.44 -0.47
N ILE A 87 1.79 4.12 -0.53
CA ILE A 87 0.72 3.34 -1.12
C ILE A 87 0.28 2.25 -0.16
N LEU A 88 -1.01 2.26 0.19
CA LEU A 88 -1.54 1.27 1.12
C LEU A 88 -2.92 0.80 0.70
N GLY A 89 -3.27 -0.42 1.09
CA GLY A 89 -4.57 -0.99 0.76
C GLY A 89 -4.53 -2.51 0.90
N VAL A 90 -4.88 -3.21 -0.18
CA VAL A 90 -4.88 -4.66 -0.15
C VAL A 90 -4.27 -5.23 -1.44
N CYS A 91 -3.48 -6.30 -1.29
CA CYS A 91 -2.84 -6.92 -2.44
C CYS A 91 -3.01 -8.43 -2.40
N ALA A 92 -2.97 -9.06 -3.56
CA ALA A 92 -3.12 -10.51 -3.65
C ALA A 92 -1.76 -11.18 -3.77
N GLY A 93 -0.70 -10.38 -3.79
CA GLY A 93 0.66 -10.91 -3.89
C GLY A 93 1.40 -10.28 -5.06
N PHE A 94 2.67 -10.66 -5.21
CA PHE A 94 3.49 -10.15 -6.30
C PHE A 94 3.63 -11.19 -7.40
N GLN A 95 2.64 -12.07 -7.50
CA GLN A 95 2.67 -13.12 -8.51
C GLN A 95 2.62 -12.52 -9.91
N SER A 96 1.79 -11.49 -10.08
CA SER A 96 1.65 -10.84 -11.37
C SER A 96 2.28 -9.45 -11.34
N ASP A 97 3.53 -9.39 -10.90
CA ASP A 97 4.24 -8.12 -10.82
C ASP A 97 5.25 -7.99 -11.96
N ALA A 98 5.65 -9.13 -12.51
CA ALA A 98 6.62 -9.15 -13.59
C ALA A 98 5.91 -8.96 -14.94
N MET A 99 4.85 -9.72 -15.14
CA MET A 99 4.09 -9.64 -16.38
C MET A 99 3.69 -8.20 -16.72
N TYR A 100 3.27 -7.45 -15.69
CA TYR A 100 2.86 -6.07 -15.91
C TYR A 100 3.75 -5.09 -15.14
N ASN A 101 5.03 -5.41 -15.02
CA ASN A 101 5.94 -4.53 -14.30
C ASN A 101 5.14 -3.60 -13.39
N ILE A 102 4.42 -4.18 -12.44
CA ILE A 102 3.60 -3.40 -11.52
C ILE A 102 4.47 -2.53 -10.60
N GLU A 103 5.13 -3.19 -9.65
CA GLU A 103 5.98 -2.49 -8.68
C GLU A 103 6.97 -1.56 -9.38
N GLN A 104 7.50 -2.01 -10.52
CA GLN A 104 8.48 -1.22 -11.26
C GLN A 104 7.86 0.06 -11.81
N ASN A 105 6.64 -0.03 -12.31
CA ASN A 105 5.96 1.13 -12.89
C ASN A 105 4.66 1.44 -12.13
N GLU A 106 4.67 1.18 -10.83
CA GLU A 106 3.49 1.45 -10.01
C GLU A 106 2.21 1.16 -10.79
N ASN A 107 2.19 0.02 -11.47
CA ASN A 107 1.02 -0.37 -12.26
C ASN A 107 0.02 -1.12 -11.39
N TYR A 108 -0.49 -0.45 -10.36
CA TYR A 108 -1.45 -1.08 -9.46
C TYR A 108 -2.85 -1.08 -10.08
N GLN A 109 -3.45 -2.25 -10.16
CA GLN A 109 -4.78 -2.37 -10.74
C GLN A 109 -5.54 -3.52 -10.09
N PRO A 110 -6.80 -3.33 -9.83
CA PRO A 110 -7.66 -4.36 -9.19
C PRO A 110 -7.71 -5.64 -10.03
N LYS A 111 -7.53 -5.49 -11.34
CA LYS A 111 -7.54 -6.64 -12.24
C LYS A 111 -6.25 -7.42 -12.09
N TYR A 112 -5.25 -6.79 -11.46
CA TYR A 112 -3.96 -7.42 -11.23
C TYR A 112 -3.85 -7.89 -9.78
N GLY A 113 -4.87 -7.56 -8.98
CA GLY A 113 -4.87 -7.93 -7.58
C GLY A 113 -4.35 -6.77 -6.74
N TYR A 114 -4.80 -5.56 -7.05
CA TYR A 114 -4.36 -4.38 -6.34
C TYR A 114 -5.50 -3.42 -6.05
N TRP A 115 -5.82 -3.30 -4.76
CA TRP A 115 -6.88 -2.41 -4.31
C TRP A 115 -6.28 -1.40 -3.33
N VAL A 116 -5.58 -0.40 -3.84
CA VAL A 116 -4.94 0.57 -2.96
C VAL A 116 -5.12 2.01 -3.42
N ILE A 117 -4.76 2.92 -2.53
CA ILE A 117 -4.80 4.34 -2.79
C ILE A 117 -3.41 4.91 -2.53
N GLY A 118 -3.09 6.06 -3.12
CA GLY A 118 -1.75 6.61 -2.92
C GLY A 118 -1.73 8.12 -2.75
N LEU A 119 -0.61 8.60 -2.22
CA LEU A 119 -0.39 10.02 -2.01
C LEU A 119 0.98 10.39 -2.55
N GLN A 120 1.05 11.48 -3.31
CA GLN A 120 2.33 11.87 -3.90
C GLN A 120 2.50 13.39 -3.92
N GLU A 121 3.74 13.84 -3.78
CA GLU A 121 4.05 15.25 -3.79
C GLU A 121 3.65 15.92 -2.47
N GLY A 122 2.98 15.15 -1.61
CA GLY A 122 2.57 15.68 -0.31
C GLY A 122 1.07 15.95 -0.23
N VAL A 123 0.47 16.41 -1.33
CA VAL A 123 -0.96 16.72 -1.31
C VAL A 123 -1.68 16.17 -2.54
N LYS A 124 -1.13 15.12 -3.13
CA LYS A 124 -1.76 14.54 -4.31
C LYS A 124 -2.23 13.11 -4.03
N TYR A 125 -3.47 12.99 -3.58
CA TYR A 125 -4.07 11.69 -3.29
C TYR A 125 -4.75 11.14 -4.54
N SER A 126 -4.78 9.82 -4.68
CA SER A 126 -5.41 9.21 -5.84
C SER A 126 -5.72 7.74 -5.59
N VAL A 127 -6.65 7.20 -6.35
CA VAL A 127 -7.03 5.80 -6.23
C VAL A 127 -6.73 5.05 -7.52
N PHE A 128 -5.99 3.95 -7.41
CA PHE A 128 -5.62 3.17 -8.58
C PHE A 128 -6.79 2.29 -9.04
N GLN A 129 -7.20 2.47 -10.30
CA GLN A 129 -8.29 1.69 -10.86
C GLN A 129 -7.82 0.95 -12.10
N ASP A 130 -8.69 0.11 -12.65
CA ASP A 130 -8.34 -0.66 -13.85
C ASP A 130 -8.14 0.27 -15.04
N GLY A 131 -7.13 0.00 -15.85
CA GLY A 131 -6.83 0.81 -17.02
C GLY A 131 -7.18 0.08 -18.30
N SER A 132 -7.23 0.82 -19.41
CA SER A 132 -7.54 0.22 -20.70
C SER A 132 -6.54 -0.87 -21.05
N SER A 133 -7.04 -1.98 -21.59
CA SER A 133 -6.18 -3.09 -21.97
C SER A 133 -5.21 -2.66 -23.07
N HIS A 134 -5.60 -1.64 -23.83
CA HIS A 134 -4.75 -1.15 -24.91
C HIS A 134 -3.44 -0.62 -24.33
N THR A 135 -3.48 -0.29 -23.04
CA THR A 135 -2.32 0.23 -22.35
C THR A 135 -2.21 -0.44 -20.98
N PRO A 136 -1.99 -1.73 -20.99
CA PRO A 136 -1.88 -2.54 -19.75
C PRO A 136 -0.74 -2.10 -18.82
N PHE A 137 0.28 -1.47 -19.36
CA PHE A 137 1.41 -1.03 -18.54
C PHE A 137 1.13 0.31 -17.88
N ALA A 138 -0.14 0.70 -17.81
CA ALA A 138 -0.50 1.97 -17.20
C ALA A 138 -1.88 1.91 -16.57
N PRO A 139 -1.98 2.17 -15.30
CA PRO A 139 -3.27 2.16 -14.56
C PRO A 139 -4.10 3.43 -14.82
N PHE A 140 -5.32 3.44 -14.31
CA PHE A 140 -6.21 4.58 -14.47
C PHE A 140 -6.32 5.37 -13.16
N ILE A 141 -5.26 6.10 -12.84
CA ILE A 141 -5.23 6.87 -11.60
C ILE A 141 -6.35 7.91 -11.54
N VAL A 142 -7.09 7.90 -10.45
CA VAL A 142 -8.17 8.85 -10.26
C VAL A 142 -7.87 9.70 -9.02
N PRO A 143 -7.93 10.99 -9.14
CA PRO A 143 -7.64 11.93 -8.02
C PRO A 143 -8.73 11.94 -6.96
N LEU A 144 -8.32 11.87 -5.70
CA LEU A 144 -9.26 11.88 -4.58
C LEU A 144 -9.38 13.29 -3.98
N SER A 145 -10.59 13.67 -3.60
CA SER A 145 -10.81 14.99 -3.00
C SER A 145 -10.57 14.95 -1.49
N VAL A 146 -9.34 15.18 -1.10
CA VAL A 146 -8.98 15.18 0.31
C VAL A 146 -8.82 16.59 0.84
N ILE A 147 -9.62 16.94 1.84
CA ILE A 147 -9.55 18.26 2.44
C ILE A 147 -8.69 18.23 3.69
N ILE A 148 -8.88 17.20 4.50
CA ILE A 148 -8.12 17.05 5.74
C ILE A 148 -7.05 15.98 5.59
N CYS A 149 -5.82 16.40 5.32
CA CYS A 149 -4.73 15.44 5.17
C CYS A 149 -4.79 14.41 6.29
N PRO A 150 -4.93 13.16 5.94
CA PRO A 150 -5.02 12.05 6.93
C PRO A 150 -3.66 11.73 7.56
N ASP A 151 -3.63 11.71 8.89
CA ASP A 151 -2.41 11.40 9.62
C ASP A 151 -2.39 9.91 9.95
N ARG A 152 -3.51 9.26 9.70
CA ARG A 152 -3.64 7.81 9.95
C ARG A 152 -4.80 7.27 9.13
N VAL A 153 -4.52 6.25 8.31
CA VAL A 153 -5.56 5.66 7.48
C VAL A 153 -5.99 4.29 7.98
N GLY A 154 -7.30 4.07 8.01
CA GLY A 154 -7.86 2.80 8.47
C GLY A 154 -8.33 1.96 7.29
N VAL A 155 -7.86 0.71 7.22
CA VAL A 155 -8.23 -0.17 6.13
C VAL A 155 -9.17 -1.28 6.63
N PHE A 156 -10.31 -1.42 5.96
CA PHE A 156 -11.29 -2.43 6.32
C PHE A 156 -11.55 -3.34 5.12
N VAL A 157 -11.45 -4.65 5.34
CA VAL A 157 -11.67 -5.60 4.27
C VAL A 157 -12.78 -6.59 4.61
N ASP A 158 -13.77 -6.69 3.73
CA ASP A 158 -14.90 -7.59 3.94
C ASP A 158 -14.89 -8.70 2.90
N TYR A 159 -13.94 -9.63 3.04
CA TYR A 159 -13.81 -10.74 2.11
C TYR A 159 -15.19 -11.21 1.62
N GLU A 160 -16.03 -11.63 2.55
CA GLU A 160 -17.37 -12.10 2.21
C GLU A 160 -18.08 -11.13 1.27
N ALA A 161 -18.10 -9.86 1.65
CA ALA A 161 -18.76 -8.84 0.84
C ALA A 161 -17.87 -8.40 -0.32
N CYS A 162 -16.59 -8.74 -0.25
CA CYS A 162 -15.66 -8.37 -1.30
C CYS A 162 -15.59 -6.84 -1.42
N THR A 163 -15.15 -6.19 -0.35
CA THR A 163 -15.05 -4.74 -0.34
C THR A 163 -13.84 -4.26 0.46
N VAL A 164 -13.24 -3.18 -0.01
CA VAL A 164 -12.07 -2.61 0.67
C VAL A 164 -12.32 -1.12 0.91
N SER A 165 -12.49 -0.75 2.19
CA SER A 165 -12.77 0.63 2.53
C SER A 165 -11.56 1.32 3.17
N PHE A 166 -11.46 2.63 2.96
CA PHE A 166 -10.39 3.43 3.52
C PHE A 166 -10.99 4.56 4.36
N PHE A 167 -10.63 4.61 5.63
CA PHE A 167 -11.17 5.64 6.52
C PHE A 167 -10.12 6.69 6.86
N ASN A 168 -10.58 7.94 7.00
CA ASN A 168 -9.69 9.04 7.34
C ASN A 168 -9.76 9.33 8.84
N ILE A 169 -9.04 8.51 9.61
CA ILE A 169 -9.02 8.66 11.07
C ILE A 169 -8.91 10.13 11.48
N THR A 170 -8.09 10.89 10.76
CA THR A 170 -7.90 12.30 11.09
C THR A 170 -9.15 13.12 10.77
N ASN A 171 -10.00 12.61 9.90
CA ASN A 171 -11.21 13.32 9.52
C ASN A 171 -12.44 12.62 10.09
N HIS A 172 -12.52 12.56 11.42
CA HIS A 172 -13.66 11.92 12.07
C HIS A 172 -13.84 10.49 11.55
N GLY A 173 -12.83 9.99 10.85
CA GLY A 173 -12.87 8.65 10.31
C GLY A 173 -13.85 8.55 9.15
N PHE A 174 -13.96 9.63 8.38
CA PHE A 174 -14.86 9.64 7.24
C PHE A 174 -14.31 8.75 6.13
N LEU A 175 -15.21 8.09 5.40
CA LEU A 175 -14.79 7.21 4.31
C LEU A 175 -14.07 7.98 3.21
N ILE A 176 -12.94 7.45 2.77
CA ILE A 176 -12.15 8.08 1.72
C ILE A 176 -12.50 7.45 0.38
N TYR A 177 -12.46 6.13 0.34
CA TYR A 177 -12.78 5.38 -0.87
C TYR A 177 -13.18 3.96 -0.48
N LYS A 178 -13.91 3.28 -1.36
CA LYS A 178 -14.34 1.93 -1.06
C LYS A 178 -14.43 1.07 -2.32
N PHE A 179 -13.65 -0.01 -2.36
CA PHE A 179 -13.66 -0.91 -3.50
C PHE A 179 -14.81 -1.90 -3.38
N SER A 180 -15.69 -1.92 -4.37
CA SER A 180 -16.83 -2.83 -4.34
C SER A 180 -16.70 -3.91 -5.41
N GLN A 181 -17.36 -5.04 -5.16
CA GLN A 181 -17.32 -6.15 -6.10
C GLN A 181 -15.89 -6.53 -6.44
N CYS A 182 -15.07 -6.72 -5.41
CA CYS A 182 -13.67 -7.08 -5.62
C CYS A 182 -13.55 -8.57 -5.96
N SER A 183 -12.66 -8.88 -6.90
CA SER A 183 -12.45 -10.27 -7.30
C SER A 183 -11.62 -10.99 -6.26
N PHE A 184 -12.26 -11.40 -5.17
CA PHE A 184 -11.56 -12.10 -4.10
C PHE A 184 -11.56 -13.60 -4.36
N SER A 185 -10.87 -14.00 -5.43
CA SER A 185 -10.76 -15.41 -5.78
C SER A 185 -9.47 -15.99 -5.23
N LYS A 186 -8.61 -15.11 -4.73
CA LYS A 186 -7.33 -15.53 -4.18
C LYS A 186 -7.11 -14.87 -2.81
N PRO A 187 -6.15 -15.36 -2.07
CA PRO A 187 -5.85 -14.81 -0.72
C PRO A 187 -5.17 -13.45 -0.80
N VAL A 188 -5.74 -12.47 -0.11
CA VAL A 188 -5.19 -11.10 -0.13
C VAL A 188 -4.45 -10.80 1.17
N PHE A 189 -3.55 -9.82 1.09
CA PHE A 189 -2.78 -9.40 2.26
C PHE A 189 -2.73 -7.87 2.34
N PRO A 190 -2.47 -7.33 3.50
CA PRO A 190 -2.40 -5.86 3.68
C PRO A 190 -1.19 -5.29 2.95
N TYR A 191 -1.43 -4.34 2.05
CA TYR A 191 -0.35 -3.76 1.27
C TYR A 191 0.15 -2.44 1.86
N LEU A 192 1.47 -2.30 1.92
CA LEU A 192 2.09 -1.09 2.43
C LEU A 192 3.24 -0.69 1.52
N ASN A 193 3.45 0.61 1.33
CA ASN A 193 4.53 1.05 0.45
C ASN A 193 4.93 2.49 0.76
N PRO A 194 6.08 2.67 1.35
CA PRO A 194 6.62 4.02 1.69
C PRO A 194 6.61 4.93 0.47
N ARG A 195 6.93 4.36 -0.68
CA ARG A 195 6.98 5.12 -1.93
C ARG A 195 8.16 6.08 -1.91
N LYS A 196 9.37 5.53 -1.88
CA LYS A 196 10.57 6.35 -1.88
C LYS A 196 10.63 7.27 -0.66
N CYS A 197 9.48 7.52 -0.04
CA CYS A 197 9.43 8.39 1.13
C CYS A 197 10.23 7.76 2.28
N THR A 198 11.19 8.51 2.81
CA THR A 198 12.02 8.02 3.90
C THR A 198 11.25 7.97 5.21
N VAL A 199 10.16 8.72 5.29
CA VAL A 199 9.36 8.75 6.52
C VAL A 199 8.64 7.42 6.70
N PRO A 200 8.96 6.71 7.75
CA PRO A 200 8.36 5.38 8.05
C PRO A 200 6.86 5.40 8.32
N MET A 201 6.19 4.38 7.82
CA MET A 201 4.75 4.21 8.02
C MET A 201 4.48 3.07 8.99
N THR A 202 3.93 3.38 10.15
CA THR A 202 3.65 2.36 11.16
C THR A 202 2.20 1.88 11.14
N LEU A 203 1.93 0.87 12.00
CA LEU A 203 0.59 0.25 12.11
C LEU A 203 0.09 0.24 13.55
N CYS A 204 -0.38 1.37 14.06
CA CYS A 204 -0.88 1.37 15.42
C CYS A 204 -0.94 -0.07 15.96
N SER A 205 -2.15 -0.55 16.22
CA SER A 205 -2.32 -1.90 16.74
C SER A 205 -2.89 -1.79 18.17
N PRO A 206 -4.16 -2.03 18.26
CA PRO A 206 -4.95 -1.93 19.52
C PRO A 206 -4.72 -3.14 20.44
#